data_6B9P
#
_entry.id   6B9P
#
_cell.length_a   67.274
_cell.length_b   119.761
_cell.length_c   277.050
_cell.angle_alpha   90.00
_cell.angle_beta   90.00
_cell.angle_gamma   90.00
#
_symmetry.space_group_name_H-M   'P 21 21 21'
#
loop_
_entity.id
_entity.type
_entity.pdbx_description
1 polymer 'Alpha-mannosidase from Canavalia ensiformis (jack bean)'
2 branched alpha-D-mannopyranose-(1-3)-alpha-D-mannopyranose-(1-2)-alpha-D-mannopyranose-(1-2)-alpha-D-mannopyranose-(1-3)-[alpha-D-mannopyranose-(1-2)-alpha-D-mannopyranose-(1-3)-[alpha-D-mannopyranose-(1-2)-alpha-D-mannopyranose-(1-6)]alpha-D-mannopyranose-(1-6)]beta-D-mannopyranose-(1-4)-2-acetamido-2-deoxy-beta-D-glucopyranose-(1-4)-2-acetamido-2-deoxy-beta-D-glucopyranose
3 branched 2-acetamido-2-deoxy-beta-D-glucopyranose-(1-4)-2-acetamido-2-deoxy-beta-D-glucopyranose
4 non-polymer (2R,3R,4R,5S)-2-(hydroxymethyl)-1-{9-[4-(methoxymethyl)-1H-1,2,3-triazol-1-yl]nonyl}piperidine-3,4,5-triol
5 non-polymer 'ZINC ION'
6 water water
#
_entity_poly.entity_id   1
_entity_poly.type   'polypeptide(L)'
_entity_poly.pdbx_seq_one_letter_code
;MKYNTGAGTVPEQLNVHLVPHSHDDVGWLKTVDQYYVGSENYIQEACVENVLDSVVMSLQRDPNRKFVFGEMAFFHRWWL
EQTPETKELVRKLVKAGQLEFVNGGWCMHDEATTHYIDMIDHTTLGHRFIQEQFNKIPRAGWQIDPFGHSAVQGYLLGAE
LGFDSVHFARIDYQDREKRKAEKSLEVVWRGSKTFGSSAQIFANAFPGHYGPPNGFNFEVRNNFVPLQDDPRLFDTNVEE
RVQNFIDAALTQAKITRTNHIMWTMGDDFQYQYAESWFKQMDKLIHHVNKDGRVNALYSTPSIYTEAKNAANQTWPLKID
DYFPYADGRNAYWTGFYTSRSALKDYVRMLSGYYLATRQLGFFAGKKSTKYHAFDLADALGIAQHHDAVSGTAKQHTTND
YAKRLAIGASKAEAVVSSSLACLTSKQSADQCSAPASAFSQCHLFNISYCPPTESSIPDDKSLVVVVYNPLGWSRNEIVR
IPVNDANLVVKDSSGNKLEVQYVEMDDVTANLRSFYVKAYEGEVPKDADVYWSLFKASVPPLGWSTYFISEATGKGTRNA
LTLSQKGETLNIGPGDLKMSFSSLTGQLKRMYNSKTGVDIPIQQNYLWYESSEGDFSDYQASGAYIFRPNGQPPPHTVSR
SSVTRVTRGPLVDEVHQKFNSWISQVTRLYKDKDHAEIEFTIGPIPTDDGVGKEVITRMTSTMATNKEFYTDSNGRDFLK
RVRDYREDWPLEVTQPVAGNYYPLNLGIYTKDEKSEFSVLVDRATGGASIKDGEVELMLHRRTIRDDGRGVGEPLDEQVC
MNKEYTCEGLTVRGNYYLSIHKPAAGSRWRRTTGQEIYSPMLLAFTQENMENWKSSHSTKGIFMDPNYSLPPSVALITLE
ELDDGLVLLRLAHLYEPSEDAEYSTLTKVELKKLFATQKIEELREVSLSANQEKSEMKKMKWSVEGDNEQEPQAVRGGPV
SNADFVVELGPMEIRTFLLQF
;
_entity_poly.pdbx_strand_id   A,B
#
loop_
_chem_comp.id
_chem_comp.type
_chem_comp.name
_chem_comp.formula
BMA D-saccharide, beta linking beta-D-mannopyranose 'C6 H12 O6'
D0J non-polymer (2R,3R,4R,5S)-2-(hydroxymethyl)-1-{9-[4-(methoxymethyl)-1H-1,2,3-triazol-1-yl]nonyl}piperidine-3,4,5-triol 'C19 H36 N4 O5'
MAN D-saccharide, alpha linking alpha-D-mannopyranose 'C6 H12 O6'
NAG D-saccharide, beta linking 2-acetamido-2-deoxy-beta-D-glucopyranose 'C8 H15 N O6'
ZN non-polymer 'ZINC ION' 'Zn 2'
#
# COMPACT_ATOMS: atom_id res chain seq x y z
N MET A 1 -9.22 9.08 21.81
CA MET A 1 -10.38 9.93 21.57
C MET A 1 -11.56 9.13 20.99
N LYS A 2 -12.77 9.55 21.35
CA LYS A 2 -14.02 8.95 20.89
C LYS A 2 -14.61 9.84 19.81
N TYR A 3 -14.75 9.30 18.61
CA TYR A 3 -15.33 10.04 17.50
C TYR A 3 -16.82 9.76 17.41
N ASN A 4 -17.61 10.81 17.20
CA ASN A 4 -19.06 10.67 17.01
C ASN A 4 -19.32 10.23 15.59
N THR A 5 -19.27 8.92 15.37
CA THR A 5 -19.46 8.33 14.04
C THR A 5 -20.89 7.86 13.77
N GLY A 6 -21.78 7.93 14.75
CA GLY A 6 -23.11 7.37 14.57
C GLY A 6 -24.16 8.32 14.03
N ALA A 7 -23.74 9.40 13.37
CA ALA A 7 -24.71 10.36 12.85
C ALA A 7 -25.63 9.72 11.83
N GLY A 8 -26.90 10.12 11.87
CA GLY A 8 -27.82 9.85 10.79
C GLY A 8 -28.03 11.09 9.94
N THR A 9 -29.09 11.07 9.12
CA THR A 9 -29.42 12.26 8.34
C THR A 9 -30.13 13.29 9.21
N VAL A 10 -30.03 14.54 8.83
CA VAL A 10 -30.70 15.64 9.54
C VAL A 10 -31.54 16.43 8.54
N PRO A 11 -32.68 16.98 8.96
CA PRO A 11 -33.63 17.55 8.00
C PRO A 11 -33.20 18.80 7.24
N GLU A 12 -32.63 19.79 7.87
CA GLU A 12 -32.48 21.06 7.16
C GLU A 12 -31.02 21.41 6.92
N GLN A 13 -30.21 20.40 6.63
CA GLN A 13 -28.86 20.60 6.15
C GLN A 13 -28.64 19.71 4.92
N LEU A 14 -27.66 20.07 4.12
CA LEU A 14 -27.14 19.13 3.13
C LEU A 14 -26.52 17.91 3.82
N ASN A 15 -26.99 16.73 3.44
CA ASN A 15 -26.51 15.46 3.98
C ASN A 15 -25.56 14.80 2.98
N VAL A 16 -24.37 14.41 3.44
CA VAL A 16 -23.37 13.76 2.60
C VAL A 16 -23.29 12.29 3.01
N HIS A 17 -23.83 11.45 2.14
CA HIS A 17 -23.88 10.00 2.36
C HIS A 17 -22.56 9.37 1.92
N LEU A 18 -21.73 9.00 2.89
CA LEU A 18 -20.44 8.38 2.60
C LEU A 18 -20.65 6.87 2.46
N VAL A 19 -20.40 6.35 1.27
CA VAL A 19 -20.64 4.94 0.96
C VAL A 19 -19.29 4.28 0.62
N PRO A 20 -18.69 3.57 1.57
CA PRO A 20 -17.42 2.89 1.28
C PRO A 20 -17.64 1.65 0.43
N HIS A 21 -16.78 1.45 -0.56
CA HIS A 21 -16.96 0.36 -1.51
C HIS A 21 -15.60 0.08 -2.14
N SER A 22 -15.50 -1.07 -2.80
CA SER A 22 -14.30 -1.48 -3.50
C SER A 22 -14.74 -2.08 -4.83
N HIS A 23 -14.33 -1.47 -5.94
CA HIS A 23 -14.74 -2.00 -7.24
C HIS A 23 -13.81 -3.11 -7.64
N ASP A 24 -14.31 -4.34 -7.63
CA ASP A 24 -13.48 -5.52 -7.78
C ASP A 24 -13.90 -6.24 -9.06
N ASP A 25 -13.10 -6.10 -10.13
CA ASP A 25 -13.39 -6.75 -11.40
C ASP A 25 -13.20 -8.25 -11.26
N VAL A 26 -14.17 -9.02 -11.72
CA VAL A 26 -14.04 -10.47 -11.72
C VAL A 26 -13.19 -10.87 -12.93
N GLY A 27 -11.89 -10.60 -12.84
CA GLY A 27 -10.95 -10.70 -13.94
C GLY A 27 -10.91 -9.43 -14.76
N TRP A 28 -9.72 -9.00 -15.20
CA TRP A 28 -9.55 -7.88 -16.13
C TRP A 28 -8.08 -7.81 -16.55
N LEU A 29 -7.22 -7.13 -15.79
CA LEU A 29 -5.78 -7.21 -16.10
C LEU A 29 -5.13 -8.47 -15.52
N LYS A 30 -5.69 -9.01 -14.44
CA LYS A 30 -5.34 -10.28 -13.83
C LYS A 30 -6.56 -11.20 -13.90
N THR A 31 -6.34 -12.50 -13.64
CA THR A 31 -7.44 -13.46 -13.61
C THR A 31 -8.20 -13.32 -12.29
N VAL A 32 -9.38 -13.95 -12.21
CA VAL A 32 -10.19 -13.85 -10.99
C VAL A 32 -9.39 -14.31 -9.77
N ASP A 33 -8.69 -15.45 -9.90
CA ASP A 33 -7.99 -15.98 -8.75
C ASP A 33 -6.77 -15.14 -8.44
N GLN A 34 -6.11 -14.60 -9.46
CA GLN A 34 -4.98 -13.72 -9.23
C GLN A 34 -5.40 -12.46 -8.49
N TYR A 35 -6.57 -11.90 -8.86
CA TYR A 35 -7.12 -10.75 -8.15
C TYR A 35 -7.46 -11.12 -6.72
N TYR A 36 -8.00 -12.33 -6.52
CA TYR A 36 -8.38 -12.72 -5.16
C TYR A 36 -7.15 -12.87 -4.27
N VAL A 37 -6.17 -13.68 -4.68
CA VAL A 37 -5.02 -13.93 -3.81
C VAL A 37 -4.00 -12.82 -3.82
N GLY A 38 -4.07 -11.90 -4.78
CA GLY A 38 -3.15 -10.78 -4.82
C GLY A 38 -1.80 -11.05 -5.46
N SER A 39 -1.75 -11.99 -6.40
CA SER A 39 -0.52 -12.30 -7.11
C SER A 39 -0.40 -11.42 -8.35
N GLU A 40 0.78 -11.46 -8.98
CA GLU A 40 1.04 -10.71 -10.21
C GLU A 40 0.83 -9.21 -9.98
N ASN A 41 1.26 -8.72 -8.82
CA ASN A 41 1.04 -7.30 -8.54
C ASN A 41 1.84 -6.40 -9.48
N TYR A 42 2.89 -6.92 -10.14
CA TYR A 42 3.55 -6.11 -11.16
C TYR A 42 2.60 -5.75 -12.30
N ILE A 43 1.58 -6.57 -12.56
CA ILE A 43 0.57 -6.19 -13.57
C ILE A 43 -0.37 -5.12 -13.00
N GLN A 44 -0.94 -5.37 -11.83
CA GLN A 44 -1.82 -4.41 -11.18
C GLN A 44 -1.83 -4.70 -9.69
N GLU A 45 -1.72 -3.66 -8.86
CA GLU A 45 -1.73 -3.90 -7.43
C GLU A 45 -3.17 -4.10 -6.98
N ALA A 46 -3.51 -5.34 -6.60
CA ALA A 46 -4.90 -5.66 -6.35
C ALA A 46 -5.01 -7.01 -5.65
N CYS A 47 -5.71 -7.05 -4.50
CA CYS A 47 -5.89 -8.29 -3.75
C CYS A 47 -7.25 -8.22 -3.06
N VAL A 48 -8.21 -9.03 -3.50
CA VAL A 48 -9.54 -8.91 -2.92
C VAL A 48 -9.61 -9.57 -1.54
N GLU A 49 -8.77 -10.58 -1.29
CA GLU A 49 -8.69 -11.17 0.05
C GLU A 49 -8.35 -10.11 1.10
N ASN A 50 -7.41 -9.21 0.79
CA ASN A 50 -7.09 -8.11 1.72
C ASN A 50 -8.30 -7.22 1.94
N VAL A 51 -9.05 -6.94 0.87
CA VAL A 51 -10.26 -6.13 1.01
C VAL A 51 -11.21 -6.74 2.04
N LEU A 52 -11.60 -8.00 1.83
CA LEU A 52 -12.58 -8.60 2.73
C LEU A 52 -12.01 -8.79 4.13
N ASP A 53 -10.76 -9.28 4.23
CA ASP A 53 -10.06 -9.40 5.52
C ASP A 53 -10.09 -8.10 6.30
N SER A 54 -9.55 -7.03 5.71
CA SER A 54 -9.39 -5.78 6.46
C SER A 54 -10.69 -5.03 6.66
N VAL A 55 -11.63 -5.08 5.69
CA VAL A 55 -12.94 -4.44 5.92
C VAL A 55 -13.62 -5.07 7.13
N VAL A 56 -13.61 -6.40 7.24
CA VAL A 56 -14.26 -7.04 8.38
C VAL A 56 -13.61 -6.60 9.70
N MET A 57 -12.27 -6.52 9.73
CA MET A 57 -11.61 -6.01 10.92
C MET A 57 -12.01 -4.56 11.21
N SER A 58 -12.05 -3.70 10.20
CA SER A 58 -12.39 -2.31 10.48
C SER A 58 -13.85 -2.18 10.91
N LEU A 59 -14.76 -2.93 10.30
CA LEU A 59 -16.16 -2.86 10.71
C LEU A 59 -16.33 -3.32 12.16
N GLN A 60 -15.61 -4.36 12.56
CA GLN A 60 -15.68 -4.82 13.94
C GLN A 60 -15.29 -3.71 14.92
N ARG A 61 -14.39 -2.80 14.52
CA ARG A 61 -13.89 -1.79 15.46
C ARG A 61 -14.95 -0.76 15.84
N ASP A 62 -15.91 -0.48 14.98
CA ASP A 62 -16.87 0.55 15.34
C ASP A 62 -18.21 0.18 14.72
N PRO A 63 -19.26 0.01 15.54
CA PRO A 63 -20.56 -0.43 14.99
C PRO A 63 -21.21 0.54 14.03
N ASN A 64 -20.79 1.81 13.98
CA ASN A 64 -21.38 2.76 13.05
C ASN A 64 -20.77 2.69 11.66
N ARG A 65 -19.60 2.09 11.49
CA ARG A 65 -19.03 2.01 10.15
C ARG A 65 -19.87 1.13 9.24
N LYS A 66 -19.85 1.44 7.94
CA LYS A 66 -20.57 0.65 6.93
C LYS A 66 -19.66 0.44 5.72
N PHE A 67 -19.94 -0.62 4.98
CA PHE A 67 -19.25 -0.96 3.74
C PHE A 67 -20.22 -1.73 2.88
N VAL A 68 -20.13 -1.58 1.57
CA VAL A 68 -20.99 -2.32 0.65
C VAL A 68 -20.11 -3.16 -0.28
N PHE A 69 -20.52 -4.41 -0.50
CA PHE A 69 -19.78 -5.36 -1.31
C PHE A 69 -20.75 -5.96 -2.32
N GLY A 70 -20.23 -6.27 -3.51
CA GLY A 70 -21.10 -6.74 -4.58
C GLY A 70 -20.89 -8.14 -5.17
N GLU A 71 -19.65 -8.52 -5.48
CA GLU A 71 -19.40 -9.62 -6.42
C GLU A 71 -19.22 -10.95 -5.67
N MET A 72 -20.23 -11.81 -5.74
CA MET A 72 -20.21 -13.02 -4.93
C MET A 72 -19.19 -14.03 -5.42
N ALA A 73 -18.76 -13.96 -6.68
CA ALA A 73 -17.64 -14.80 -7.11
C ALA A 73 -16.43 -14.64 -6.18
N PHE A 74 -16.15 -13.41 -5.75
CA PHE A 74 -15.07 -13.17 -4.82
C PHE A 74 -15.49 -13.51 -3.40
N PHE A 75 -16.68 -13.04 -2.98
CA PHE A 75 -17.09 -13.29 -1.61
C PHE A 75 -17.15 -14.79 -1.30
N HIS A 76 -17.67 -15.59 -2.23
CA HIS A 76 -17.81 -17.02 -2.00
C HIS A 76 -16.46 -17.72 -1.90
N ARG A 77 -15.50 -17.35 -2.75
CA ARG A 77 -14.14 -17.87 -2.61
C ARG A 77 -13.56 -17.53 -1.24
N TRP A 78 -13.73 -16.27 -0.81
CA TRP A 78 -13.23 -15.82 0.49
C TRP A 78 -13.91 -16.59 1.60
N TRP A 79 -15.25 -16.71 1.53
CA TRP A 79 -16.03 -17.34 2.58
C TRP A 79 -15.58 -18.77 2.86
N LEU A 80 -15.29 -19.54 1.80
CA LEU A 80 -14.92 -20.94 2.02
C LEU A 80 -13.59 -21.10 2.73
N GLU A 81 -12.79 -20.03 2.81
CA GLU A 81 -11.52 -20.04 3.52
C GLU A 81 -11.63 -19.59 4.98
N GLN A 82 -12.77 -19.05 5.40
CA GLN A 82 -12.84 -18.36 6.69
C GLN A 82 -13.16 -19.33 7.82
N THR A 83 -12.71 -18.98 9.02
CA THR A 83 -12.96 -19.83 10.18
C THR A 83 -14.42 -19.69 10.63
N PRO A 84 -14.92 -20.64 11.41
CA PRO A 84 -16.26 -20.46 12.00
C PRO A 84 -16.40 -19.15 12.76
N GLU A 85 -15.34 -18.73 13.45
CA GLU A 85 -15.37 -17.49 14.23
C GLU A 85 -15.56 -16.29 13.31
N THR A 86 -14.81 -16.24 12.21
CA THR A 86 -14.96 -15.15 11.25
C THR A 86 -16.34 -15.15 10.63
N LYS A 87 -16.82 -16.34 10.20
CA LYS A 87 -18.14 -16.41 9.59
C LYS A 87 -19.22 -15.88 10.53
N GLU A 88 -19.05 -16.10 11.84
CA GLU A 88 -20.05 -15.61 12.79
C GLU A 88 -19.94 -14.10 12.93
N LEU A 89 -18.72 -13.56 12.98
CA LEU A 89 -18.54 -12.12 12.97
C LEU A 89 -19.18 -11.48 11.75
N VAL A 90 -19.05 -12.12 10.57
CA VAL A 90 -19.65 -11.58 9.37
C VAL A 90 -21.17 -11.58 9.49
N ARG A 91 -21.75 -12.67 10.00
CA ARG A 91 -23.19 -12.67 10.24
C ARG A 91 -23.62 -11.49 11.10
N LYS A 92 -22.91 -11.24 12.21
CA LYS A 92 -23.26 -10.10 13.04
C LYS A 92 -23.20 -8.81 12.23
N LEU A 93 -22.13 -8.64 11.46
CA LEU A 93 -21.93 -7.39 10.73
C LEU A 93 -23.00 -7.21 9.68
N VAL A 94 -23.38 -8.30 9.02
CA VAL A 94 -24.44 -8.21 8.02
C VAL A 94 -25.78 -8.00 8.71
N LYS A 95 -26.05 -8.74 9.79
CA LYS A 95 -27.31 -8.54 10.50
C LYS A 95 -27.44 -7.10 11.01
N ALA A 96 -26.35 -6.51 11.53
CA ALA A 96 -26.43 -5.14 12.03
C ALA A 96 -26.58 -4.11 10.91
N GLY A 97 -26.37 -4.51 9.67
CA GLY A 97 -26.38 -3.56 8.59
C GLY A 97 -25.05 -2.88 8.35
N GLN A 98 -23.97 -3.35 8.98
CA GLN A 98 -22.67 -2.72 8.77
C GLN A 98 -22.07 -3.13 7.43
N LEU A 99 -22.22 -4.39 7.04
CA LEU A 99 -21.86 -4.84 5.71
C LEU A 99 -23.15 -5.12 4.97
N GLU A 100 -23.37 -4.40 3.87
CA GLU A 100 -24.55 -4.57 3.05
C GLU A 100 -24.14 -5.04 1.66
N PHE A 101 -24.81 -6.07 1.17
CA PHE A 101 -24.62 -6.51 -0.20
C PHE A 101 -25.41 -5.62 -1.14
N VAL A 102 -24.73 -5.05 -2.12
CA VAL A 102 -25.37 -4.32 -3.21
C VAL A 102 -25.17 -5.13 -4.48
N ASN A 103 -26.18 -5.08 -5.37
CA ASN A 103 -26.23 -5.96 -6.55
C ASN A 103 -26.36 -7.40 -6.08
N GLY A 104 -25.26 -8.02 -5.62
CA GLY A 104 -25.28 -9.37 -5.06
C GLY A 104 -25.25 -10.52 -6.04
N GLY A 105 -25.11 -10.25 -7.34
CA GLY A 105 -24.89 -11.31 -8.31
C GLY A 105 -23.50 -11.89 -8.19
N TRP A 106 -23.23 -12.88 -9.03
CA TRP A 106 -21.90 -13.49 -9.04
C TRP A 106 -20.85 -12.49 -9.48
N CYS A 107 -21.22 -11.60 -10.40
CA CYS A 107 -20.36 -10.52 -10.86
C CYS A 107 -21.23 -9.29 -11.08
N MET A 108 -20.59 -8.22 -11.53
CA MET A 108 -21.29 -7.03 -12.04
C MET A 108 -21.27 -7.16 -13.55
N HIS A 109 -22.40 -7.55 -14.15
CA HIS A 109 -22.33 -7.97 -15.53
C HIS A 109 -22.29 -6.78 -16.47
N ASP A 110 -21.68 -7.00 -17.62
CA ASP A 110 -21.94 -6.14 -18.76
C ASP A 110 -23.43 -6.12 -19.04
N GLU A 111 -23.92 -5.00 -19.60
CA GLU A 111 -25.31 -4.90 -20.02
C GLU A 111 -25.49 -4.88 -21.54
N ALA A 112 -24.40 -4.78 -22.31
CA ALA A 112 -24.45 -4.72 -23.76
C ALA A 112 -24.42 -6.10 -24.40
N THR A 113 -23.43 -6.93 -24.04
CA THR A 113 -23.15 -8.18 -24.74
C THR A 113 -23.68 -9.39 -24.00
N THR A 114 -24.56 -9.20 -23.01
CA THR A 114 -25.07 -10.26 -22.15
C THR A 114 -26.51 -10.62 -22.51
N HIS A 115 -26.85 -11.90 -22.34
CA HIS A 115 -28.20 -12.41 -22.55
C HIS A 115 -28.95 -12.45 -21.22
N TYR A 116 -30.23 -12.09 -21.27
CA TYR A 116 -31.00 -11.99 -20.03
C TYR A 116 -31.03 -13.31 -19.26
N ILE A 117 -30.99 -14.43 -19.97
CA ILE A 117 -30.99 -15.73 -19.29
C ILE A 117 -29.74 -15.86 -18.41
N ASP A 118 -28.57 -15.50 -18.95
CA ASP A 118 -27.33 -15.57 -18.17
C ASP A 118 -27.29 -14.55 -17.04
N MET A 119 -27.86 -13.36 -17.27
CA MET A 119 -27.92 -12.35 -16.21
C MET A 119 -28.75 -12.86 -15.04
N ILE A 120 -29.90 -13.48 -15.32
CA ILE A 120 -30.71 -14.05 -14.26
C ILE A 120 -29.97 -15.18 -13.55
N ASP A 121 -29.25 -16.02 -14.32
CA ASP A 121 -28.64 -17.21 -13.75
C ASP A 121 -27.59 -16.82 -12.71
N HIS A 122 -26.65 -15.97 -13.08
CA HIS A 122 -25.58 -15.67 -12.12
C HIS A 122 -26.09 -14.84 -10.96
N THR A 123 -27.09 -13.98 -11.22
CA THR A 123 -27.66 -13.17 -10.16
C THR A 123 -28.34 -14.08 -9.14
N THR A 124 -29.09 -15.07 -9.63
CA THR A 124 -29.70 -16.06 -8.76
C THR A 124 -28.62 -16.79 -7.95
N LEU A 125 -27.54 -17.20 -8.61
CA LEU A 125 -26.42 -17.84 -7.92
C LEU A 125 -25.94 -17.02 -6.73
N GLY A 126 -25.79 -15.71 -6.91
CA GLY A 126 -25.36 -14.87 -5.81
C GLY A 126 -26.44 -14.71 -4.77
N HIS A 127 -27.69 -14.47 -5.21
CA HIS A 127 -28.75 -14.14 -4.27
C HIS A 127 -29.14 -15.33 -3.41
N ARG A 128 -29.11 -16.55 -3.96
CA ARG A 128 -29.36 -17.72 -3.14
C ARG A 128 -28.32 -17.84 -2.03
N PHE A 129 -27.06 -17.59 -2.36
CA PHE A 129 -26.03 -17.67 -1.33
C PHE A 129 -26.26 -16.62 -0.26
N ILE A 130 -26.56 -15.38 -0.67
CA ILE A 130 -26.79 -14.32 0.32
C ILE A 130 -28.02 -14.63 1.16
N GLN A 131 -29.09 -15.12 0.53
CA GLN A 131 -30.29 -15.46 1.29
C GLN A 131 -30.01 -16.60 2.27
N GLU A 132 -29.31 -17.64 1.81
CA GLU A 132 -29.02 -18.80 2.67
C GLU A 132 -28.13 -18.44 3.86
N GLN A 133 -27.05 -17.69 3.63
CA GLN A 133 -26.11 -17.45 4.73
C GLN A 133 -26.56 -16.33 5.66
N PHE A 134 -27.31 -15.36 5.15
CA PHE A 134 -27.54 -14.14 5.91
C PHE A 134 -29.00 -13.76 5.99
N ASN A 135 -29.89 -14.46 5.28
CA ASN A 135 -31.30 -14.11 5.25
C ASN A 135 -31.49 -12.66 4.80
N LYS A 136 -30.64 -12.20 3.88
CA LYS A 136 -30.73 -10.85 3.36
C LYS A 136 -31.20 -10.84 1.92
N ILE A 137 -31.92 -9.78 1.56
CA ILE A 137 -32.41 -9.50 0.20
C ILE A 137 -31.76 -8.18 -0.26
N PRO A 138 -30.90 -8.18 -1.27
CA PRO A 138 -30.35 -6.89 -1.75
C PRO A 138 -31.46 -5.98 -2.31
N ARG A 139 -31.34 -4.69 -2.01
CA ARG A 139 -32.35 -3.70 -2.41
C ARG A 139 -31.81 -2.59 -3.33
N ALA A 140 -30.49 -2.51 -3.52
CA ALA A 140 -29.88 -1.52 -4.40
C ALA A 140 -29.07 -2.24 -5.46
N GLY A 141 -29.36 -1.95 -6.73
CA GLY A 141 -28.49 -2.40 -7.81
C GLY A 141 -27.23 -1.57 -7.90
N TRP A 142 -26.16 -2.20 -8.41
CA TRP A 142 -24.82 -1.61 -8.39
C TRP A 142 -24.21 -1.91 -9.75
N GLN A 143 -24.28 -0.95 -10.65
CA GLN A 143 -23.71 -1.07 -11.99
C GLN A 143 -22.76 0.08 -12.24
N ILE A 144 -21.84 0.30 -11.30
CA ILE A 144 -21.06 1.55 -11.33
C ILE A 144 -20.14 1.61 -12.55
N ASP A 145 -19.74 0.45 -13.08
CA ASP A 145 -18.77 0.51 -14.18
C ASP A 145 -19.22 0.12 -15.59
N PRO A 146 -20.29 -0.67 -15.78
CA PRO A 146 -20.59 -1.14 -17.15
C PRO A 146 -20.81 -0.03 -18.17
N PHE A 147 -20.39 -0.30 -19.40
CA PHE A 147 -20.12 0.77 -20.40
C PHE A 147 -21.42 1.09 -21.14
N GLY A 148 -22.30 1.83 -20.47
CA GLY A 148 -23.65 2.03 -20.96
C GLY A 148 -24.62 1.04 -20.31
N HIS A 149 -25.90 1.28 -20.51
CA HIS A 149 -26.88 0.52 -19.75
C HIS A 149 -28.09 0.21 -20.61
N SER A 150 -28.66 -0.97 -20.37
CA SER A 150 -29.73 -1.56 -21.17
C SER A 150 -31.07 -1.37 -20.49
N ALA A 151 -32.12 -1.42 -21.32
CA ALA A 151 -33.47 -1.27 -20.80
C ALA A 151 -33.80 -2.39 -19.83
N VAL A 152 -33.43 -3.62 -20.20
CA VAL A 152 -33.65 -4.79 -19.34
C VAL A 152 -32.91 -4.66 -18.01
N GLN A 153 -31.76 -4.00 -17.99
CA GLN A 153 -31.11 -3.76 -16.70
C GLN A 153 -32.06 -3.04 -15.77
N GLY A 154 -32.70 -1.97 -16.27
CA GLY A 154 -33.61 -1.19 -15.47
C GLY A 154 -34.79 -1.96 -14.92
N TYR A 155 -35.57 -2.57 -15.80
CA TYR A 155 -36.85 -3.10 -15.36
C TYR A 155 -36.77 -4.55 -14.90
N LEU A 156 -35.89 -5.35 -15.48
CA LEU A 156 -35.89 -6.79 -15.22
C LEU A 156 -34.79 -7.20 -14.26
N LEU A 157 -33.56 -6.77 -14.50
CA LEU A 157 -32.50 -6.96 -13.51
C LEU A 157 -32.40 -5.79 -12.55
N GLY A 158 -33.45 -4.98 -12.47
CA GLY A 158 -33.55 -4.00 -11.42
C GLY A 158 -34.85 -4.16 -10.69
N ALA A 159 -35.91 -3.55 -11.24
CA ALA A 159 -37.20 -3.52 -10.56
C ALA A 159 -37.71 -4.94 -10.25
N GLU A 160 -37.67 -5.83 -11.23
CA GLU A 160 -38.26 -7.15 -11.00
C GLU A 160 -37.45 -7.99 -10.04
N LEU A 161 -36.19 -7.62 -9.80
CA LEU A 161 -35.42 -8.30 -8.77
C LEU A 161 -35.80 -7.84 -7.37
N GLY A 162 -36.59 -6.77 -7.25
CA GLY A 162 -36.85 -6.16 -5.97
C GLY A 162 -35.92 -5.04 -5.60
N PHE A 163 -35.16 -4.49 -6.56
CA PHE A 163 -34.28 -3.36 -6.27
C PHE A 163 -35.10 -2.08 -6.31
N ASP A 164 -34.93 -1.23 -5.30
CA ASP A 164 -35.53 0.09 -5.35
C ASP A 164 -34.72 1.07 -6.18
N SER A 165 -33.45 0.75 -6.42
CA SER A 165 -32.55 1.71 -7.03
C SER A 165 -31.46 0.96 -7.77
N VAL A 166 -30.85 1.64 -8.71
CA VAL A 166 -29.64 1.17 -9.39
C VAL A 166 -28.75 2.38 -9.62
N HIS A 167 -27.44 2.18 -9.41
CA HIS A 167 -26.46 3.25 -9.35
C HIS A 167 -25.36 2.97 -10.36
N PHE A 168 -25.01 3.97 -11.17
CA PHE A 168 -24.02 3.76 -12.23
C PHE A 168 -23.28 5.06 -12.49
N ALA A 169 -22.04 4.93 -12.96
CA ALA A 169 -21.23 6.11 -13.18
C ALA A 169 -21.20 6.54 -14.64
N ARG A 170 -21.32 5.60 -15.55
CA ARG A 170 -21.10 5.87 -16.97
C ARG A 170 -22.41 6.17 -17.66
N ILE A 171 -22.52 7.39 -18.21
CA ILE A 171 -23.51 7.76 -19.21
C ILE A 171 -22.76 8.58 -20.27
N ASP A 172 -23.43 8.77 -21.40
CA ASP A 172 -22.83 9.50 -22.51
C ASP A 172 -22.38 10.91 -22.10
N TYR A 173 -21.22 11.34 -22.62
CA TYR A 173 -20.61 12.57 -22.14
C TYR A 173 -21.42 13.81 -22.52
N GLN A 174 -22.08 13.81 -23.69
CA GLN A 174 -22.97 14.94 -24.00
C GLN A 174 -24.20 14.91 -23.12
N ASP A 175 -24.79 13.73 -22.97
CA ASP A 175 -25.94 13.53 -22.09
C ASP A 175 -25.63 14.00 -20.67
N ARG A 176 -24.42 13.69 -20.18
CA ARG A 176 -24.06 14.06 -18.81
C ARG A 176 -24.08 15.57 -18.61
N GLU A 177 -23.62 16.33 -19.62
CA GLU A 177 -23.67 17.79 -19.53
C GLU A 177 -25.09 18.27 -19.39
N LYS A 178 -25.99 17.72 -20.19
CA LYS A 178 -27.39 18.15 -20.13
C LYS A 178 -28.01 17.80 -18.79
N ARG A 179 -27.72 16.60 -18.28
CA ARG A 179 -28.30 16.15 -17.01
C ARG A 179 -27.81 16.97 -15.83
N LYS A 180 -26.55 17.42 -15.86
CA LYS A 180 -26.06 18.32 -14.82
C LYS A 180 -26.81 19.65 -14.88
N ALA A 181 -26.91 20.24 -16.08
CA ALA A 181 -27.63 21.50 -16.25
C ALA A 181 -29.09 21.37 -15.85
N GLU A 182 -29.72 20.23 -16.12
CA GLU A 182 -31.12 20.01 -15.80
C GLU A 182 -31.36 19.33 -14.45
N LYS A 183 -30.31 19.02 -13.69
CA LYS A 183 -30.44 18.22 -12.47
C LYS A 183 -31.27 16.95 -12.72
N SER A 184 -30.97 16.29 -13.82
CA SER A 184 -31.65 15.04 -14.18
C SER A 184 -30.69 13.84 -14.17
N LEU A 185 -29.59 13.92 -13.41
CA LEU A 185 -28.71 12.77 -13.25
C LEU A 185 -29.44 11.60 -12.58
N GLU A 186 -30.34 11.91 -11.65
CA GLU A 186 -31.17 10.91 -10.98
C GLU A 186 -32.58 10.99 -11.55
N VAL A 187 -33.13 9.85 -11.96
CA VAL A 187 -34.39 9.75 -12.68
C VAL A 187 -35.18 8.56 -12.13
N VAL A 188 -36.48 8.56 -12.41
CA VAL A 188 -37.28 7.34 -12.29
C VAL A 188 -37.32 6.69 -13.68
N TRP A 189 -36.77 5.47 -13.75
CA TRP A 189 -36.44 4.81 -15.01
C TRP A 189 -37.46 3.71 -15.28
N ARG A 190 -38.07 3.74 -16.46
CA ARG A 190 -39.11 2.80 -16.86
C ARG A 190 -38.57 2.16 -18.14
N GLY A 191 -37.77 1.09 -17.95
CA GLY A 191 -37.11 0.48 -19.07
C GLY A 191 -38.01 -0.36 -19.95
N SER A 192 -39.22 -0.70 -19.48
CA SER A 192 -40.14 -1.56 -20.23
C SER A 192 -41.30 -0.72 -20.76
N LYS A 193 -41.50 -0.72 -22.08
CA LYS A 193 -42.70 -0.08 -22.60
C LYS A 193 -43.94 -0.89 -22.27
N THR A 194 -43.79 -2.19 -22.01
CA THR A 194 -44.91 -3.04 -21.63
C THR A 194 -45.34 -2.78 -20.19
N PHE A 195 -44.38 -2.73 -19.27
CA PHE A 195 -44.77 -2.67 -17.86
C PHE A 195 -44.80 -1.25 -17.30
N GLY A 196 -44.13 -0.29 -17.96
CA GLY A 196 -44.21 1.10 -17.53
C GLY A 196 -43.87 1.28 -16.07
N SER A 197 -44.76 1.96 -15.34
CA SER A 197 -44.50 2.31 -13.96
C SER A 197 -44.61 1.11 -13.03
N SER A 198 -45.11 -0.03 -13.50
CA SER A 198 -45.16 -1.19 -12.62
C SER A 198 -43.81 -1.89 -12.47
N ALA A 199 -42.83 -1.53 -13.30
CA ALA A 199 -41.49 -2.08 -13.21
C ALA A 199 -40.46 -0.96 -13.35
N GLN A 200 -40.56 0.05 -12.49
CA GLN A 200 -39.69 1.21 -12.55
C GLN A 200 -38.71 1.15 -11.39
N ILE A 201 -37.69 2.01 -11.46
CA ILE A 201 -36.59 1.97 -10.50
C ILE A 201 -35.98 3.37 -10.42
N PHE A 202 -35.49 3.72 -9.24
CA PHE A 202 -34.74 4.95 -9.08
C PHE A 202 -33.32 4.75 -9.62
N ALA A 203 -32.95 5.53 -10.63
CA ALA A 203 -31.69 5.37 -11.34
C ALA A 203 -30.79 6.57 -11.03
N ASN A 204 -29.59 6.29 -10.53
CA ASN A 204 -28.66 7.31 -10.04
C ASN A 204 -27.41 7.27 -10.89
N ALA A 205 -27.31 8.22 -11.82
CA ALA A 205 -26.11 8.44 -12.61
C ALA A 205 -25.19 9.38 -11.85
N PHE A 206 -24.00 8.90 -11.49
CA PHE A 206 -23.09 9.69 -10.68
C PHE A 206 -22.66 10.94 -11.46
N PRO A 207 -22.26 12.01 -10.76
CA PRO A 207 -21.75 13.21 -11.47
C PRO A 207 -20.62 12.93 -12.44
N GLY A 208 -19.66 12.07 -12.09
CA GLY A 208 -18.54 11.83 -12.98
C GLY A 208 -18.02 10.41 -12.98
N HIS A 209 -17.64 9.92 -11.82
CA HIS A 209 -16.87 8.70 -11.67
C HIS A 209 -17.36 8.03 -10.40
N TYR A 210 -16.97 6.78 -10.18
CA TYR A 210 -17.38 6.10 -8.97
C TYR A 210 -16.32 6.18 -7.87
N GLY A 211 -15.43 7.17 -7.93
CA GLY A 211 -14.45 7.39 -6.88
C GLY A 211 -14.84 8.55 -5.99
N PRO A 212 -14.04 8.82 -4.95
CA PRO A 212 -14.34 9.95 -4.06
C PRO A 212 -14.06 11.26 -4.76
N PRO A 213 -14.54 12.39 -4.22
CA PRO A 213 -14.05 13.69 -4.71
C PRO A 213 -12.54 13.78 -4.56
N ASN A 214 -11.95 14.68 -5.35
CA ASN A 214 -10.50 14.86 -5.34
CA ASN A 214 -10.50 14.87 -5.34
C ASN A 214 -10.01 15.16 -3.93
N GLY A 215 -8.93 14.49 -3.54
CA GLY A 215 -8.35 14.61 -2.23
C GLY A 215 -9.01 13.78 -1.18
N PHE A 216 -9.95 12.89 -1.55
CA PHE A 216 -10.65 12.05 -0.58
C PHE A 216 -10.49 10.56 -0.89
N ASN A 217 -9.44 10.19 -1.63
CA ASN A 217 -9.02 8.79 -1.73
C ASN A 217 -7.97 8.50 -0.64
N PHE A 218 -8.27 7.52 0.23
CA PHE A 218 -7.51 7.27 1.44
C PHE A 218 -6.83 5.90 1.44
N GLU A 219 -6.46 5.41 0.26
CA GLU A 219 -5.84 4.09 0.14
C GLU A 219 -4.44 4.12 0.73
N VAL A 220 -4.08 3.03 1.43
CA VAL A 220 -2.78 2.94 2.07
C VAL A 220 -1.69 3.16 1.03
N ARG A 221 -0.69 3.97 1.39
CA ARG A 221 0.46 4.34 0.57
C ARG A 221 0.12 5.40 -0.48
N ASN A 222 -1.11 5.92 -0.54
CA ASN A 222 -1.39 7.03 -1.44
C ASN A 222 -0.99 8.36 -0.79
N ASN A 223 -0.86 9.40 -1.61
CA ASN A 223 -0.42 10.70 -1.11
C ASN A 223 -1.64 11.58 -0.86
N PHE A 224 -2.41 11.21 0.15
CA PHE A 224 -3.51 12.06 0.59
C PHE A 224 -3.05 12.90 1.78
N VAL A 225 -3.89 13.87 2.14
CA VAL A 225 -3.66 14.74 3.28
C VAL A 225 -4.43 14.15 4.46
N PRO A 226 -3.75 13.52 5.43
CA PRO A 226 -4.46 13.03 6.63
C PRO A 226 -5.03 14.17 7.45
N LEU A 227 -6.21 13.94 8.04
CA LEU A 227 -6.79 14.89 8.97
C LEU A 227 -6.02 14.79 10.28
N GLN A 228 -5.24 15.83 10.60
CA GLN A 228 -4.37 15.82 11.77
C GLN A 228 -5.06 16.60 12.89
N ASP A 229 -5.73 15.91 13.82
CA ASP A 229 -6.52 16.59 14.85
C ASP A 229 -5.91 16.46 16.25
N ASP A 230 -4.62 16.11 16.34
CA ASP A 230 -3.99 15.94 17.64
C ASP A 230 -3.21 17.19 18.00
N PRO A 231 -3.61 17.95 19.01
CA PRO A 231 -2.87 19.17 19.35
C PRO A 231 -1.50 18.89 19.97
N ARG A 232 -1.20 17.64 20.34
CA ARG A 232 0.16 17.29 20.77
C ARG A 232 1.12 17.13 19.61
N LEU A 233 0.63 17.13 18.36
CA LEU A 233 1.47 16.97 17.18
C LEU A 233 1.44 18.25 16.34
N PHE A 234 2.52 18.52 15.62
CA PHE A 234 2.58 19.72 14.80
C PHE A 234 1.58 19.64 13.64
N ASP A 235 1.22 20.81 13.12
CA ASP A 235 0.47 20.93 11.86
C ASP A 235 -0.92 20.29 11.93
N THR A 236 -1.71 20.66 12.95
CA THR A 236 -3.12 20.34 12.91
C THR A 236 -3.75 21.02 11.70
N ASN A 237 -4.78 20.38 11.12
CA ASN A 237 -5.38 20.91 9.91
C ASN A 237 -6.87 20.63 9.82
N VAL A 238 -7.56 20.61 10.97
CA VAL A 238 -8.98 20.22 11.03
C VAL A 238 -9.82 21.16 10.18
N GLU A 239 -9.70 22.47 10.44
CA GLU A 239 -10.55 23.43 9.74
C GLU A 239 -10.36 23.36 8.22
N GLU A 240 -9.12 23.19 7.77
CA GLU A 240 -8.85 23.06 6.34
C GLU A 240 -9.53 21.83 5.74
N ARG A 241 -9.43 20.68 6.42
CA ARG A 241 -10.04 19.46 5.90
C ARG A 241 -11.58 19.54 5.94
N VAL A 242 -12.14 20.18 6.97
CA VAL A 242 -13.59 20.34 7.02
C VAL A 242 -14.06 21.20 5.85
N GLN A 243 -13.31 22.28 5.56
CA GLN A 243 -13.69 23.14 4.44
C GLN A 243 -13.50 22.44 3.10
N ASN A 244 -12.45 21.60 2.99
CA ASN A 244 -12.27 20.77 1.78
C ASN A 244 -13.52 19.94 1.52
N PHE A 245 -14.03 19.30 2.58
CA PHE A 245 -15.21 18.47 2.49
C PHE A 245 -16.42 19.29 2.07
N ILE A 246 -16.69 20.40 2.77
CA ILE A 246 -17.81 21.27 2.43
C ILE A 246 -17.72 21.73 0.98
N ASP A 247 -16.55 22.20 0.54
CA ASP A 247 -16.44 22.70 -0.82
C ASP A 247 -16.85 21.62 -1.82
N ALA A 248 -16.34 20.39 -1.62
CA ALA A 248 -16.71 19.31 -2.53
C ALA A 248 -18.21 19.00 -2.46
N ALA A 249 -18.80 19.03 -1.26
CA ALA A 249 -20.24 18.75 -1.13
C ALA A 249 -21.10 19.82 -1.83
N LEU A 250 -20.75 21.10 -1.67
CA LEU A 250 -21.54 22.17 -2.30
C LEU A 250 -21.50 22.09 -3.83
N THR A 251 -20.34 21.78 -4.40
CA THR A 251 -20.25 21.59 -5.85
C THR A 251 -21.20 20.50 -6.32
N GLN A 252 -21.24 19.38 -5.61
CA GLN A 252 -22.13 18.30 -6.00
C GLN A 252 -23.58 18.68 -5.76
N ALA A 253 -23.85 19.40 -4.66
CA ALA A 253 -25.23 19.76 -4.35
C ALA A 253 -25.81 20.64 -5.44
N LYS A 254 -24.96 21.42 -6.13
CA LYS A 254 -25.43 22.31 -7.20
C LYS A 254 -26.01 21.55 -8.36
N ILE A 255 -25.76 20.23 -8.48
CA ILE A 255 -26.30 19.47 -9.60
C ILE A 255 -27.19 18.33 -9.15
N THR A 256 -27.63 18.32 -7.89
CA THR A 256 -28.41 17.21 -7.34
C THR A 256 -29.68 17.73 -6.70
N ARG A 257 -30.78 17.00 -6.87
CA ARG A 257 -32.03 17.35 -6.21
C ARG A 257 -32.03 16.85 -4.77
N THR A 258 -32.71 17.60 -3.91
CA THR A 258 -32.90 17.33 -2.47
C THR A 258 -31.66 17.72 -1.68
N ASN A 259 -31.76 17.68 -0.36
CA ASN A 259 -30.63 17.90 0.53
C ASN A 259 -29.82 16.62 0.79
N HIS A 260 -29.80 15.67 -0.14
CA HIS A 260 -29.04 14.42 0.04
C HIS A 260 -28.18 14.15 -1.18
N ILE A 261 -26.87 14.02 -0.96
CA ILE A 261 -25.95 13.59 -2.02
C ILE A 261 -25.16 12.37 -1.53
N MET A 262 -24.59 11.64 -2.48
CA MET A 262 -23.83 10.44 -2.20
C MET A 262 -22.40 10.57 -2.69
N TRP A 263 -21.46 10.21 -1.82
CA TRP A 263 -20.04 10.03 -2.16
C TRP A 263 -19.73 8.53 -2.24
N THR A 264 -19.27 8.09 -3.39
CA THR A 264 -18.74 6.74 -3.59
C THR A 264 -17.30 6.72 -3.08
N MET A 265 -17.13 6.34 -1.81
CA MET A 265 -15.84 6.36 -1.09
C MET A 265 -15.07 5.07 -1.36
N GLY A 266 -14.54 4.99 -2.58
CA GLY A 266 -13.77 3.82 -2.96
C GLY A 266 -13.43 3.92 -4.43
N ASP A 267 -12.83 2.86 -4.95
CA ASP A 267 -12.39 2.83 -6.35
C ASP A 267 -11.90 1.40 -6.63
N ASP A 268 -11.22 1.25 -7.75
CA ASP A 268 -10.76 -0.07 -8.24
C ASP A 268 -9.89 -0.76 -7.18
N PHE A 269 -10.36 -1.90 -6.67
CA PHE A 269 -9.59 -2.75 -5.78
C PHE A 269 -9.04 -1.97 -4.57
N GLN A 270 -9.73 -0.91 -4.17
CA GLN A 270 -9.29 -0.21 -2.98
C GLN A 270 -9.73 -0.96 -1.73
N TYR A 271 -9.30 -0.43 -0.59
CA TYR A 271 -9.51 -1.00 0.76
C TYR A 271 -8.65 -2.23 1.02
N GLN A 272 -7.47 -2.29 0.41
CA GLN A 272 -6.55 -3.35 0.80
C GLN A 272 -6.24 -3.27 2.28
N TYR A 273 -6.15 -2.05 2.82
CA TYR A 273 -6.09 -1.81 4.26
C TYR A 273 -7.25 -0.86 4.57
N ALA A 274 -8.40 -1.45 4.92
CA ALA A 274 -9.62 -0.68 5.07
C ALA A 274 -9.47 0.44 6.09
N GLU A 275 -8.71 0.20 7.18
CA GLU A 275 -8.66 1.18 8.25
C GLU A 275 -8.07 2.51 7.76
N SER A 276 -7.22 2.49 6.73
CA SER A 276 -6.74 3.74 6.18
C SER A 276 -7.90 4.64 5.77
N TRP A 277 -8.93 4.05 5.12
CA TRP A 277 -10.09 4.84 4.73
C TRP A 277 -10.96 5.18 5.94
N PHE A 278 -11.22 4.20 6.80
CA PHE A 278 -12.19 4.44 7.87
C PHE A 278 -11.66 5.42 8.90
N LYS A 279 -10.35 5.42 9.15
CA LYS A 279 -9.78 6.43 10.04
C LYS A 279 -10.16 7.82 9.57
N GLN A 280 -9.95 8.11 8.27
CA GLN A 280 -10.23 9.44 7.73
C GLN A 280 -11.74 9.74 7.74
N MET A 281 -12.55 8.74 7.44
CA MET A 281 -13.97 9.00 7.41
C MET A 281 -14.52 9.19 8.81
N ASP A 282 -14.02 8.42 9.79
CA ASP A 282 -14.33 8.67 11.20
C ASP A 282 -14.08 10.13 11.54
N LYS A 283 -12.87 10.61 11.23
CA LYS A 283 -12.52 11.95 11.66
C LYS A 283 -13.34 12.99 10.92
N LEU A 284 -13.62 12.74 9.63
CA LEU A 284 -14.38 13.72 8.86
C LEU A 284 -15.82 13.78 9.34
N ILE A 285 -16.45 12.63 9.55
CA ILE A 285 -17.81 12.68 10.10
C ILE A 285 -17.83 13.46 11.40
N HIS A 286 -16.88 13.16 12.30
CA HIS A 286 -16.86 13.78 13.62
C HIS A 286 -16.73 15.29 13.52
N HIS A 287 -15.72 15.77 12.80
CA HIS A 287 -15.37 17.18 12.78
C HIS A 287 -16.29 17.98 11.88
N VAL A 288 -16.70 17.40 10.75
CA VAL A 288 -17.65 18.08 9.89
C VAL A 288 -18.94 18.31 10.64
N ASN A 289 -19.41 17.30 11.38
CA ASN A 289 -20.70 17.47 12.07
C ASN A 289 -20.58 18.41 13.27
N LYS A 290 -19.41 18.42 13.95
CA LYS A 290 -19.20 19.42 14.99
C LYS A 290 -19.26 20.81 14.40
N ASP A 291 -18.68 20.97 13.21
CA ASP A 291 -18.70 22.24 12.52
C ASP A 291 -20.13 22.70 12.24
N GLY A 292 -20.98 21.80 11.72
CA GLY A 292 -22.40 22.04 11.67
C GLY A 292 -22.96 22.62 10.38
N ARG A 293 -22.11 23.11 9.46
CA ARG A 293 -22.65 23.68 8.23
C ARG A 293 -23.30 22.62 7.34
N VAL A 294 -22.68 21.43 7.23
CA VAL A 294 -23.32 20.30 6.57
C VAL A 294 -23.28 19.10 7.51
N ASN A 295 -23.93 18.03 7.08
CA ASN A 295 -24.04 16.81 7.87
C ASN A 295 -23.50 15.63 7.08
N ALA A 296 -22.60 14.87 7.71
CA ALA A 296 -21.98 13.70 7.10
C ALA A 296 -22.37 12.44 7.88
N LEU A 297 -22.50 11.34 7.16
CA LEU A 297 -22.93 10.09 7.77
C LEU A 297 -22.37 8.91 6.97
N TYR A 298 -22.05 7.82 7.67
CA TYR A 298 -21.88 6.52 7.03
C TYR A 298 -23.21 6.08 6.48
N SER A 299 -23.23 5.64 5.23
CA SER A 299 -24.48 5.30 4.58
C SER A 299 -24.24 4.19 3.56
N THR A 300 -25.29 3.84 2.84
CA THR A 300 -25.23 2.87 1.77
C THR A 300 -26.14 3.36 0.64
N PRO A 301 -26.06 2.79 -0.56
CA PRO A 301 -26.96 3.24 -1.63
C PRO A 301 -28.44 3.07 -1.31
N SER A 302 -28.78 2.10 -0.45
CA SER A 302 -30.19 1.90 -0.13
C SER A 302 -30.67 2.85 0.97
N ILE A 303 -29.80 3.21 1.91
CA ILE A 303 -30.15 4.25 2.88
C ILE A 303 -30.31 5.57 2.15
N TYR A 304 -29.40 5.86 1.23
CA TYR A 304 -29.45 7.06 0.42
C TYR A 304 -30.76 7.11 -0.37
N THR A 305 -31.12 6.02 -1.05
CA THR A 305 -32.37 5.98 -1.80
C THR A 305 -33.57 6.22 -0.89
N GLU A 306 -33.56 5.62 0.30
CA GLU A 306 -34.64 5.86 1.25
C GLU A 306 -34.77 7.35 1.59
N ALA A 307 -33.64 8.05 1.80
CA ALA A 307 -33.74 9.49 2.04
C ALA A 307 -34.22 10.22 0.79
N LYS A 308 -33.79 9.77 -0.40
CA LYS A 308 -34.23 10.43 -1.62
C LYS A 308 -35.72 10.27 -1.83
N ASN A 309 -36.26 9.12 -1.41
CA ASN A 309 -37.67 8.82 -1.57
C ASN A 309 -38.54 9.58 -0.56
N ALA A 310 -38.05 9.74 0.67
CA ALA A 310 -38.80 10.48 1.67
C ALA A 310 -38.79 11.98 1.43
N ALA A 311 -37.98 12.46 0.49
CA ALA A 311 -37.94 13.89 0.24
C ALA A 311 -39.19 14.33 -0.51
N ASN A 312 -39.51 15.60 -0.37
CA ASN A 312 -40.63 16.20 -1.10
C ASN A 312 -40.09 16.64 -2.44
N GLN A 313 -40.21 15.77 -3.45
CA GLN A 313 -39.53 16.02 -4.71
C GLN A 313 -40.24 15.24 -5.80
N THR A 314 -40.34 15.85 -6.98
CA THR A 314 -40.71 15.14 -8.19
C THR A 314 -39.47 14.91 -9.05
N TRP A 315 -39.48 13.78 -9.80
CA TRP A 315 -38.30 13.32 -10.47
C TRP A 315 -38.50 13.26 -11.98
N PRO A 316 -37.47 13.55 -12.77
CA PRO A 316 -37.58 13.38 -14.21
C PRO A 316 -37.70 11.91 -14.57
N LEU A 317 -38.21 11.67 -15.76
CA LEU A 317 -38.48 10.32 -16.23
C LEU A 317 -37.42 9.90 -17.23
N LYS A 318 -37.06 8.61 -17.20
CA LYS A 318 -36.15 8.02 -18.17
C LYS A 318 -36.83 6.83 -18.82
N ILE A 319 -36.81 6.80 -20.15
CA ILE A 319 -37.38 5.72 -20.92
C ILE A 319 -36.22 5.05 -21.65
N ASP A 320 -36.47 3.84 -22.15
CA ASP A 320 -35.55 3.15 -23.06
C ASP A 320 -34.23 2.88 -22.34
N ASP A 321 -33.07 3.19 -22.93
CA ASP A 321 -31.81 2.72 -22.36
C ASP A 321 -30.77 3.83 -22.45
N TYR A 322 -29.53 3.50 -22.07
CA TYR A 322 -28.41 4.41 -22.20
C TYR A 322 -27.34 3.84 -23.12
N PHE A 323 -27.73 3.42 -24.32
CA PHE A 323 -26.79 3.04 -25.37
C PHE A 323 -26.94 3.99 -26.55
N PRO A 324 -25.86 4.24 -27.31
CA PRO A 324 -24.52 3.79 -26.94
C PRO A 324 -23.85 4.78 -26.00
N TYR A 325 -22.75 4.35 -25.41
CA TYR A 325 -21.97 5.14 -24.48
C TYR A 325 -20.72 5.68 -25.17
N ALA A 326 -20.47 6.98 -25.03
CA ALA A 326 -19.22 7.59 -25.43
C ALA A 326 -18.68 8.40 -24.26
N ASP A 327 -17.37 8.33 -24.02
CA ASP A 327 -16.81 9.22 -23.02
C ASP A 327 -16.06 10.39 -23.63
N GLY A 328 -16.06 10.50 -24.97
CA GLY A 328 -15.39 11.63 -25.60
C GLY A 328 -15.85 11.72 -27.04
N ARG A 329 -15.49 12.85 -27.67
CA ARG A 329 -15.95 13.19 -29.01
C ARG A 329 -15.72 12.06 -30.02
N ASN A 330 -14.53 11.46 -30.00
CA ASN A 330 -14.18 10.39 -30.94
C ASN A 330 -14.05 9.04 -30.24
N ALA A 331 -14.83 8.81 -29.17
CA ALA A 331 -14.64 7.63 -28.34
C ALA A 331 -16.00 7.03 -27.98
N TYR A 332 -16.65 6.45 -29.00
CA TYR A 332 -17.84 5.65 -28.77
C TYR A 332 -17.42 4.23 -28.41
N TRP A 333 -17.91 3.75 -27.27
CA TRP A 333 -17.62 2.40 -26.77
C TRP A 333 -18.64 1.45 -27.39
N THR A 334 -18.50 1.28 -28.69
CA THR A 334 -19.35 0.39 -29.44
C THR A 334 -18.54 -0.70 -30.12
N GLY A 335 -17.21 -0.63 -30.03
CA GLY A 335 -16.39 -1.71 -30.56
C GLY A 335 -16.53 -3.00 -29.77
N PHE A 336 -16.70 -2.91 -28.44
CA PHE A 336 -16.75 -4.13 -27.66
C PHE A 336 -18.05 -4.89 -27.85
N TYR A 337 -19.06 -4.28 -28.51
CA TYR A 337 -20.22 -5.03 -28.94
C TYR A 337 -19.83 -6.24 -29.78
N THR A 338 -18.66 -6.21 -30.41
CA THR A 338 -18.13 -7.29 -31.23
C THR A 338 -16.83 -7.91 -30.72
N SER A 339 -16.00 -7.15 -29.98
CA SER A 339 -14.66 -7.62 -29.62
C SER A 339 -14.69 -9.03 -29.05
N ARG A 340 -13.75 -9.86 -29.51
CA ARG A 340 -13.60 -11.23 -29.02
C ARG A 340 -14.82 -12.09 -29.40
N SER A 341 -15.12 -12.11 -30.70
CA SER A 341 -16.29 -12.83 -31.21
C SER A 341 -16.28 -14.30 -30.78
N ALA A 342 -15.12 -14.94 -30.86
CA ALA A 342 -15.04 -16.36 -30.51
C ALA A 342 -15.40 -16.59 -29.04
N LEU A 343 -14.97 -15.71 -28.14
CA LEU A 343 -15.34 -15.89 -26.75
C LEU A 343 -16.84 -15.68 -26.54
N LYS A 344 -17.39 -14.69 -27.25
CA LYS A 344 -18.82 -14.43 -27.20
C LYS A 344 -19.64 -15.65 -27.65
N ASP A 345 -19.27 -16.25 -28.79
CA ASP A 345 -19.97 -17.45 -29.24
C ASP A 345 -19.82 -18.59 -28.24
N TYR A 346 -18.63 -18.73 -27.64
CA TYR A 346 -18.41 -19.80 -26.68
C TYR A 346 -19.34 -19.67 -25.49
N VAL A 347 -19.48 -18.43 -24.96
CA VAL A 347 -20.43 -18.16 -23.88
C VAL A 347 -21.84 -18.52 -24.31
N ARG A 348 -22.28 -18.04 -25.47
CA ARG A 348 -23.63 -18.28 -25.91
C ARG A 348 -23.89 -19.78 -26.11
N MET A 349 -22.94 -20.48 -26.73
CA MET A 349 -23.12 -21.92 -26.94
C MET A 349 -23.19 -22.67 -25.62
N LEU A 350 -22.32 -22.34 -24.67
CA LEU A 350 -22.33 -23.05 -23.40
C LEU A 350 -23.55 -22.71 -22.58
N SER A 351 -24.11 -21.51 -22.79
CA SER A 351 -25.32 -21.14 -22.06
C SER A 351 -26.51 -22.00 -22.49
N GLY A 352 -26.72 -22.13 -23.80
CA GLY A 352 -27.72 -23.08 -24.27
C GLY A 352 -27.48 -24.50 -23.75
N TYR A 353 -26.25 -24.99 -23.90
CA TYR A 353 -25.90 -26.31 -23.38
C TYR A 353 -26.19 -26.44 -21.89
N TYR A 354 -25.84 -25.41 -21.10
CA TYR A 354 -26.03 -25.48 -19.65
C TYR A 354 -27.51 -25.53 -19.30
N LEU A 355 -28.33 -24.79 -20.06
CA LEU A 355 -29.78 -24.89 -19.93
C LEU A 355 -30.26 -26.34 -20.11
N ALA A 356 -29.86 -26.99 -21.22
CA ALA A 356 -30.26 -28.38 -21.47
C ALA A 356 -29.70 -29.30 -20.40
N THR A 357 -28.47 -29.06 -19.99
CA THR A 357 -27.84 -29.86 -18.95
C THR A 357 -28.65 -29.88 -17.67
N ARG A 358 -29.17 -28.73 -17.24
CA ARG A 358 -29.95 -28.74 -16.01
C ARG A 358 -31.31 -29.43 -16.18
N GLN A 359 -31.93 -29.31 -17.35
CA GLN A 359 -33.12 -30.12 -17.66
C GLN A 359 -32.85 -31.61 -17.47
N LEU A 360 -31.85 -32.12 -18.18
CA LEU A 360 -31.62 -33.57 -18.17
C LEU A 360 -31.23 -34.07 -16.77
N GLY A 361 -30.38 -33.33 -16.06
CA GLY A 361 -30.02 -33.73 -14.71
C GLY A 361 -31.21 -33.79 -13.78
N PHE A 362 -32.19 -32.89 -13.99
CA PHE A 362 -33.38 -32.91 -13.14
C PHE A 362 -34.18 -34.19 -13.36
N PHE A 363 -34.44 -34.53 -14.63
CA PHE A 363 -35.21 -35.75 -14.91
C PHE A 363 -34.47 -37.00 -14.42
N ALA A 364 -33.18 -37.11 -14.72
CA ALA A 364 -32.40 -38.27 -14.30
C ALA A 364 -32.11 -38.30 -12.80
N GLY A 365 -32.52 -37.30 -12.02
CA GLY A 365 -32.30 -37.32 -10.59
C GLY A 365 -30.93 -36.89 -10.10
N LYS A 366 -30.17 -36.14 -10.90
CA LYS A 366 -28.83 -35.76 -10.50
C LYS A 366 -28.86 -34.66 -9.42
N LYS A 367 -27.74 -34.57 -8.70
CA LYS A 367 -27.60 -33.72 -7.53
C LYS A 367 -26.91 -32.40 -7.92
N SER A 368 -27.39 -31.31 -7.34
CA SER A 368 -26.86 -29.98 -7.68
C SER A 368 -25.39 -29.87 -7.31
N THR A 369 -24.60 -29.30 -8.22
CA THR A 369 -23.18 -29.04 -8.02
C THR A 369 -22.86 -27.55 -8.12
N LYS A 370 -23.88 -26.69 -7.96
CA LYS A 370 -23.78 -25.25 -8.23
C LYS A 370 -22.59 -24.59 -7.55
N TYR A 371 -22.33 -24.91 -6.28
CA TYR A 371 -21.27 -24.25 -5.54
C TYR A 371 -19.98 -25.06 -5.50
N HIS A 372 -19.87 -26.13 -6.28
CA HIS A 372 -18.64 -26.91 -6.33
C HIS A 372 -17.57 -26.15 -7.11
N ALA A 373 -16.30 -26.40 -6.74
CA ALA A 373 -15.18 -25.76 -7.41
C ALA A 373 -15.20 -26.02 -8.91
N PHE A 374 -15.06 -24.94 -9.69
CA PHE A 374 -14.91 -24.98 -11.15
C PHE A 374 -16.15 -25.49 -11.85
N ASP A 375 -17.27 -25.54 -11.14
CA ASP A 375 -18.55 -25.87 -11.78
C ASP A 375 -18.84 -24.88 -12.93
N LEU A 376 -19.66 -25.31 -13.88
CA LEU A 376 -20.02 -24.43 -14.98
C LEU A 376 -20.83 -23.21 -14.51
N ALA A 377 -21.52 -23.31 -13.39
CA ALA A 377 -22.23 -22.16 -12.85
C ALA A 377 -21.26 -21.05 -12.50
N ASP A 378 -20.18 -21.40 -11.78
CA ASP A 378 -19.12 -20.44 -11.51
C ASP A 378 -18.54 -19.89 -12.80
N ALA A 379 -18.24 -20.77 -13.75
CA ALA A 379 -17.56 -20.34 -14.96
C ALA A 379 -18.46 -19.46 -15.83
N LEU A 380 -19.73 -19.82 -15.99
CA LEU A 380 -20.60 -18.96 -16.81
C LEU A 380 -20.92 -17.65 -16.09
N GLY A 381 -20.98 -17.65 -14.77
CA GLY A 381 -21.31 -16.42 -14.05
C GLY A 381 -20.15 -15.44 -14.04
N ILE A 382 -18.93 -15.96 -13.84
CA ILE A 382 -17.72 -15.17 -14.08
C ILE A 382 -17.72 -14.58 -15.50
N ALA A 383 -18.12 -15.38 -16.48
CA ALA A 383 -18.05 -14.96 -17.88
C ALA A 383 -18.92 -13.75 -18.20
N GLN A 384 -19.92 -13.47 -17.39
CA GLN A 384 -20.79 -12.32 -17.62
C GLN A 384 -20.18 -11.02 -17.16
N HIS A 385 -19.01 -11.07 -16.50
CA HIS A 385 -18.37 -9.87 -15.96
C HIS A 385 -18.19 -8.83 -17.06
N HIS A 386 -18.16 -7.55 -16.67
CA HIS A 386 -18.20 -6.48 -17.66
C HIS A 386 -16.89 -6.30 -18.42
N ASP A 387 -15.82 -7.07 -18.14
CA ASP A 387 -14.65 -7.15 -19.00
C ASP A 387 -14.50 -8.52 -19.67
N ALA A 388 -15.41 -9.45 -19.40
CA ALA A 388 -15.20 -10.83 -19.83
C ALA A 388 -15.87 -11.09 -21.19
N VAL A 389 -17.16 -11.41 -21.19
CA VAL A 389 -17.89 -11.59 -22.45
C VAL A 389 -17.87 -10.33 -23.27
N SER A 390 -17.64 -9.19 -22.63
CA SER A 390 -17.57 -7.93 -23.36
C SER A 390 -16.31 -7.83 -24.23
N GLY A 391 -15.29 -8.63 -23.93
CA GLY A 391 -14.06 -8.64 -24.70
C GLY A 391 -12.98 -7.70 -24.25
N THR A 392 -13.14 -7.02 -23.11
CA THR A 392 -12.24 -5.92 -22.77
C THR A 392 -11.21 -6.28 -21.70
N ALA A 393 -10.91 -7.58 -21.50
CA ALA A 393 -9.86 -8.02 -20.59
C ALA A 393 -8.57 -8.31 -21.37
N LYS A 394 -7.46 -8.41 -20.64
CA LYS A 394 -6.20 -8.78 -21.26
C LYS A 394 -6.34 -10.14 -21.90
N GLN A 395 -5.44 -10.45 -22.82
CA GLN A 395 -5.54 -11.74 -23.49
C GLN A 395 -5.36 -12.93 -22.54
N HIS A 396 -4.40 -12.86 -21.60
CA HIS A 396 -4.18 -14.02 -20.74
C HIS A 396 -5.37 -14.24 -19.83
N THR A 397 -6.00 -13.14 -19.38
CA THR A 397 -7.25 -13.22 -18.63
C THR A 397 -8.34 -13.87 -19.48
N THR A 398 -8.44 -13.46 -20.74
CA THR A 398 -9.43 -14.02 -21.65
C THR A 398 -9.22 -15.51 -21.84
N ASN A 399 -7.96 -15.93 -21.95
CA ASN A 399 -7.67 -17.36 -22.02
C ASN A 399 -8.14 -18.08 -20.76
N ASP A 400 -7.94 -17.45 -19.60
CA ASP A 400 -8.34 -18.06 -18.34
C ASP A 400 -9.86 -18.22 -18.26
N TYR A 401 -10.62 -17.21 -18.69
CA TYR A 401 -12.07 -17.34 -18.84
C TYR A 401 -12.45 -18.56 -19.68
N ALA A 402 -11.81 -18.72 -20.83
CA ALA A 402 -12.17 -19.84 -21.69
C ALA A 402 -11.75 -21.17 -21.08
N LYS A 403 -10.64 -21.18 -20.35
CA LYS A 403 -10.21 -22.39 -19.64
C LYS A 403 -11.25 -22.83 -18.63
N ARG A 404 -11.79 -21.87 -17.86
CA ARG A 404 -12.79 -22.17 -16.86
C ARG A 404 -14.08 -22.66 -17.51
N LEU A 405 -14.51 -22.02 -18.61
CA LEU A 405 -15.69 -22.47 -19.34
C LEU A 405 -15.50 -23.88 -19.85
N ALA A 406 -14.32 -24.20 -20.39
CA ALA A 406 -14.09 -25.55 -20.90
C ALA A 406 -14.17 -26.59 -19.78
N ILE A 407 -13.61 -26.28 -18.60
CA ILE A 407 -13.71 -27.17 -17.45
C ILE A 407 -15.18 -27.44 -17.10
N GLY A 408 -15.98 -26.37 -16.99
CA GLY A 408 -17.40 -26.57 -16.70
C GLY A 408 -18.13 -27.30 -17.82
N ALA A 409 -17.75 -27.04 -19.07
CA ALA A 409 -18.39 -27.73 -20.18
C ALA A 409 -18.12 -29.24 -20.11
N SER A 410 -16.90 -29.61 -19.70
CA SER A 410 -16.57 -31.02 -19.58
C SER A 410 -17.40 -31.71 -18.51
N LYS A 411 -17.62 -31.03 -17.38
CA LYS A 411 -18.50 -31.58 -16.34
C LYS A 411 -19.93 -31.71 -16.84
N ALA A 412 -20.45 -30.67 -17.52
CA ALA A 412 -21.81 -30.73 -18.02
C ALA A 412 -21.96 -31.82 -19.09
N GLU A 413 -20.96 -31.97 -19.94
CA GLU A 413 -21.03 -32.99 -20.98
C GLU A 413 -21.14 -34.39 -20.38
N ALA A 414 -20.45 -34.64 -19.26
CA ALA A 414 -20.60 -35.92 -18.57
C ALA A 414 -21.98 -36.07 -17.95
N VAL A 415 -22.54 -34.98 -17.41
CA VAL A 415 -23.90 -35.05 -16.85
C VAL A 415 -24.92 -35.37 -17.94
N VAL A 416 -24.78 -34.76 -19.12
CA VAL A 416 -25.73 -35.02 -20.20
C VAL A 416 -25.64 -36.48 -20.64
N SER A 417 -24.42 -36.99 -20.81
CA SER A 417 -24.24 -38.36 -21.30
C SER A 417 -24.84 -39.37 -20.33
N SER A 418 -24.42 -39.31 -19.07
CA SER A 418 -24.99 -40.19 -18.05
C SER A 418 -26.51 -40.02 -17.95
N SER A 419 -27.03 -38.78 -18.04
CA SER A 419 -28.46 -38.58 -17.87
C SER A 419 -29.26 -39.18 -19.02
N LEU A 420 -28.78 -39.00 -20.25
CA LEU A 420 -29.47 -39.56 -21.40
C LEU A 420 -29.41 -41.07 -21.40
N ALA A 421 -28.30 -41.63 -20.92
CA ALA A 421 -28.20 -43.08 -20.79
C ALA A 421 -29.26 -43.62 -19.81
N CYS A 422 -29.44 -42.95 -18.67
CA CYS A 422 -30.48 -43.39 -17.74
C CYS A 422 -31.87 -43.21 -18.35
N LEU A 423 -32.14 -42.03 -18.91
CA LEU A 423 -33.51 -41.71 -19.34
C LEU A 423 -33.95 -42.51 -20.56
N THR A 424 -33.03 -42.95 -21.43
CA THR A 424 -33.44 -43.70 -22.61
C THR A 424 -33.51 -45.20 -22.39
N SER A 425 -32.94 -45.73 -21.30
CA SER A 425 -33.10 -47.14 -21.03
C SER A 425 -34.55 -47.46 -20.65
N LYS A 426 -34.86 -48.75 -20.56
CA LYS A 426 -36.21 -49.21 -20.21
C LYS A 426 -36.37 -49.49 -18.71
N CYS A 432 -30.27 -43.57 -10.80
CA CYS A 432 -29.51 -43.36 -12.04
C CYS A 432 -28.02 -43.34 -11.77
N SER A 433 -27.28 -44.21 -12.47
CA SER A 433 -25.86 -44.36 -12.22
C SER A 433 -25.07 -44.64 -13.51
N ALA A 434 -25.66 -44.40 -14.67
CA ALA A 434 -25.03 -44.75 -15.93
C ALA A 434 -23.68 -44.04 -16.07
N PRO A 435 -22.68 -44.69 -16.67
CA PRO A 435 -21.39 -44.02 -16.84
C PRO A 435 -21.47 -42.94 -17.91
N ALA A 436 -20.64 -41.92 -17.73
CA ALA A 436 -20.56 -40.83 -18.69
C ALA A 436 -20.05 -41.32 -20.04
N SER A 437 -19.33 -42.44 -20.08
CA SER A 437 -18.89 -42.97 -21.36
C SER A 437 -20.02 -43.56 -22.18
N ALA A 438 -21.25 -43.63 -21.65
CA ALA A 438 -22.34 -44.28 -22.37
C ALA A 438 -22.56 -43.66 -23.75
N PHE A 439 -22.48 -42.33 -23.86
CA PHE A 439 -22.61 -41.66 -25.16
C PHE A 439 -21.41 -40.78 -25.42
N SER A 440 -21.12 -40.57 -26.69
CA SER A 440 -20.15 -39.56 -27.07
C SER A 440 -20.90 -38.36 -27.64
N GLN A 441 -20.28 -37.18 -27.55
CA GLN A 441 -20.87 -35.92 -28.00
C GLN A 441 -19.79 -35.12 -28.72
N CYS A 442 -20.22 -34.22 -29.60
CA CYS A 442 -19.31 -33.49 -30.46
C CYS A 442 -19.66 -32.01 -30.41
N HIS A 443 -18.67 -31.16 -30.10
CA HIS A 443 -18.90 -29.72 -30.07
C HIS A 443 -18.06 -28.99 -31.11
N LEU A 444 -17.37 -29.71 -31.98
CA LEU A 444 -16.53 -29.07 -32.98
C LEU A 444 -17.03 -29.33 -34.41
N PHE A 445 -18.36 -29.44 -34.58
CA PHE A 445 -18.92 -29.53 -35.92
C PHE A 445 -18.50 -28.35 -36.77
N ASN A 446 -18.28 -27.17 -36.16
CA ASN A 446 -17.96 -25.98 -36.92
C ASN A 446 -16.71 -26.18 -37.77
N ILE A 447 -15.77 -26.99 -37.30
CA ILE A 447 -14.57 -27.29 -38.06
C ILE A 447 -14.56 -28.76 -38.52
N SER A 448 -15.73 -29.41 -38.53
CA SER A 448 -15.97 -30.73 -39.10
C SER A 448 -15.42 -31.90 -38.26
N TYR A 449 -15.04 -31.68 -37.01
CA TYR A 449 -14.39 -32.72 -36.22
C TYR A 449 -15.41 -33.41 -35.32
N CYS A 450 -15.71 -34.67 -35.63
CA CYS A 450 -16.63 -35.49 -34.83
C CYS A 450 -16.25 -36.96 -34.97
N PRO A 451 -15.25 -37.41 -34.22
CA PRO A 451 -14.77 -38.83 -34.33
C PRO A 451 -15.90 -39.85 -34.23
N PRO A 452 -16.93 -39.64 -33.39
CA PRO A 452 -18.00 -40.67 -33.35
C PRO A 452 -18.72 -40.88 -34.68
N THR A 453 -18.98 -39.84 -35.47
CA THR A 453 -19.63 -40.04 -36.75
C THR A 453 -18.64 -40.26 -37.88
N GLU A 454 -17.37 -39.88 -37.69
CA GLU A 454 -16.35 -40.10 -38.71
C GLU A 454 -15.85 -41.54 -38.75
N SER A 455 -15.90 -42.24 -37.63
CA SER A 455 -15.32 -43.57 -37.55
C SER A 455 -16.22 -44.59 -38.27
N SER A 456 -15.65 -45.76 -38.51
CA SER A 456 -16.33 -46.80 -39.25
C SER A 456 -17.33 -47.55 -38.37
N ILE A 457 -18.32 -48.13 -39.04
CA ILE A 457 -19.41 -48.85 -38.36
C ILE A 457 -19.14 -50.35 -38.50
N PRO A 458 -18.86 -51.07 -37.41
CA PRO A 458 -18.72 -52.54 -37.51
C PRO A 458 -20.01 -53.20 -37.98
N ASP A 459 -19.87 -54.38 -38.59
CA ASP A 459 -21.02 -55.12 -39.11
C ASP A 459 -21.98 -55.51 -37.99
N ASP A 460 -23.24 -55.71 -38.36
CA ASP A 460 -24.33 -55.99 -37.44
C ASP A 460 -24.55 -54.85 -36.44
N LYS A 461 -23.88 -53.71 -36.60
CA LYS A 461 -24.05 -52.55 -35.75
C LYS A 461 -24.44 -51.32 -36.57
N SER A 462 -25.02 -50.34 -35.88
CA SER A 462 -25.39 -49.08 -36.49
C SER A 462 -24.85 -47.93 -35.66
N LEU A 463 -24.51 -46.83 -36.32
CA LEU A 463 -24.27 -45.58 -35.59
C LEU A 463 -25.61 -45.10 -35.03
N VAL A 464 -25.74 -45.12 -33.71
CA VAL A 464 -26.98 -44.69 -33.07
C VAL A 464 -26.87 -43.18 -32.80
N VAL A 465 -27.88 -42.43 -33.21
CA VAL A 465 -27.92 -40.99 -32.97
C VAL A 465 -29.16 -40.70 -32.14
N VAL A 466 -28.95 -40.31 -30.88
CA VAL A 466 -30.02 -39.82 -30.01
C VAL A 466 -30.06 -38.30 -30.11
N VAL A 467 -31.26 -37.76 -30.34
CA VAL A 467 -31.48 -36.32 -30.54
C VAL A 467 -32.38 -35.83 -29.42
N TYR A 468 -31.85 -34.95 -28.55
CA TYR A 468 -32.64 -34.39 -27.47
C TYR A 468 -33.01 -32.94 -27.78
N ASN A 469 -34.26 -32.59 -27.52
CA ASN A 469 -34.80 -31.26 -27.84
C ASN A 469 -35.16 -30.53 -26.55
N PRO A 470 -34.38 -29.55 -26.11
CA PRO A 470 -34.67 -28.88 -24.83
C PRO A 470 -35.68 -27.75 -24.89
N LEU A 471 -36.36 -27.53 -26.03
CA LEU A 471 -37.48 -26.60 -26.10
C LEU A 471 -38.79 -27.28 -25.73
N GLY A 472 -39.74 -26.49 -25.21
CA GLY A 472 -41.08 -26.99 -24.92
C GLY A 472 -41.99 -27.01 -26.15
N TRP A 473 -41.39 -26.96 -27.32
CA TRP A 473 -42.08 -27.09 -28.59
C TRP A 473 -41.58 -28.33 -29.33
N SER A 474 -42.47 -28.99 -30.07
CA SER A 474 -41.99 -30.00 -31.00
C SER A 474 -41.17 -29.32 -32.08
N ARG A 475 -40.19 -30.04 -32.63
CA ARG A 475 -39.25 -29.38 -33.52
C ARG A 475 -38.77 -30.31 -34.63
N ASN A 476 -38.66 -29.74 -35.83
CA ASN A 476 -38.10 -30.39 -37.00
C ASN A 476 -36.82 -29.66 -37.39
N GLU A 477 -35.73 -30.41 -37.55
CA GLU A 477 -34.45 -29.78 -37.82
C GLU A 477 -33.57 -30.71 -38.62
N ILE A 478 -32.58 -30.13 -39.31
CA ILE A 478 -31.64 -30.87 -40.16
C ILE A 478 -30.43 -31.27 -39.33
N VAL A 479 -30.30 -32.58 -39.05
CA VAL A 479 -29.03 -33.13 -38.52
C VAL A 479 -28.02 -33.21 -39.65
N ARG A 480 -26.78 -32.79 -39.39
CA ARG A 480 -25.73 -32.69 -40.41
C ARG A 480 -24.41 -33.13 -39.77
N ILE A 481 -23.96 -34.33 -40.09
CA ILE A 481 -22.82 -34.93 -39.39
C ILE A 481 -21.73 -35.30 -40.39
N PRO A 482 -20.45 -35.22 -40.03
CA PRO A 482 -19.40 -35.57 -40.98
C PRO A 482 -19.17 -37.08 -41.02
N VAL A 483 -19.14 -37.65 -42.24
CA VAL A 483 -19.01 -39.09 -42.41
C VAL A 483 -18.00 -39.41 -43.50
N ASN A 484 -17.54 -40.67 -43.50
CA ASN A 484 -16.54 -41.10 -44.47
C ASN A 484 -17.06 -42.19 -45.40
N ASP A 485 -18.36 -42.47 -45.35
CA ASP A 485 -19.00 -43.44 -46.22
C ASP A 485 -20.09 -42.75 -47.04
N ALA A 486 -20.20 -43.14 -48.31
CA ALA A 486 -21.12 -42.48 -49.24
C ALA A 486 -22.41 -43.26 -49.47
N ASN A 487 -22.61 -44.39 -48.79
CA ASN A 487 -23.82 -45.20 -48.96
C ASN A 487 -24.36 -45.61 -47.60
N LEU A 488 -24.61 -44.61 -46.76
CA LEU A 488 -25.25 -44.86 -45.49
C LEU A 488 -26.76 -44.69 -45.62
N VAL A 489 -27.48 -45.36 -44.73
CA VAL A 489 -28.94 -45.33 -44.69
C VAL A 489 -29.33 -44.87 -43.30
N VAL A 490 -30.20 -43.87 -43.22
CA VAL A 490 -30.74 -43.41 -41.94
C VAL A 490 -32.12 -44.00 -41.75
N LYS A 491 -32.31 -44.72 -40.65
CA LYS A 491 -33.59 -45.30 -40.31
C LYS A 491 -34.14 -44.62 -39.06
N ASP A 492 -35.40 -44.23 -39.10
CA ASP A 492 -36.02 -43.72 -37.89
C ASP A 492 -36.26 -44.89 -36.93
N SER A 493 -36.91 -44.57 -35.80
CA SER A 493 -37.16 -45.60 -34.78
C SER A 493 -38.03 -46.73 -35.29
N SER A 494 -38.81 -46.49 -36.34
CA SER A 494 -39.76 -47.46 -36.86
C SER A 494 -39.25 -48.18 -38.09
N GLY A 495 -37.94 -48.10 -38.38
CA GLY A 495 -37.33 -48.83 -39.47
C GLY A 495 -37.39 -48.15 -40.82
N ASN A 496 -38.21 -47.11 -41.00
CA ASN A 496 -38.30 -46.46 -42.30
C ASN A 496 -36.99 -45.76 -42.66
N LYS A 497 -36.49 -46.00 -43.87
CA LYS A 497 -35.36 -45.25 -44.36
C LYS A 497 -35.80 -43.81 -44.60
N LEU A 498 -35.00 -42.87 -44.12
CA LEU A 498 -35.32 -41.45 -44.25
C LEU A 498 -34.59 -40.88 -45.45
N GLU A 499 -35.16 -39.81 -46.02
CA GLU A 499 -34.49 -39.14 -47.12
C GLU A 499 -33.22 -38.48 -46.60
N VAL A 500 -32.12 -38.63 -47.33
CA VAL A 500 -30.86 -38.03 -46.94
C VAL A 500 -30.32 -37.20 -48.09
N GLN A 501 -29.39 -36.31 -47.76
CA GLN A 501 -28.62 -35.59 -48.76
C GLN A 501 -27.16 -35.62 -48.34
N TYR A 502 -26.28 -35.79 -49.31
CA TYR A 502 -24.85 -35.75 -49.07
C TYR A 502 -24.30 -34.41 -49.54
N VAL A 503 -23.54 -33.74 -48.68
CA VAL A 503 -22.86 -32.50 -49.04
C VAL A 503 -21.37 -32.74 -49.02
N GLU A 504 -20.67 -32.26 -50.05
CA GLU A 504 -19.24 -32.51 -50.14
C GLU A 504 -18.47 -31.63 -49.16
N MET A 505 -17.45 -32.21 -48.55
CA MET A 505 -16.48 -31.42 -47.79
C MET A 505 -15.89 -30.33 -48.66
N ASP A 506 -15.65 -29.16 -48.06
CA ASP A 506 -15.06 -28.03 -48.76
C ASP A 506 -13.66 -27.76 -48.24
N ASP A 507 -12.87 -27.00 -49.00
CA ASP A 507 -11.48 -26.82 -48.62
C ASP A 507 -11.31 -25.85 -47.45
N VAL A 508 -12.14 -24.80 -47.38
CA VAL A 508 -12.08 -23.90 -46.23
C VAL A 508 -12.25 -24.68 -44.93
N THR A 509 -13.27 -25.53 -44.86
CA THR A 509 -13.50 -26.25 -43.60
C THR A 509 -12.36 -27.23 -43.31
N ALA A 510 -11.87 -27.93 -44.34
CA ALA A 510 -10.79 -28.91 -44.12
C ALA A 510 -9.53 -28.21 -43.61
N ASN A 511 -9.25 -27.04 -44.16
CA ASN A 511 -8.11 -26.25 -43.73
C ASN A 511 -8.32 -25.71 -42.31
N LEU A 512 -9.56 -25.44 -41.91
CA LEU A 512 -9.82 -25.07 -40.51
C LEU A 512 -9.59 -26.25 -39.59
N ARG A 513 -10.05 -27.43 -40.00
CA ARG A 513 -9.96 -28.63 -39.18
C ARG A 513 -8.53 -28.93 -38.77
N SER A 514 -7.59 -28.89 -39.71
CA SER A 514 -6.23 -29.31 -39.38
C SER A 514 -5.61 -28.38 -38.34
N PHE A 515 -5.76 -27.08 -38.53
CA PHE A 515 -5.15 -26.12 -37.62
C PHE A 515 -5.83 -26.14 -36.25
N TYR A 516 -7.16 -26.09 -36.22
CA TYR A 516 -7.85 -25.82 -34.97
C TYR A 516 -8.10 -27.06 -34.13
N VAL A 517 -8.21 -28.24 -34.74
CA VAL A 517 -8.32 -29.43 -33.89
C VAL A 517 -7.07 -29.57 -33.04
N LYS A 518 -5.90 -29.40 -33.65
CA LYS A 518 -4.65 -29.48 -32.92
C LYS A 518 -4.57 -28.40 -31.84
N ALA A 519 -4.99 -27.18 -32.17
CA ALA A 519 -4.96 -26.10 -31.19
C ALA A 519 -5.85 -26.41 -29.99
N TYR A 520 -7.09 -26.86 -30.24
CA TYR A 520 -8.05 -27.07 -29.17
C TYR A 520 -7.82 -28.38 -28.43
N GLU A 521 -7.50 -29.45 -29.17
CA GLU A 521 -7.51 -30.80 -28.61
C GLU A 521 -6.12 -31.36 -28.39
N GLY A 522 -5.08 -30.75 -28.95
CA GLY A 522 -3.70 -31.11 -28.66
C GLY A 522 -3.05 -32.11 -29.61
N GLU A 523 -3.83 -32.77 -30.45
CA GLU A 523 -3.28 -33.74 -31.38
C GLU A 523 -3.82 -33.44 -32.77
N VAL A 524 -3.09 -33.90 -33.78
CA VAL A 524 -3.46 -33.64 -35.17
C VAL A 524 -4.46 -34.72 -35.58
N PRO A 525 -5.57 -34.36 -36.23
CA PRO A 525 -6.66 -35.31 -36.46
C PRO A 525 -6.45 -36.15 -37.72
N LYS A 526 -7.26 -37.22 -37.80
CA LYS A 526 -7.41 -38.03 -38.99
C LYS A 526 -7.80 -37.15 -40.19
N ASP A 527 -7.67 -37.72 -41.41
CA ASP A 527 -7.96 -37.00 -42.65
C ASP A 527 -9.31 -36.26 -42.57
N ALA A 528 -9.40 -35.13 -43.27
CA ALA A 528 -10.67 -34.43 -43.38
C ALA A 528 -11.75 -35.39 -43.84
N ASP A 529 -12.93 -35.29 -43.22
CA ASP A 529 -14.02 -36.15 -43.65
C ASP A 529 -14.35 -35.85 -45.12
N VAL A 530 -14.88 -36.85 -45.83
CA VAL A 530 -15.19 -36.67 -47.25
C VAL A 530 -16.56 -36.02 -47.47
N TYR A 531 -17.56 -36.38 -46.68
CA TYR A 531 -18.91 -35.92 -46.90
C TYR A 531 -19.56 -35.45 -45.61
N TRP A 532 -20.59 -34.63 -45.79
CA TRP A 532 -21.59 -34.36 -44.76
C TRP A 532 -22.85 -35.16 -45.08
N SER A 533 -23.41 -35.84 -44.07
CA SER A 533 -24.69 -36.53 -44.19
C SER A 533 -25.78 -35.70 -43.53
N LEU A 534 -26.86 -35.43 -44.27
CA LEU A 534 -27.96 -34.61 -43.78
C LEU A 534 -29.27 -35.40 -43.78
N PHE A 535 -30.07 -35.21 -42.75
CA PHE A 535 -31.41 -35.79 -42.70
C PHE A 535 -32.22 -34.96 -41.73
N LYS A 536 -33.54 -35.02 -41.88
CA LYS A 536 -34.42 -34.20 -41.07
C LYS A 536 -34.90 -35.04 -39.90
N ALA A 537 -34.62 -34.56 -38.69
CA ALA A 537 -35.09 -35.18 -37.46
C ALA A 537 -36.35 -34.46 -36.97
N SER A 538 -37.22 -35.22 -36.33
CA SER A 538 -38.44 -34.69 -35.74
C SER A 538 -38.48 -35.18 -34.29
N VAL A 539 -38.58 -34.23 -33.35
CA VAL A 539 -38.41 -34.58 -31.94
C VAL A 539 -39.54 -33.96 -31.12
N PRO A 540 -40.12 -34.70 -30.18
CA PRO A 540 -41.15 -34.11 -29.29
C PRO A 540 -40.56 -33.00 -28.44
N PRO A 541 -41.41 -32.15 -27.85
CA PRO A 541 -40.90 -31.12 -26.97
C PRO A 541 -40.35 -31.74 -25.69
N LEU A 542 -39.27 -31.17 -25.17
CA LEU A 542 -38.57 -31.73 -24.02
C LEU A 542 -38.50 -33.25 -24.12
N GLY A 543 -37.92 -33.73 -25.21
CA GLY A 543 -37.85 -35.15 -25.44
C GLY A 543 -36.80 -35.49 -26.46
N TRP A 544 -36.82 -36.76 -26.89
CA TRP A 544 -35.79 -37.27 -27.75
C TRP A 544 -36.39 -38.14 -28.84
N SER A 545 -35.68 -38.22 -29.97
CA SER A 545 -35.89 -39.21 -31.01
C SER A 545 -34.56 -39.93 -31.23
N THR A 546 -34.61 -41.13 -31.84
CA THR A 546 -33.43 -41.95 -32.07
C THR A 546 -33.41 -42.38 -33.52
N TYR A 547 -32.22 -42.28 -34.13
CA TYR A 547 -32.04 -42.67 -35.52
C TYR A 547 -30.89 -43.66 -35.61
N PHE A 548 -30.90 -44.45 -36.68
CA PHE A 548 -29.92 -45.52 -36.85
C PHE A 548 -29.31 -45.41 -38.23
N ILE A 549 -27.99 -45.34 -38.27
CA ILE A 549 -27.27 -45.15 -39.52
C ILE A 549 -26.35 -46.34 -39.73
N SER A 550 -26.46 -46.99 -40.90
CA SER A 550 -25.59 -48.10 -41.20
C SER A 550 -25.44 -48.23 -42.72
N GLU A 551 -24.52 -49.11 -43.13
CA GLU A 551 -24.31 -49.35 -44.56
C GLU A 551 -25.57 -49.90 -45.20
N ALA A 552 -25.71 -49.65 -46.50
CA ALA A 552 -26.87 -50.10 -47.24
C ALA A 552 -26.88 -51.61 -47.42
N LEU A 570 -29.60 -17.11 -61.45
CA LEU A 570 -29.39 -18.31 -60.64
C LEU A 570 -30.20 -18.27 -59.32
N ASN A 571 -31.28 -19.04 -59.25
CA ASN A 571 -32.20 -19.00 -58.11
C ASN A 571 -32.12 -20.29 -57.30
N ILE A 572 -32.02 -20.17 -55.98
CA ILE A 572 -32.01 -21.33 -55.08
C ILE A 572 -33.16 -21.21 -54.09
N GLY A 573 -33.43 -22.31 -53.40
CA GLY A 573 -34.48 -22.35 -52.41
C GLY A 573 -35.39 -23.55 -52.56
N PRO A 574 -35.17 -24.58 -51.74
CA PRO A 574 -36.06 -25.75 -51.80
C PRO A 574 -37.43 -25.46 -51.28
N GLY A 575 -37.63 -24.32 -50.61
CA GLY A 575 -38.93 -23.99 -50.04
C GLY A 575 -39.51 -22.72 -50.62
N ASP A 576 -40.32 -22.01 -49.82
CA ASP A 576 -40.96 -20.79 -50.31
C ASP A 576 -39.96 -19.65 -50.43
N LEU A 577 -39.02 -19.55 -49.48
CA LEU A 577 -38.02 -18.49 -49.54
C LEU A 577 -37.04 -18.79 -50.65
N LYS A 578 -36.90 -17.85 -51.58
CA LYS A 578 -35.99 -18.01 -52.71
C LYS A 578 -34.95 -16.90 -52.69
N MET A 579 -33.76 -17.19 -53.22
CA MET A 579 -32.72 -16.18 -53.36
C MET A 579 -32.09 -16.26 -54.73
N SER A 580 -31.76 -15.10 -55.29
CA SER A 580 -31.17 -14.99 -56.63
C SER A 580 -29.75 -14.44 -56.54
N PHE A 581 -28.84 -15.07 -57.27
CA PHE A 581 -27.43 -14.68 -57.26
C PHE A 581 -26.95 -14.47 -58.70
N SER A 582 -25.87 -13.71 -58.83
CA SER A 582 -25.15 -13.64 -60.11
C SER A 582 -24.39 -14.94 -60.37
N GLY A 586 -20.32 -13.47 -58.78
CA GLY A 586 -21.53 -14.17 -58.38
C GLY A 586 -21.93 -13.89 -56.95
N GLN A 587 -22.97 -13.07 -56.77
CA GLN A 587 -23.31 -12.51 -55.46
C GLN A 587 -24.82 -12.33 -55.36
N LEU A 588 -25.29 -12.18 -54.11
CA LEU A 588 -26.71 -12.10 -53.84
C LEU A 588 -27.33 -10.86 -54.48
N LYS A 589 -28.55 -11.02 -54.99
CA LYS A 589 -29.25 -9.95 -55.70
C LYS A 589 -30.71 -9.79 -55.27
N ARG A 590 -31.32 -10.77 -54.64
CA ARG A 590 -32.76 -10.68 -54.44
C ARG A 590 -33.18 -11.76 -53.47
N MET A 591 -34.23 -11.49 -52.72
CA MET A 591 -34.89 -12.47 -51.88
C MET A 591 -36.38 -12.30 -52.07
N TYR A 592 -37.09 -13.39 -52.27
CA TYR A 592 -38.54 -13.27 -52.35
C TYR A 592 -39.18 -14.54 -51.82
N ASN A 593 -40.40 -14.37 -51.32
CA ASN A 593 -41.27 -15.46 -50.91
C ASN A 593 -42.49 -15.48 -51.82
N SER A 594 -42.60 -16.56 -52.60
CA SER A 594 -43.77 -16.79 -53.45
C SER A 594 -45.06 -16.81 -52.65
N LYS A 595 -45.11 -17.61 -51.59
CA LYS A 595 -46.37 -17.83 -50.87
C LYS A 595 -46.87 -16.58 -50.17
N THR A 596 -45.98 -15.76 -49.61
CA THR A 596 -46.40 -14.58 -48.88
C THR A 596 -46.35 -13.30 -49.71
N GLY A 597 -45.64 -13.31 -50.83
CA GLY A 597 -45.60 -12.14 -51.69
C GLY A 597 -44.79 -10.98 -51.14
N VAL A 598 -43.61 -11.27 -50.57
CA VAL A 598 -42.61 -10.25 -50.27
C VAL A 598 -41.44 -10.48 -51.22
N ASP A 599 -40.82 -9.38 -51.63
CA ASP A 599 -39.86 -9.43 -52.72
C ASP A 599 -39.02 -8.18 -52.64
N ILE A 600 -37.75 -8.32 -52.24
CA ILE A 600 -36.88 -7.15 -52.26
C ILE A 600 -35.63 -7.47 -53.05
N PRO A 601 -35.13 -6.51 -53.84
CA PRO A 601 -33.74 -6.60 -54.31
C PRO A 601 -32.79 -6.26 -53.17
N ILE A 602 -31.80 -7.12 -52.96
CA ILE A 602 -30.92 -7.00 -51.79
C ILE A 602 -29.54 -7.46 -52.20
N GLN A 603 -28.52 -6.69 -51.86
CA GLN A 603 -27.15 -7.12 -52.02
C GLN A 603 -26.49 -7.29 -50.67
N GLN A 604 -25.59 -8.26 -50.58
CA GLN A 604 -24.80 -8.48 -49.37
C GLN A 604 -23.32 -8.53 -49.77
N ASN A 605 -22.50 -7.74 -49.08
CA ASN A 605 -21.07 -7.77 -49.33
C ASN A 605 -20.31 -7.72 -48.00
N TYR A 606 -19.03 -8.08 -48.07
CA TYR A 606 -18.12 -7.94 -46.94
C TYR A 606 -17.23 -6.73 -47.16
N LEU A 607 -17.06 -5.95 -46.11
CA LEU A 607 -16.21 -4.76 -46.11
C LEU A 607 -15.48 -4.71 -44.77
N TRP A 608 -14.63 -3.73 -44.62
CA TRP A 608 -14.06 -3.49 -43.29
C TRP A 608 -13.77 -2.01 -43.12
N TYR A 609 -13.99 -1.52 -41.90
CA TYR A 609 -13.51 -0.19 -41.58
C TYR A 609 -12.03 -0.27 -41.24
N GLU A 610 -11.28 0.74 -41.64
CA GLU A 610 -9.90 0.87 -41.20
C GLU A 610 -9.88 1.48 -39.81
N SER A 611 -9.19 0.84 -38.88
CA SER A 611 -9.13 1.30 -37.49
C SER A 611 -8.29 2.56 -37.39
N SER A 612 -8.89 3.65 -36.91
CA SER A 612 -8.11 4.85 -36.68
C SER A 612 -7.01 4.59 -35.67
N GLU A 613 -5.86 5.23 -35.88
CA GLU A 613 -4.75 5.18 -34.93
C GLU A 613 -4.47 6.55 -34.33
N GLY A 614 -5.43 7.45 -34.36
CA GLY A 614 -5.20 8.84 -34.01
C GLY A 614 -5.02 9.69 -35.24
N ASP A 615 -5.33 10.98 -35.09
CA ASP A 615 -5.13 11.96 -36.16
C ASP A 615 -4.65 13.27 -35.51
N PHE A 616 -4.53 14.32 -36.32
CA PHE A 616 -4.02 15.60 -35.82
C PHE A 616 -4.92 16.13 -34.70
N SER A 617 -6.25 16.03 -34.88
CA SER A 617 -7.20 16.60 -33.94
C SER A 617 -7.47 15.75 -32.69
N ASP A 618 -7.07 14.48 -32.68
CA ASP A 618 -7.42 13.59 -31.57
C ASP A 618 -6.64 12.27 -31.64
N TYR A 619 -5.87 11.97 -30.59
CA TYR A 619 -5.01 10.79 -30.57
C TYR A 619 -5.78 9.50 -30.36
N GLN A 620 -7.09 9.56 -30.16
CA GLN A 620 -7.84 8.38 -29.79
C GLN A 620 -7.74 7.30 -30.86
N ALA A 621 -7.41 6.07 -30.46
CA ALA A 621 -7.30 4.95 -31.38
C ALA A 621 -8.48 4.01 -31.21
N SER A 622 -8.84 3.33 -32.30
CA SER A 622 -9.77 2.20 -32.19
C SER A 622 -9.10 1.03 -31.48
N GLY A 623 -9.83 0.41 -30.55
CA GLY A 623 -9.28 -0.63 -29.70
C GLY A 623 -10.37 -1.57 -29.22
N ALA A 624 -10.10 -2.35 -28.16
CA ALA A 624 -11.01 -3.40 -27.73
C ALA A 624 -12.33 -2.83 -27.21
N TYR A 625 -12.30 -1.65 -26.58
CA TYR A 625 -13.49 -0.96 -26.13
C TYR A 625 -14.14 -0.12 -27.22
N ILE A 626 -13.34 0.73 -27.86
CA ILE A 626 -13.84 1.88 -28.62
C ILE A 626 -13.70 1.59 -30.11
N PHE A 627 -14.77 1.80 -30.85
CA PHE A 627 -14.77 1.73 -32.30
C PHE A 627 -14.59 3.15 -32.83
N ARG A 628 -13.43 3.43 -33.42
CA ARG A 628 -13.17 4.70 -34.11
C ARG A 628 -12.68 4.39 -35.52
N PRO A 629 -13.53 4.43 -36.52
CA PRO A 629 -13.10 4.13 -37.88
C PRO A 629 -12.31 5.29 -38.46
N ASN A 630 -11.49 4.93 -39.45
CA ASN A 630 -10.51 5.82 -40.07
C ASN A 630 -11.13 7.11 -40.62
N GLY A 631 -12.43 7.12 -40.88
CA GLY A 631 -13.02 8.24 -41.60
C GLY A 631 -12.88 8.13 -43.11
N GLN A 632 -12.12 7.14 -43.58
CA GLN A 632 -12.08 6.67 -44.96
C GLN A 632 -13.26 5.74 -45.22
N PRO A 633 -13.80 5.74 -46.44
CA PRO A 633 -14.82 4.75 -46.80
C PRO A 633 -14.31 3.35 -46.54
N PRO A 634 -15.18 2.43 -46.12
CA PRO A 634 -14.74 1.04 -45.88
C PRO A 634 -14.31 0.36 -47.17
N PRO A 635 -13.08 -0.18 -47.22
CA PRO A 635 -12.62 -0.90 -48.43
C PRO A 635 -13.49 -2.08 -48.80
N HIS A 636 -13.75 -2.22 -50.12
CA HIS A 636 -14.43 -3.37 -50.72
C HIS A 636 -13.51 -4.59 -50.70
N THR A 637 -14.11 -5.78 -50.59
CA THR A 637 -13.44 -7.04 -50.87
C THR A 637 -13.01 -7.17 -52.35
N SER A 641 -14.80 -10.87 -55.85
CA SER A 641 -15.68 -11.89 -55.28
C SER A 641 -16.24 -12.85 -56.32
N SER A 642 -16.15 -14.15 -56.05
CA SER A 642 -16.59 -15.17 -56.99
C SER A 642 -17.27 -16.31 -56.25
N VAL A 643 -18.31 -16.87 -56.89
CA VAL A 643 -18.92 -18.12 -56.42
C VAL A 643 -17.92 -19.25 -56.65
N THR A 644 -17.83 -20.17 -55.69
CA THR A 644 -16.98 -21.34 -55.84
C THR A 644 -17.75 -22.66 -55.83
N ARG A 645 -19.05 -22.62 -55.57
CA ARG A 645 -19.88 -23.81 -55.65
C ARG A 645 -21.33 -23.39 -55.51
N VAL A 646 -22.19 -24.01 -56.30
CA VAL A 646 -23.64 -23.91 -56.16
C VAL A 646 -24.15 -25.33 -56.04
N THR A 647 -24.92 -25.59 -54.99
CA THR A 647 -25.35 -26.94 -54.65
C THR A 647 -26.85 -26.93 -54.49
N ARG A 648 -27.50 -28.01 -54.94
CA ARG A 648 -28.94 -28.13 -54.87
C ARG A 648 -29.33 -29.53 -54.44
N GLY A 649 -30.32 -29.62 -53.56
CA GLY A 649 -30.74 -30.90 -53.05
C GLY A 649 -32.05 -30.79 -52.31
N PRO A 650 -32.59 -31.94 -51.90
CA PRO A 650 -33.90 -31.90 -51.23
C PRO A 650 -33.84 -31.28 -49.83
N LEU A 651 -32.70 -31.34 -49.16
CA LEU A 651 -32.62 -30.79 -47.80
C LEU A 651 -31.97 -29.41 -47.73
N VAL A 652 -31.00 -29.08 -48.59
CA VAL A 652 -30.38 -27.74 -48.55
C VAL A 652 -29.95 -27.32 -49.95
N ASP A 653 -30.18 -26.04 -50.25
CA ASP A 653 -29.54 -25.37 -51.37
C ASP A 653 -28.44 -24.48 -50.81
N GLU A 654 -27.26 -24.53 -51.42
CA GLU A 654 -26.07 -23.88 -50.91
C GLU A 654 -25.39 -23.06 -52.00
N VAL A 655 -24.83 -21.92 -51.61
CA VAL A 655 -23.93 -21.11 -52.44
C VAL A 655 -22.66 -20.85 -51.62
N HIS A 656 -21.54 -21.44 -52.05
CA HIS A 656 -20.24 -21.17 -51.42
C HIS A 656 -19.57 -19.97 -52.08
N GLN A 657 -19.21 -18.97 -51.28
CA GLN A 657 -18.64 -17.74 -51.81
C GLN A 657 -17.30 -17.43 -51.15
N LYS A 658 -16.33 -17.03 -51.97
CA LYS A 658 -15.03 -16.58 -51.47
C LYS A 658 -14.88 -15.10 -51.85
N PHE A 659 -14.75 -14.24 -50.86
CA PHE A 659 -14.62 -12.81 -51.14
C PHE A 659 -13.14 -12.40 -51.22
N ASN A 660 -12.29 -12.98 -50.39
CA ASN A 660 -10.84 -12.92 -50.56
C ASN A 660 -10.25 -14.12 -49.83
N SER A 661 -8.93 -14.11 -49.61
CA SER A 661 -8.32 -15.28 -49.00
C SER A 661 -8.64 -15.46 -47.52
N TRP A 662 -9.24 -14.46 -46.87
CA TRP A 662 -9.54 -14.57 -45.45
C TRP A 662 -11.02 -14.32 -45.13
N ILE A 663 -11.85 -14.15 -46.14
CA ILE A 663 -13.29 -13.92 -45.99
C ILE A 663 -14.00 -14.87 -46.95
N SER A 664 -14.70 -15.85 -46.40
CA SER A 664 -15.51 -16.75 -47.20
C SER A 664 -16.83 -16.96 -46.51
N GLN A 665 -17.83 -17.38 -47.27
CA GLN A 665 -19.18 -17.48 -46.73
C GLN A 665 -19.90 -18.63 -47.41
N VAL A 666 -20.84 -19.24 -46.70
CA VAL A 666 -21.78 -20.20 -47.27
C VAL A 666 -23.20 -19.74 -46.96
N THR A 667 -23.99 -19.53 -48.00
CA THR A 667 -25.40 -19.19 -47.87
C THR A 667 -26.23 -20.46 -48.02
N ARG A 668 -27.10 -20.74 -47.06
CA ARG A 668 -27.81 -22.01 -47.02
C ARG A 668 -29.31 -21.77 -46.86
N LEU A 669 -30.10 -22.32 -47.78
CA LEU A 669 -31.55 -22.37 -47.63
C LEU A 669 -31.92 -23.83 -47.36
N TYR A 670 -32.30 -24.12 -46.11
CA TYR A 670 -32.62 -25.47 -45.69
C TYR A 670 -34.11 -25.74 -45.88
N LYS A 671 -34.44 -27.00 -46.11
CA LYS A 671 -35.82 -27.44 -46.13
C LYS A 671 -36.56 -26.99 -44.87
N ASP A 672 -37.74 -26.40 -45.07
CA ASP A 672 -38.68 -26.04 -44.01
C ASP A 672 -38.19 -24.89 -43.15
N LYS A 673 -37.21 -24.14 -43.63
CA LYS A 673 -36.71 -22.98 -42.91
C LYS A 673 -37.19 -21.73 -43.63
N ASP A 674 -37.84 -20.86 -42.88
CA ASP A 674 -38.30 -19.56 -43.36
C ASP A 674 -37.18 -18.52 -43.33
N HIS A 675 -35.95 -18.91 -43.64
CA HIS A 675 -34.84 -17.96 -43.60
C HIS A 675 -33.66 -18.56 -44.35
N ALA A 676 -32.73 -17.69 -44.71
CA ALA A 676 -31.40 -18.13 -45.10
C ALA A 676 -30.47 -18.14 -43.89
N GLU A 677 -29.51 -19.04 -43.93
CA GLU A 677 -28.53 -19.19 -42.86
C GLU A 677 -27.17 -18.93 -43.48
N ILE A 678 -26.57 -17.81 -43.13
CA ILE A 678 -25.34 -17.37 -43.76
C ILE A 678 -24.16 -17.66 -42.84
N GLU A 679 -23.29 -18.59 -43.24
CA GLU A 679 -22.15 -18.98 -42.44
C GLU A 679 -20.92 -18.18 -42.86
N PHE A 680 -20.38 -17.39 -41.93
CA PHE A 680 -19.22 -16.55 -42.21
C PHE A 680 -17.97 -17.24 -41.67
N THR A 681 -16.86 -17.09 -42.39
CA THR A 681 -15.54 -17.56 -41.95
C THR A 681 -14.56 -16.43 -42.21
N ILE A 682 -14.10 -15.77 -41.16
CA ILE A 682 -13.36 -14.52 -41.28
C ILE A 682 -12.04 -14.66 -40.55
N GLY A 683 -10.93 -14.48 -41.27
CA GLY A 683 -9.62 -14.53 -40.67
C GLY A 683 -8.70 -15.48 -41.40
N PRO A 684 -7.38 -15.38 -41.15
CA PRO A 684 -6.75 -14.35 -40.31
C PRO A 684 -6.87 -12.94 -40.90
N ILE A 685 -7.21 -11.95 -40.08
CA ILE A 685 -7.33 -10.58 -40.57
C ILE A 685 -5.91 -10.06 -40.75
N PRO A 686 -5.52 -9.64 -41.96
CA PRO A 686 -4.11 -9.25 -42.17
C PRO A 686 -3.86 -7.86 -41.64
N THR A 687 -2.80 -7.73 -40.83
CA THR A 687 -2.39 -6.42 -40.32
C THR A 687 -0.92 -6.14 -40.63
N ASP A 688 -0.26 -7.01 -41.39
CA ASP A 688 1.11 -6.78 -41.84
C ASP A 688 1.26 -5.47 -42.61
N ASP A 689 0.18 -4.98 -43.22
CA ASP A 689 0.17 -3.67 -43.86
C ASP A 689 0.05 -2.52 -42.87
N GLY A 690 0.05 -2.80 -41.57
CA GLY A 690 -0.06 -1.74 -40.59
C GLY A 690 -1.42 -1.08 -40.50
N VAL A 691 -2.47 -1.72 -41.02
CA VAL A 691 -3.81 -1.15 -40.99
C VAL A 691 -4.72 -2.10 -40.21
N GLY A 692 -5.25 -1.62 -39.08
CA GLY A 692 -6.22 -2.40 -38.33
C GLY A 692 -7.55 -2.41 -39.08
N LYS A 693 -8.27 -3.53 -38.98
CA LYS A 693 -9.45 -3.78 -39.80
C LYS A 693 -10.61 -4.31 -38.97
N GLU A 694 -11.78 -3.72 -39.17
CA GLU A 694 -12.99 -4.13 -38.46
C GLU A 694 -14.02 -4.55 -39.50
N VAL A 695 -14.24 -5.87 -39.61
CA VAL A 695 -14.92 -6.49 -40.73
C VAL A 695 -16.43 -6.49 -40.48
N ILE A 696 -17.18 -6.07 -41.50
CA ILE A 696 -18.64 -6.02 -41.48
C ILE A 696 -19.18 -6.84 -42.64
N THR A 697 -20.40 -7.34 -42.49
CA THR A 697 -21.22 -7.73 -43.62
C THR A 697 -22.33 -6.69 -43.72
N ARG A 698 -22.64 -6.28 -44.94
CA ARG A 698 -23.58 -5.18 -45.15
C ARG A 698 -24.64 -5.64 -46.14
N MET A 699 -25.90 -5.53 -45.74
CA MET A 699 -27.06 -5.97 -46.52
C MET A 699 -27.82 -4.73 -47.00
N THR A 700 -27.73 -4.45 -48.30
CA THR A 700 -28.20 -3.20 -48.88
C THR A 700 -29.41 -3.44 -49.78
N SER A 701 -30.53 -2.80 -49.43
CA SER A 701 -31.78 -2.87 -50.15
C SER A 701 -32.21 -1.46 -50.59
N THR A 702 -33.45 -1.37 -51.09
CA THR A 702 -34.13 -0.14 -51.44
C THR A 702 -35.27 0.20 -50.47
N MET A 703 -35.48 -0.60 -49.42
CA MET A 703 -36.51 -0.30 -48.44
C MET A 703 -36.35 1.12 -47.91
N ALA A 704 -37.46 1.85 -47.83
CA ALA A 704 -37.50 3.22 -47.31
C ALA A 704 -37.61 3.14 -45.79
N THR A 705 -36.46 2.87 -45.15
CA THR A 705 -36.45 2.63 -43.71
C THR A 705 -36.43 3.91 -42.89
N ASN A 706 -36.25 5.05 -43.54
CA ASN A 706 -36.48 6.37 -42.94
C ASN A 706 -35.66 6.58 -41.67
N LYS A 707 -34.39 6.18 -41.71
CA LYS A 707 -33.42 6.30 -40.63
C LYS A 707 -33.71 5.40 -39.43
N GLU A 708 -34.77 4.58 -39.47
CA GLU A 708 -35.16 3.77 -38.35
C GLU A 708 -34.65 2.33 -38.46
N PHE A 709 -34.38 1.72 -37.30
CA PHE A 709 -34.03 0.31 -37.21
C PHE A 709 -34.16 -0.13 -35.76
N TYR A 710 -34.39 -1.43 -35.57
CA TYR A 710 -34.75 -2.01 -34.28
C TYR A 710 -33.70 -3.01 -33.79
N THR A 711 -33.24 -2.85 -32.57
CA THR A 711 -32.29 -3.77 -31.96
C THR A 711 -32.81 -4.19 -30.59
N ASP A 712 -32.41 -5.39 -30.15
CA ASP A 712 -32.95 -5.98 -28.95
C ASP A 712 -32.19 -5.49 -27.70
N SER A 713 -32.82 -5.69 -26.55
CA SER A 713 -32.19 -5.41 -25.25
C SER A 713 -31.91 -6.73 -24.53
N ASN A 714 -30.64 -7.15 -24.52
CA ASN A 714 -30.21 -8.42 -23.90
C ASN A 714 -30.99 -9.62 -24.43
N GLY A 715 -31.48 -9.51 -25.66
CA GLY A 715 -32.27 -10.56 -26.29
C GLY A 715 -33.77 -10.51 -26.03
N ARG A 716 -34.31 -9.42 -25.44
CA ARG A 716 -35.74 -9.35 -25.14
C ARG A 716 -36.36 -8.21 -25.94
N ASP A 717 -36.68 -7.09 -25.29
CA ASP A 717 -37.38 -5.98 -25.91
C ASP A 717 -36.61 -5.45 -27.12
N PHE A 718 -37.35 -5.05 -28.15
CA PHE A 718 -36.81 -4.37 -29.30
C PHE A 718 -36.97 -2.87 -29.12
N LEU A 719 -35.89 -2.14 -29.36
CA LEU A 719 -35.87 -0.70 -29.17
C LEU A 719 -35.72 -0.06 -30.54
N LYS A 720 -36.58 0.92 -30.81
CA LYS A 720 -36.48 1.65 -32.06
C LYS A 720 -35.30 2.61 -31.99
N ARG A 721 -34.31 2.38 -32.83
CA ARG A 721 -33.19 3.29 -32.96
C ARG A 721 -33.41 4.19 -34.17
N VAL A 722 -32.93 5.42 -34.07
CA VAL A 722 -33.03 6.39 -35.15
C VAL A 722 -31.65 6.95 -35.42
N ARG A 723 -31.23 6.91 -36.68
CA ARG A 723 -29.87 7.29 -37.03
C ARG A 723 -29.58 8.72 -36.60
N ASP A 724 -28.41 8.92 -36.00
CA ASP A 724 -27.91 10.24 -35.64
C ASP A 724 -28.88 11.02 -34.76
N TYR A 725 -29.63 10.34 -33.90
CA TYR A 725 -30.64 11.02 -33.07
C TYR A 725 -30.65 10.44 -31.67
N ARG A 726 -30.87 11.29 -30.67
CA ARG A 726 -31.07 10.85 -29.30
C ARG A 726 -32.35 11.45 -28.74
N GLU A 727 -33.12 10.62 -28.02
CA GLU A 727 -34.35 11.07 -27.40
C GLU A 727 -34.09 12.07 -26.25
N ASP A 728 -33.02 11.86 -25.47
CA ASP A 728 -32.80 12.58 -24.22
C ASP A 728 -31.99 13.86 -24.36
N TRP A 729 -31.29 14.06 -25.46
CA TRP A 729 -30.51 15.28 -25.64
C TRP A 729 -30.32 15.50 -27.12
N PRO A 730 -30.02 16.74 -27.54
CA PRO A 730 -29.83 16.99 -28.98
C PRO A 730 -28.42 16.59 -29.36
N LEU A 731 -28.31 15.44 -30.03
CA LEU A 731 -27.01 14.87 -30.31
C LEU A 731 -26.17 15.81 -31.17
N GLU A 732 -24.93 16.02 -30.75
CA GLU A 732 -23.93 16.60 -31.63
C GLU A 732 -23.26 15.43 -32.35
N VAL A 733 -23.48 15.31 -33.66
CA VAL A 733 -22.90 14.17 -34.37
C VAL A 733 -21.41 14.38 -34.52
N THR A 734 -20.62 13.41 -34.03
CA THR A 734 -19.17 13.41 -34.19
C THR A 734 -18.64 12.13 -34.84
N GLN A 735 -19.37 11.02 -34.77
CA GLN A 735 -18.99 9.75 -35.39
C GLN A 735 -20.21 9.21 -36.11
N PRO A 736 -20.40 9.57 -37.40
CA PRO A 736 -21.61 9.15 -38.11
C PRO A 736 -21.74 7.64 -38.29
N VAL A 737 -20.70 6.87 -38.05
CA VAL A 737 -20.80 5.41 -38.05
C VAL A 737 -20.77 4.86 -36.62
N ALA A 738 -19.66 5.08 -35.91
CA ALA A 738 -19.51 4.47 -34.59
C ALA A 738 -20.63 4.88 -33.65
N GLY A 739 -21.13 6.11 -33.80
CA GLY A 739 -22.22 6.56 -32.96
C GLY A 739 -23.57 5.93 -33.26
N ASN A 740 -23.70 5.13 -34.32
CA ASN A 740 -24.97 4.46 -34.63
C ASN A 740 -24.92 2.95 -34.45
N TYR A 741 -23.88 2.43 -33.80
CA TYR A 741 -23.80 1.00 -33.52
C TYR A 741 -24.44 0.68 -32.19
N TYR A 742 -25.15 -0.46 -32.14
CA TYR A 742 -25.87 -0.92 -30.96
C TYR A 742 -25.55 -2.38 -30.68
N PRO A 743 -25.66 -2.81 -29.42
CA PRO A 743 -25.33 -4.21 -29.09
C PRO A 743 -26.51 -5.13 -29.41
N LEU A 744 -26.21 -6.23 -30.10
CA LEU A 744 -27.21 -7.24 -30.47
C LEU A 744 -27.01 -8.53 -29.69
N ASN A 745 -28.09 -9.07 -29.13
CA ASN A 745 -28.04 -10.40 -28.57
C ASN A 745 -29.11 -11.32 -29.13
N LEU A 746 -30.14 -10.77 -29.79
CA LEU A 746 -31.08 -11.53 -30.59
C LEU A 746 -30.98 -11.15 -32.07
N GLY A 747 -31.09 -9.87 -32.42
CA GLY A 747 -30.83 -9.46 -33.77
C GLY A 747 -31.29 -8.04 -34.06
N ILE A 748 -31.39 -7.74 -35.36
CA ILE A 748 -31.70 -6.39 -35.82
C ILE A 748 -32.68 -6.50 -36.98
N TYR A 749 -33.60 -5.53 -37.10
CA TYR A 749 -34.50 -5.57 -38.23
C TYR A 749 -34.88 -4.16 -38.65
N THR A 750 -35.43 -4.07 -39.86
CA THR A 750 -35.88 -2.80 -40.44
C THR A 750 -37.20 -3.07 -41.14
N LYS A 751 -37.88 -1.99 -41.54
CA LYS A 751 -39.14 -2.16 -42.24
C LYS A 751 -39.49 -0.89 -42.99
N ASP A 752 -40.37 -1.03 -43.98
CA ASP A 752 -41.05 0.08 -44.64
C ASP A 752 -42.51 -0.33 -44.80
N GLU A 753 -43.22 0.34 -45.70
CA GLU A 753 -44.64 0.08 -45.92
C GLU A 753 -44.87 -1.35 -46.43
N LYS A 754 -43.97 -1.85 -47.27
CA LYS A 754 -44.19 -3.11 -47.97
C LYS A 754 -43.41 -4.30 -47.39
N SER A 755 -42.31 -4.07 -46.67
CA SER A 755 -41.46 -5.19 -46.25
C SER A 755 -40.99 -5.03 -44.80
N GLU A 756 -40.54 -6.15 -44.23
CA GLU A 756 -39.85 -6.20 -42.94
C GLU A 756 -38.65 -7.12 -43.12
N PHE A 757 -37.45 -6.58 -42.94
CA PHE A 757 -36.21 -7.34 -43.15
C PHE A 757 -35.52 -7.57 -41.80
N SER A 758 -35.28 -8.83 -41.46
CA SER A 758 -34.82 -9.23 -40.13
C SER A 758 -33.51 -9.99 -40.20
N VAL A 759 -32.62 -9.75 -39.23
CA VAL A 759 -31.35 -10.46 -39.11
C VAL A 759 -31.23 -10.98 -37.68
N LEU A 760 -30.84 -12.24 -37.52
CA LEU A 760 -30.61 -12.82 -36.21
C LEU A 760 -29.15 -13.25 -36.08
N VAL A 761 -28.60 -13.12 -34.87
CA VAL A 761 -27.20 -13.42 -34.62
C VAL A 761 -27.07 -14.70 -33.79
N ASP A 762 -25.85 -15.24 -33.75
CA ASP A 762 -25.57 -16.43 -32.95
C ASP A 762 -24.68 -16.13 -31.74
N ARG A 763 -24.50 -14.86 -31.40
CA ARG A 763 -23.57 -14.42 -30.38
C ARG A 763 -23.74 -12.91 -30.27
N ALA A 764 -23.30 -12.34 -29.15
CA ALA A 764 -23.33 -10.89 -29.02
C ALA A 764 -22.54 -10.29 -30.18
N THR A 765 -23.14 -9.28 -30.84
CA THR A 765 -22.61 -8.71 -32.07
C THR A 765 -23.00 -7.24 -32.15
N GLY A 766 -22.13 -6.41 -32.72
CA GLY A 766 -22.52 -5.01 -32.99
C GLY A 766 -23.25 -4.90 -34.33
N GLY A 767 -24.27 -4.04 -34.35
CA GLY A 767 -25.05 -3.83 -35.57
C GLY A 767 -25.48 -2.39 -35.72
N ALA A 768 -25.68 -1.97 -36.99
CA ALA A 768 -26.12 -0.62 -37.27
C ALA A 768 -26.93 -0.60 -38.57
N SER A 769 -27.63 0.52 -38.78
CA SER A 769 -28.12 0.92 -40.10
C SER A 769 -27.52 2.29 -40.41
N ILE A 770 -26.51 2.31 -41.28
CA ILE A 770 -25.83 3.55 -41.62
C ILE A 770 -26.51 4.29 -42.77
N LYS A 771 -27.22 3.57 -43.64
CA LYS A 771 -27.98 4.15 -44.74
C LYS A 771 -29.38 3.54 -44.76
N ASP A 772 -30.33 4.33 -45.24
CA ASP A 772 -31.69 3.81 -45.40
C ASP A 772 -31.67 2.58 -46.29
N GLY A 773 -32.48 1.59 -45.91
CA GLY A 773 -32.47 0.32 -46.59
C GLY A 773 -31.28 -0.58 -46.31
N GLU A 774 -30.35 -0.16 -45.45
CA GLU A 774 -29.09 -0.87 -45.27
C GLU A 774 -28.90 -1.29 -43.80
N VAL A 775 -28.50 -2.55 -43.60
CA VAL A 775 -28.14 -3.09 -42.30
C VAL A 775 -26.75 -3.68 -42.37
N GLU A 776 -25.96 -3.52 -41.30
CA GLU A 776 -24.64 -4.13 -41.24
C GLU A 776 -24.39 -4.73 -39.87
N LEU A 777 -23.56 -5.76 -39.87
CA LEU A 777 -23.10 -6.48 -38.69
C LEU A 777 -21.59 -6.41 -38.64
N MET A 778 -21.02 -5.97 -37.53
CA MET A 778 -19.60 -6.10 -37.34
C MET A 778 -19.34 -7.51 -36.80
N LEU A 779 -18.44 -8.25 -37.46
CA LEU A 779 -18.25 -9.67 -37.18
C LEU A 779 -16.91 -10.03 -36.55
N HIS A 780 -15.85 -9.27 -36.81
CA HIS A 780 -14.52 -9.59 -36.30
C HIS A 780 -13.67 -8.32 -36.35
N ARG A 781 -12.76 -8.18 -35.38
CA ARG A 781 -11.97 -6.96 -35.28
C ARG A 781 -10.54 -7.30 -34.89
N ARG A 782 -9.58 -6.62 -35.53
CA ARG A 782 -8.17 -6.80 -35.19
C ARG A 782 -7.49 -5.43 -35.32
N THR A 783 -7.02 -4.88 -34.21
CA THR A 783 -6.39 -3.57 -34.23
C THR A 783 -4.90 -3.70 -33.94
N ILE A 784 -4.19 -2.62 -34.26
CA ILE A 784 -2.75 -2.53 -34.03
C ILE A 784 -2.44 -1.64 -32.83
N ARG A 785 -3.42 -0.90 -32.33
CA ARG A 785 -3.23 -0.01 -31.18
C ARG A 785 -4.25 -0.33 -30.09
N ASP A 786 -3.85 -0.02 -28.86
CA ASP A 786 -4.75 -0.01 -27.71
C ASP A 786 -5.52 1.32 -27.68
N ASP A 787 -6.74 1.31 -27.12
CA ASP A 787 -7.57 2.52 -27.13
C ASP A 787 -7.42 3.39 -25.87
N GLY A 788 -6.42 3.11 -25.02
CA GLY A 788 -6.12 3.99 -23.90
C GLY A 788 -7.19 4.06 -22.84
N ARG A 789 -7.87 2.95 -22.58
CA ARG A 789 -8.79 2.90 -21.44
C ARG A 789 -8.32 1.90 -20.40
N GLY A 790 -7.10 1.40 -20.50
CA GLY A 790 -6.47 0.72 -19.39
C GLY A 790 -6.10 -0.72 -19.66
N VAL A 791 -6.63 -1.35 -20.71
CA VAL A 791 -6.31 -2.75 -20.91
C VAL A 791 -4.89 -2.91 -21.44
N GLY A 792 -4.31 -1.88 -22.03
CA GLY A 792 -2.90 -1.92 -22.38
C GLY A 792 -2.52 -2.85 -23.52
N GLU A 793 -3.49 -3.29 -24.32
CA GLU A 793 -3.30 -4.29 -25.35
C GLU A 793 -4.14 -3.95 -26.57
N PRO A 794 -3.54 -3.86 -27.75
CA PRO A 794 -4.33 -3.92 -28.98
C PRO A 794 -5.14 -5.21 -28.98
N LEU A 795 -6.30 -5.18 -29.66
CA LEU A 795 -7.13 -6.37 -29.84
C LEU A 795 -6.55 -7.16 -31.01
N ASP A 796 -5.57 -8.02 -30.71
CA ASP A 796 -4.72 -8.70 -31.70
C ASP A 796 -4.71 -10.21 -31.39
N GLU A 797 -5.87 -10.85 -31.55
CA GLU A 797 -6.04 -12.24 -31.15
C GLU A 797 -5.41 -13.19 -32.16
N GLN A 798 -4.60 -14.11 -31.66
CA GLN A 798 -3.86 -15.06 -32.47
C GLN A 798 -3.99 -16.46 -31.89
N VAL A 799 -3.88 -17.46 -32.77
CA VAL A 799 -3.85 -18.87 -32.40
C VAL A 799 -2.47 -19.41 -32.78
N CYS A 800 -1.87 -20.22 -31.89
CA CYS A 800 -0.51 -20.72 -32.08
C CYS A 800 -0.45 -22.22 -31.84
N MET A 801 0.71 -22.80 -32.21
CA MET A 801 1.13 -24.13 -31.77
C MET A 801 2.16 -24.06 -30.65
N THR A 806 4.44 -20.78 -34.24
CA THR A 806 3.82 -20.74 -35.57
C THR A 806 2.38 -20.18 -35.51
N CYS A 807 2.26 -18.87 -35.38
CA CYS A 807 1.02 -18.21 -35.03
C CYS A 807 0.42 -17.50 -36.22
N GLU A 808 -0.89 -17.31 -36.16
CA GLU A 808 -1.62 -16.51 -37.13
C GLU A 808 -2.82 -15.88 -36.43
N GLY A 809 -3.42 -14.91 -37.10
CA GLY A 809 -4.58 -14.25 -36.54
C GLY A 809 -5.76 -15.19 -36.41
N LEU A 810 -6.54 -14.98 -35.35
CA LEU A 810 -7.68 -15.84 -35.08
C LEU A 810 -8.73 -15.74 -36.18
N THR A 811 -9.27 -16.91 -36.56
CA THR A 811 -10.37 -17.01 -37.50
C THR A 811 -11.64 -17.31 -36.71
N VAL A 812 -12.72 -16.62 -37.04
CA VAL A 812 -14.01 -16.90 -36.43
C VAL A 812 -14.95 -17.43 -37.51
N ARG A 813 -15.82 -18.35 -37.10
CA ARG A 813 -16.85 -18.92 -37.94
C ARG A 813 -18.15 -18.85 -37.17
N GLY A 814 -19.24 -18.55 -37.87
CA GLY A 814 -20.55 -18.48 -37.23
C GLY A 814 -21.63 -18.26 -38.26
N ASN A 815 -22.85 -18.14 -37.78
CA ASN A 815 -24.02 -17.94 -38.62
C ASN A 815 -24.70 -16.63 -38.26
N TYR A 816 -25.20 -15.93 -39.27
CA TYR A 816 -26.31 -15.00 -39.08
C TYR A 816 -27.46 -15.42 -39.97
N TYR A 817 -28.68 -15.09 -39.56
CA TYR A 817 -29.89 -15.61 -40.19
C TYR A 817 -30.73 -14.44 -40.69
N LEU A 818 -31.17 -14.49 -41.95
CA LEU A 818 -31.92 -13.39 -42.54
C LEU A 818 -33.22 -13.89 -43.15
N SER A 819 -34.24 -13.05 -43.14
CA SER A 819 -35.53 -13.44 -43.69
C SER A 819 -36.34 -12.18 -44.01
N ILE A 820 -37.39 -12.38 -44.80
CA ILE A 820 -38.27 -11.29 -45.19
C ILE A 820 -39.71 -11.68 -44.93
N HIS A 821 -40.51 -10.68 -44.57
CA HIS A 821 -41.87 -10.87 -44.12
C HIS A 821 -42.70 -9.65 -44.47
N LYS A 822 -44.02 -9.86 -44.53
CA LYS A 822 -44.94 -8.75 -44.57
C LYS A 822 -44.97 -8.06 -43.21
N PRO A 823 -45.23 -6.76 -43.19
CA PRO A 823 -45.35 -6.06 -41.90
C PRO A 823 -46.33 -6.77 -40.96
N ALA A 824 -45.90 -6.86 -39.69
CA ALA A 824 -46.55 -7.55 -38.57
C ALA A 824 -46.36 -9.06 -38.64
N ALA A 825 -45.61 -9.59 -39.62
CA ALA A 825 -45.39 -11.03 -39.73
C ALA A 825 -43.99 -11.46 -39.33
N GLY A 826 -43.04 -10.54 -39.22
CA GLY A 826 -41.68 -10.93 -38.92
C GLY A 826 -41.41 -11.23 -37.46
N SER A 827 -42.19 -10.63 -36.56
CA SER A 827 -41.89 -10.79 -35.14
C SER A 827 -41.98 -12.25 -34.71
N ARG A 828 -42.90 -13.03 -35.30
CA ARG A 828 -43.02 -14.41 -34.85
C ARG A 828 -41.86 -15.27 -35.37
N TRP A 829 -41.33 -14.97 -36.55
CA TRP A 829 -40.11 -15.60 -36.99
C TRP A 829 -38.95 -15.25 -36.07
N ARG A 830 -38.83 -13.96 -35.72
CA ARG A 830 -37.71 -13.50 -34.90
C ARG A 830 -37.71 -14.20 -33.56
N ARG A 831 -38.87 -14.24 -32.90
CA ARG A 831 -38.97 -14.87 -31.58
C ARG A 831 -38.76 -16.37 -31.66
N THR A 832 -39.43 -17.04 -32.61
CA THR A 832 -39.35 -18.49 -32.72
C THR A 832 -37.94 -18.93 -33.11
N THR A 833 -37.38 -18.32 -34.15
CA THR A 833 -36.04 -18.71 -34.57
C THR A 833 -34.99 -18.30 -33.54
N GLY A 834 -35.20 -17.19 -32.83
CA GLY A 834 -34.26 -16.79 -31.81
C GLY A 834 -34.11 -17.87 -30.75
N GLN A 835 -35.24 -18.41 -30.28
CA GLN A 835 -35.19 -19.43 -29.24
C GLN A 835 -34.55 -20.71 -29.78
N GLU A 836 -34.86 -21.05 -31.04
CA GLU A 836 -34.27 -22.24 -31.67
C GLU A 836 -32.76 -22.10 -31.81
N ILE A 837 -32.28 -20.90 -32.14
CA ILE A 837 -30.83 -20.67 -32.17
C ILE A 837 -30.25 -20.81 -30.77
N TYR A 838 -30.94 -20.26 -29.77
CA TYR A 838 -30.45 -20.33 -28.39
C TYR A 838 -30.37 -21.77 -27.90
N SER A 839 -31.33 -22.61 -28.30
CA SER A 839 -31.47 -23.96 -27.76
C SER A 839 -31.55 -25.00 -28.89
N PRO A 840 -30.45 -25.24 -29.59
CA PRO A 840 -30.43 -26.29 -30.61
C PRO A 840 -30.60 -27.68 -29.99
N MET A 841 -30.80 -28.65 -30.88
CA MET A 841 -30.84 -30.05 -30.48
C MET A 841 -29.48 -30.50 -29.92
N LEU A 842 -29.53 -31.42 -28.95
CA LEU A 842 -28.33 -32.10 -28.47
C LEU A 842 -28.25 -33.47 -29.10
N LEU A 843 -27.10 -33.78 -29.71
CA LEU A 843 -26.83 -35.09 -30.30
C LEU A 843 -25.95 -35.92 -29.36
N ALA A 844 -26.33 -37.18 -29.16
CA ALA A 844 -25.55 -38.18 -28.44
C ALA A 844 -25.36 -39.40 -29.33
N PHE A 845 -24.13 -39.92 -29.39
CA PHE A 845 -23.76 -40.96 -30.33
C PHE A 845 -23.32 -42.24 -29.63
N THR A 846 -23.65 -43.37 -30.23
CA THR A 846 -22.99 -44.63 -29.88
C THR A 846 -23.20 -45.62 -31.02
N GLN A 847 -22.41 -46.70 -30.99
CA GLN A 847 -22.53 -47.76 -31.98
C GLN A 847 -23.08 -49.00 -31.31
N GLU A 848 -24.26 -49.45 -31.74
CA GLU A 848 -24.83 -50.69 -31.25
C GLU A 848 -25.66 -51.35 -32.34
N ASN A 849 -25.90 -52.66 -32.18
CA ASN A 849 -26.86 -53.34 -33.03
C ASN A 849 -28.24 -52.72 -32.84
N MET A 850 -28.83 -52.26 -33.93
CA MET A 850 -30.12 -51.59 -33.87
C MET A 850 -31.14 -52.40 -33.07
N GLU A 851 -31.29 -53.69 -33.40
CA GLU A 851 -32.30 -54.51 -32.70
C GLU A 851 -31.98 -54.63 -31.22
N ASN A 852 -30.69 -54.79 -30.89
CA ASN A 852 -30.33 -54.90 -29.49
C ASN A 852 -30.64 -53.61 -28.74
N TRP A 853 -30.41 -52.47 -29.41
CA TRP A 853 -30.71 -51.17 -28.80
C TRP A 853 -32.20 -51.01 -28.55
N LYS A 854 -33.02 -51.30 -29.57
CA LYS A 854 -34.46 -51.16 -29.41
C LYS A 854 -34.99 -52.08 -28.35
N SER A 855 -34.22 -53.10 -27.95
CA SER A 855 -34.68 -54.05 -26.95
C SER A 855 -34.45 -53.57 -25.52
N SER A 856 -33.42 -52.74 -25.30
CA SER A 856 -33.10 -52.25 -23.97
C SER A 856 -33.33 -50.76 -23.80
N HIS A 857 -33.74 -50.05 -24.85
CA HIS A 857 -33.89 -48.60 -24.81
C HIS A 857 -35.22 -48.20 -25.44
N SER A 858 -35.84 -47.17 -24.87
CA SER A 858 -36.97 -46.50 -25.53
C SER A 858 -36.39 -45.53 -26.56
N THR A 859 -36.81 -45.68 -27.81
CA THR A 859 -36.26 -44.87 -28.89
C THR A 859 -36.87 -43.48 -28.96
N LYS A 860 -38.03 -43.27 -28.34
CA LYS A 860 -38.71 -41.98 -28.33
C LYS A 860 -39.22 -41.73 -26.92
N GLY A 861 -39.13 -40.49 -26.47
CA GLY A 861 -39.68 -40.12 -25.18
C GLY A 861 -39.94 -38.63 -25.06
N ILE A 862 -40.73 -38.27 -24.06
CA ILE A 862 -41.03 -36.89 -23.74
C ILE A 862 -41.36 -36.81 -22.25
N PHE A 863 -40.79 -35.82 -21.56
CA PHE A 863 -41.05 -35.65 -20.14
C PHE A 863 -42.34 -34.91 -19.86
N MET A 864 -42.88 -34.24 -20.87
CA MET A 864 -44.19 -33.62 -20.79
C MET A 864 -45.27 -34.63 -21.21
N ASP A 865 -46.52 -34.28 -20.91
CA ASP A 865 -47.65 -35.07 -21.34
C ASP A 865 -47.53 -35.36 -22.83
N PRO A 866 -47.73 -36.62 -23.26
CA PRO A 866 -47.47 -36.98 -24.66
C PRO A 866 -48.16 -36.11 -25.69
N ASN A 867 -49.30 -35.51 -25.37
CA ASN A 867 -49.95 -34.63 -26.32
C ASN A 867 -50.04 -33.20 -25.77
N TYR A 868 -48.98 -32.74 -25.12
CA TYR A 868 -48.92 -31.38 -24.61
C TYR A 868 -47.71 -30.68 -25.20
N SER A 869 -47.88 -29.39 -25.47
CA SER A 869 -46.81 -28.53 -25.94
C SER A 869 -46.95 -27.20 -25.21
N LEU A 870 -45.84 -26.54 -24.89
CA LEU A 870 -45.97 -25.16 -24.41
C LEU A 870 -46.50 -24.28 -25.54
N PRO A 871 -47.26 -23.24 -25.22
CA PRO A 871 -47.76 -22.35 -26.27
C PRO A 871 -46.63 -21.78 -27.08
N PRO A 872 -46.87 -21.43 -28.35
CA PRO A 872 -45.78 -20.88 -29.18
C PRO A 872 -45.16 -19.61 -28.61
N SER A 873 -45.85 -18.89 -27.75
CA SER A 873 -45.29 -17.66 -27.21
C SER A 873 -44.44 -17.85 -25.95
N VAL A 874 -44.23 -19.09 -25.48
CA VAL A 874 -43.59 -19.33 -24.19
C VAL A 874 -42.31 -20.14 -24.37
N ALA A 875 -41.30 -19.82 -23.55
CA ALA A 875 -40.09 -20.63 -23.45
C ALA A 875 -39.85 -21.04 -22.00
N LEU A 876 -39.38 -22.27 -21.82
CA LEU A 876 -38.96 -22.81 -20.52
C LEU A 876 -37.50 -22.44 -20.34
N ILE A 877 -37.25 -21.26 -19.74
CA ILE A 877 -35.89 -20.73 -19.69
C ILE A 877 -35.11 -21.22 -18.46
N THR A 878 -35.77 -21.72 -17.44
CA THR A 878 -35.08 -22.29 -16.29
C THR A 878 -35.81 -23.52 -15.80
N LEU A 879 -35.08 -24.61 -15.65
CA LEU A 879 -35.57 -25.79 -14.97
C LEU A 879 -34.35 -26.43 -14.32
N GLU A 880 -34.32 -26.44 -12.99
CA GLU A 880 -33.08 -26.79 -12.33
C GLU A 880 -33.38 -27.32 -10.93
N GLU A 881 -32.72 -28.43 -10.56
CA GLU A 881 -32.79 -28.94 -9.20
C GLU A 881 -31.85 -28.14 -8.30
N LEU A 882 -32.36 -27.72 -7.14
CA LEU A 882 -31.55 -27.02 -6.16
C LEU A 882 -31.18 -28.00 -5.03
N ASP A 883 -30.68 -27.47 -3.92
CA ASP A 883 -30.39 -28.35 -2.79
C ASP A 883 -31.71 -28.85 -2.17
N ASP A 884 -31.60 -29.94 -1.43
CA ASP A 884 -32.75 -30.70 -0.92
C ASP A 884 -33.55 -31.15 -2.15
N GLY A 885 -34.87 -31.14 -2.10
CA GLY A 885 -35.66 -31.55 -3.23
C GLY A 885 -36.23 -30.42 -4.06
N LEU A 886 -35.74 -29.20 -3.86
CA LEU A 886 -36.37 -28.02 -4.46
C LEU A 886 -36.01 -27.88 -5.93
N VAL A 887 -37.03 -27.55 -6.73
CA VAL A 887 -36.88 -27.34 -8.17
C VAL A 887 -37.21 -25.89 -8.49
N LEU A 888 -36.32 -25.24 -9.23
CA LEU A 888 -36.51 -23.87 -9.70
C LEU A 888 -37.02 -23.90 -11.13
N LEU A 889 -38.13 -23.21 -11.37
CA LEU A 889 -38.79 -23.18 -12.67
C LEU A 889 -39.02 -21.74 -13.10
N ARG A 890 -38.75 -21.44 -14.37
CA ARG A 890 -39.05 -20.12 -14.92
C ARG A 890 -39.68 -20.30 -16.29
N LEU A 891 -40.78 -19.58 -16.51
CA LEU A 891 -41.47 -19.50 -17.79
C LEU A 891 -41.49 -18.05 -18.26
N ALA A 892 -41.13 -17.82 -19.51
CA ALA A 892 -41.07 -16.50 -20.09
C ALA A 892 -42.07 -16.40 -21.23
N HIS A 893 -42.78 -15.27 -21.28
CA HIS A 893 -43.55 -14.91 -22.46
C HIS A 893 -42.66 -14.13 -23.40
N LEU A 894 -42.50 -14.62 -24.64
CA LEU A 894 -41.47 -14.10 -25.54
C LEU A 894 -41.89 -12.85 -26.30
N TYR A 895 -43.16 -12.45 -26.25
CA TYR A 895 -43.69 -11.44 -27.18
C TYR A 895 -44.03 -10.15 -26.46
N GLU A 896 -43.75 -9.02 -27.11
CA GLU A 896 -44.24 -7.74 -26.65
C GLU A 896 -45.68 -7.52 -27.11
N PRO A 897 -46.46 -6.68 -26.40
CA PRO A 897 -47.89 -6.53 -26.71
C PRO A 897 -48.27 -6.33 -28.17
N SER A 898 -47.47 -5.59 -28.96
CA SER A 898 -47.94 -5.23 -30.30
C SER A 898 -47.26 -6.00 -31.42
N GLU A 899 -46.58 -7.11 -31.10
CA GLU A 899 -45.77 -7.81 -32.09
C GLU A 899 -46.61 -8.74 -32.97
N ASP A 900 -47.47 -9.54 -32.37
CA ASP A 900 -48.15 -10.62 -33.10
C ASP A 900 -49.57 -10.75 -32.62
N ALA A 901 -50.52 -10.55 -33.55
CA ALA A 901 -51.93 -10.49 -33.17
C ALA A 901 -52.38 -11.78 -32.49
N GLU A 902 -51.79 -12.90 -32.88
CA GLU A 902 -52.20 -14.15 -32.25
C GLU A 902 -51.41 -14.43 -30.97
N TYR A 903 -50.10 -14.19 -30.99
CA TYR A 903 -49.25 -14.63 -29.89
C TYR A 903 -48.98 -13.57 -28.83
N SER A 904 -49.13 -12.27 -29.13
CA SER A 904 -48.93 -11.21 -28.15
C SER A 904 -50.19 -11.03 -27.29
N THR A 905 -50.53 -12.11 -26.59
CA THR A 905 -51.78 -12.22 -25.89
C THR A 905 -51.55 -13.02 -24.64
N LEU A 906 -52.57 -13.06 -23.79
CA LEU A 906 -52.50 -13.83 -22.55
C LEU A 906 -52.59 -15.33 -22.85
N THR A 907 -51.75 -16.10 -22.16
CA THR A 907 -51.71 -17.55 -22.39
C THR A 907 -51.56 -18.26 -21.05
N LYS A 908 -51.54 -19.58 -21.09
CA LYS A 908 -51.43 -20.35 -19.86
C LYS A 908 -50.58 -21.57 -20.09
N VAL A 909 -49.96 -22.03 -19.01
CA VAL A 909 -49.15 -23.24 -19.00
C VAL A 909 -49.70 -24.14 -17.91
N GLU A 910 -49.96 -25.39 -18.27
CA GLU A 910 -50.44 -26.38 -17.32
C GLU A 910 -49.23 -27.13 -16.80
N LEU A 911 -48.85 -26.85 -15.55
CA LEU A 911 -47.65 -27.47 -14.98
C LEU A 911 -47.85 -28.96 -14.73
N LYS A 912 -49.10 -29.41 -14.55
CA LYS A 912 -49.35 -30.83 -14.41
C LYS A 912 -49.00 -31.57 -15.69
N LYS A 913 -49.22 -30.93 -16.84
CA LYS A 913 -48.81 -31.52 -18.10
C LYS A 913 -47.33 -31.28 -18.40
N LEU A 914 -46.73 -30.23 -17.84
CA LEU A 914 -45.30 -30.02 -18.03
C LEU A 914 -44.49 -31.11 -17.37
N PHE A 915 -44.93 -31.60 -16.21
CA PHE A 915 -44.23 -32.67 -15.52
C PHE A 915 -45.08 -33.93 -15.49
N ALA A 916 -45.42 -34.46 -16.66
CA ALA A 916 -46.39 -35.55 -16.75
C ALA A 916 -46.03 -36.72 -15.84
N THR A 917 -44.75 -37.07 -15.79
CA THR A 917 -44.31 -38.26 -15.06
C THR A 917 -44.02 -38.00 -13.58
N GLN A 918 -44.34 -36.81 -13.05
CA GLN A 918 -44.08 -36.49 -11.65
C GLN A 918 -45.23 -35.65 -11.09
N LYS A 919 -45.46 -35.75 -9.79
CA LYS A 919 -46.59 -35.07 -9.16
C LYS A 919 -46.08 -33.89 -8.33
N ILE A 920 -46.61 -32.71 -8.62
CA ILE A 920 -46.29 -31.52 -7.83
C ILE A 920 -46.87 -31.68 -6.43
N GLU A 921 -46.00 -31.72 -5.42
CA GLU A 921 -46.49 -31.63 -4.05
C GLU A 921 -46.59 -30.19 -3.56
N GLU A 922 -45.62 -29.34 -3.92
CA GLU A 922 -45.59 -27.95 -3.51
C GLU A 922 -45.31 -27.04 -4.70
N LEU A 923 -46.01 -25.91 -4.76
CA LEU A 923 -45.77 -24.86 -5.74
C LEU A 923 -45.74 -23.53 -5.01
N ARG A 924 -44.79 -22.67 -5.37
CA ARG A 924 -44.59 -21.40 -4.67
C ARG A 924 -43.97 -20.39 -5.62
N GLU A 925 -44.62 -19.25 -5.82
CA GLU A 925 -44.08 -18.22 -6.71
C GLU A 925 -43.13 -17.33 -5.93
N VAL A 926 -41.98 -17.04 -6.56
CA VAL A 926 -40.94 -16.25 -5.95
C VAL A 926 -40.55 -15.12 -6.90
N SER A 927 -39.71 -14.22 -6.41
CA SER A 927 -39.16 -13.16 -7.24
C SER A 927 -38.23 -13.75 -8.32
N LEU A 928 -37.83 -12.89 -9.26
CA LEU A 928 -37.08 -13.34 -10.42
C LEU A 928 -35.80 -14.07 -10.00
N SER A 929 -35.11 -13.56 -8.97
CA SER A 929 -33.91 -14.24 -8.51
C SER A 929 -34.19 -15.26 -7.42
N ALA A 930 -35.47 -15.53 -7.13
CA ALA A 930 -35.88 -16.60 -6.21
C ALA A 930 -35.37 -16.37 -4.78
N ASN A 931 -35.27 -15.12 -4.33
CA ASN A 931 -34.87 -14.87 -2.95
C ASN A 931 -35.97 -14.25 -2.10
N GLN A 932 -37.16 -14.03 -2.68
CA GLN A 932 -38.31 -13.46 -1.98
C GLN A 932 -39.56 -14.18 -2.43
N GLU A 933 -40.54 -14.28 -1.53
CA GLU A 933 -41.90 -14.65 -1.93
C GLU A 933 -42.48 -13.56 -2.83
N LYS A 934 -43.07 -13.97 -3.95
CA LYS A 934 -43.58 -13.01 -4.93
C LYS A 934 -44.58 -12.06 -4.31
N SER A 935 -45.49 -12.58 -3.49
CA SER A 935 -46.56 -11.77 -2.91
C SER A 935 -46.07 -10.80 -1.83
N GLU A 936 -44.85 -10.95 -1.33
CA GLU A 936 -44.37 -10.07 -0.28
C GLU A 936 -43.63 -8.85 -0.82
N MET A 937 -43.39 -8.78 -2.12
CA MET A 937 -42.60 -7.69 -2.70
C MET A 937 -43.36 -6.37 -2.61
N LYS A 938 -42.68 -5.33 -2.12
CA LYS A 938 -43.24 -3.99 -2.04
C LYS A 938 -42.42 -3.02 -2.90
N LYS A 939 -43.09 -1.98 -3.39
CA LYS A 939 -42.47 -0.99 -4.26
C LYS A 939 -42.46 0.37 -3.57
N MET A 940 -41.45 1.18 -3.87
CA MET A 940 -41.49 2.57 -3.44
C MET A 940 -42.42 3.34 -4.37
N LYS A 941 -42.89 4.48 -3.88
CA LYS A 941 -43.73 5.39 -4.66
C LYS A 941 -42.95 6.64 -5.00
N TRP A 942 -43.10 7.08 -6.24
CA TRP A 942 -42.34 8.20 -6.76
C TRP A 942 -43.29 9.12 -7.51
N SER A 943 -43.10 10.42 -7.32
CA SER A 943 -43.79 11.41 -8.14
C SER A 943 -42.89 11.75 -9.33
N VAL A 944 -43.36 11.45 -10.52
CA VAL A 944 -42.58 11.56 -11.74
C VAL A 944 -43.15 12.68 -12.60
N GLU A 945 -42.26 13.52 -13.14
CA GLU A 945 -42.68 14.54 -14.10
C GLU A 945 -43.38 13.90 -15.29
N GLY A 946 -44.56 14.42 -15.63
CA GLY A 946 -45.28 13.97 -16.81
C GLY A 946 -46.37 12.96 -16.55
N ASP A 947 -46.54 12.50 -15.31
CA ASP A 947 -47.62 11.60 -14.94
C ASP A 947 -48.89 12.43 -14.75
N ASP A 964 -54.58 -27.50 -9.12
CA ASP A 964 -54.69 -26.95 -10.47
C ASP A 964 -53.32 -26.72 -11.16
N PHE A 965 -52.51 -25.83 -10.60
CA PHE A 965 -51.14 -25.58 -11.05
C PHE A 965 -51.08 -25.07 -12.50
N VAL A 966 -51.95 -24.12 -12.81
CA VAL A 966 -52.01 -23.48 -14.14
C VAL A 966 -51.48 -22.06 -14.00
N VAL A 967 -50.45 -21.72 -14.79
CA VAL A 967 -49.81 -20.40 -14.69
C VAL A 967 -50.11 -19.59 -15.95
N GLU A 968 -50.79 -18.46 -15.77
CA GLU A 968 -51.02 -17.53 -16.86
C GLU A 968 -49.78 -16.67 -17.07
N LEU A 969 -49.65 -16.16 -18.30
CA LEU A 969 -48.52 -15.32 -18.69
C LEU A 969 -48.99 -14.28 -19.69
N GLY A 970 -48.75 -13.01 -19.37
CA GLY A 970 -48.97 -11.95 -20.33
C GLY A 970 -47.70 -11.66 -21.11
N PRO A 971 -47.81 -10.85 -22.16
CA PRO A 971 -46.62 -10.48 -22.95
C PRO A 971 -45.47 -9.99 -22.09
N MET A 972 -44.28 -10.50 -22.38
CA MET A 972 -43.01 -10.15 -21.74
C MET A 972 -42.94 -10.58 -20.27
N GLU A 973 -43.95 -11.23 -19.73
CA GLU A 973 -43.86 -11.65 -18.34
C GLU A 973 -42.89 -12.83 -18.20
N ILE A 974 -42.24 -12.89 -17.05
CA ILE A 974 -41.44 -14.04 -16.64
C ILE A 974 -41.88 -14.41 -15.23
N ARG A 975 -42.25 -15.67 -15.02
CA ARG A 975 -42.68 -16.10 -13.69
C ARG A 975 -41.77 -17.21 -13.19
N THR A 976 -41.44 -17.14 -11.91
CA THR A 976 -40.43 -17.97 -11.28
C THR A 976 -41.05 -18.71 -10.12
N PHE A 977 -40.76 -20.01 -10.01
CA PHE A 977 -41.41 -20.87 -9.04
C PHE A 977 -40.40 -21.79 -8.38
N LEU A 978 -40.64 -22.07 -7.11
CA LEU A 978 -39.97 -23.13 -6.38
C LEU A 978 -40.98 -24.27 -6.23
N LEU A 979 -40.58 -25.47 -6.65
CA LEU A 979 -41.45 -26.63 -6.66
C LEU A 979 -40.83 -27.72 -5.79
N GLN A 980 -41.71 -28.59 -5.29
CA GLN A 980 -41.29 -29.79 -4.58
C GLN A 980 -42.05 -30.98 -5.15
N PHE A 981 -41.34 -32.09 -5.33
CA PHE A 981 -41.93 -33.30 -5.88
C PHE A 981 -41.90 -34.44 -4.87
N MET B 1 -9.64 -22.55 7.07
CA MET B 1 -8.59 -23.48 7.47
C MET B 1 -7.85 -22.93 8.69
N LYS B 2 -7.37 -23.80 9.56
CA LYS B 2 -6.58 -23.35 10.71
C LYS B 2 -5.13 -23.77 10.53
N TYR B 3 -4.23 -22.85 10.84
CA TYR B 3 -2.81 -22.97 10.60
C TYR B 3 -2.07 -23.18 11.92
N ASN B 4 -1.15 -24.16 11.94
CA ASN B 4 -0.40 -24.50 13.17
C ASN B 4 0.69 -23.46 13.39
N THR B 5 0.29 -22.31 13.91
CA THR B 5 1.21 -21.20 14.10
C THR B 5 1.93 -21.25 15.45
N GLY B 6 1.59 -22.20 16.31
CA GLY B 6 2.13 -22.30 17.66
C GLY B 6 3.44 -23.04 17.77
N ALA B 7 4.09 -23.31 16.65
CA ALA B 7 5.35 -24.04 16.66
C ALA B 7 6.38 -23.38 17.56
N GLY B 8 7.18 -24.23 18.22
CA GLY B 8 8.34 -23.83 18.97
C GLY B 8 9.61 -24.39 18.34
N THR B 9 10.75 -24.24 18.99
CA THR B 9 11.98 -24.79 18.44
C THR B 9 11.99 -26.31 18.56
N VAL B 10 12.70 -26.97 17.65
CA VAL B 10 12.86 -28.42 17.72
C VAL B 10 14.35 -28.72 17.65
N PRO B 11 14.83 -29.64 18.49
CA PRO B 11 16.29 -29.77 18.65
C PRO B 11 16.99 -30.35 17.44
N GLU B 12 16.37 -31.23 16.67
CA GLU B 12 17.13 -31.97 15.67
C GLU B 12 17.03 -31.34 14.29
N GLN B 13 16.61 -30.10 14.20
CA GLN B 13 16.41 -29.42 12.92
C GLN B 13 16.99 -28.02 13.00
N LEU B 14 17.22 -27.45 11.83
CA LEU B 14 17.49 -26.02 11.72
C LEU B 14 16.22 -25.24 12.07
N ASN B 15 16.33 -24.27 12.99
CA ASN B 15 15.19 -23.47 13.41
C ASN B 15 15.33 -22.05 12.89
N VAL B 16 14.33 -21.58 12.15
CA VAL B 16 14.26 -20.22 11.60
C VAL B 16 13.32 -19.42 12.49
N HIS B 17 13.88 -18.53 13.30
CA HIS B 17 13.11 -17.65 14.17
C HIS B 17 12.64 -16.43 13.35
N LEU B 18 11.34 -16.36 13.08
CA LEU B 18 10.75 -15.27 12.30
C LEU B 18 10.42 -14.11 13.23
N VAL B 19 11.08 -12.97 13.04
CA VAL B 19 10.95 -11.85 13.95
C VAL B 19 10.35 -10.68 13.18
N PRO B 20 9.04 -10.43 13.34
CA PRO B 20 8.39 -9.28 12.68
C PRO B 20 8.73 -7.98 13.36
N HIS B 21 9.06 -6.98 12.54
CA HIS B 21 9.50 -5.68 13.03
C HIS B 21 9.24 -4.64 11.95
N SER B 22 9.28 -3.37 12.36
CA SER B 22 9.15 -2.22 11.46
C SER B 22 10.20 -1.21 11.88
N HIS B 23 11.16 -0.92 11.01
CA HIS B 23 12.21 0.03 11.35
C HIS B 23 11.65 1.42 11.14
N ASP B 24 11.44 2.16 12.21
CA ASP B 24 10.74 3.44 12.15
C ASP B 24 11.69 4.57 12.56
N ASP B 25 12.20 5.28 11.57
CA ASP B 25 13.12 6.39 11.87
C ASP B 25 12.38 7.51 12.58
N VAL B 26 12.94 7.98 13.69
CA VAL B 26 12.33 9.09 14.39
C VAL B 26 12.73 10.36 13.67
N GLY B 27 12.13 10.58 12.49
CA GLY B 27 12.57 11.61 11.57
C GLY B 27 13.67 11.15 10.65
N TRP B 28 13.60 11.52 9.36
CA TRP B 28 14.68 11.27 8.42
C TRP B 28 14.33 11.97 7.11
N LEU B 29 13.57 11.32 6.22
CA LEU B 29 13.07 12.03 5.06
C LEU B 29 11.87 12.87 5.39
N LYS B 30 11.10 12.48 6.40
CA LYS B 30 9.97 13.23 6.90
C LYS B 30 10.20 13.54 8.38
N THR B 31 9.43 14.49 8.92
CA THR B 31 9.59 14.75 10.34
C THR B 31 8.95 13.63 11.14
N VAL B 32 9.19 13.64 12.45
CA VAL B 32 8.64 12.58 13.31
C VAL B 32 7.11 12.61 13.27
N ASP B 33 6.50 13.79 13.30
CA ASP B 33 5.04 13.80 13.30
C ASP B 33 4.49 13.44 11.92
N GLN B 34 5.17 13.82 10.84
CA GLN B 34 4.72 13.40 9.51
C GLN B 34 4.83 11.88 9.37
N TYR B 35 5.94 11.31 9.85
CA TYR B 35 6.06 9.86 9.87
C TYR B 35 4.94 9.24 10.67
N TYR B 36 4.61 9.84 11.82
CA TYR B 36 3.57 9.26 12.64
C TYR B 36 2.22 9.26 11.91
N VAL B 37 1.77 10.42 11.47
CA VAL B 37 0.41 10.51 10.93
C VAL B 37 0.33 10.09 9.48
N GLY B 38 1.47 9.87 8.81
CA GLY B 38 1.47 9.45 7.43
C GLY B 38 1.20 10.53 6.40
N SER B 39 1.60 11.76 6.69
CA SER B 39 1.47 12.84 5.71
C SER B 39 2.72 12.91 4.84
N GLU B 40 2.65 13.68 3.76
CA GLU B 40 3.78 13.88 2.83
C GLU B 40 4.28 12.55 2.26
N ASN B 41 3.34 11.65 1.96
CA ASN B 41 3.74 10.36 1.39
C ASN B 41 4.45 10.51 0.04
N TYR B 42 4.28 11.64 -0.66
CA TYR B 42 5.08 11.86 -1.87
C TYR B 42 6.57 11.88 -1.58
N ILE B 43 6.97 12.18 -0.36
CA ILE B 43 8.39 12.14 -0.02
C ILE B 43 8.83 10.70 0.23
N GLN B 44 8.03 9.98 1.02
CA GLN B 44 8.31 8.60 1.39
C GLN B 44 7.01 8.01 1.92
N GLU B 45 6.65 6.83 1.43
CA GLU B 45 5.42 6.20 1.90
C GLU B 45 5.69 5.57 3.26
N ALA B 46 5.13 6.16 4.31
CA ALA B 46 5.46 5.78 5.67
C ALA B 46 4.49 6.41 6.66
N CYS B 47 3.85 5.57 7.47
CA CYS B 47 2.87 6.01 8.44
C CYS B 47 2.98 5.07 9.64
N VAL B 48 3.50 5.57 10.76
CA VAL B 48 3.69 4.69 11.92
C VAL B 48 2.36 4.41 12.62
N GLU B 49 1.40 5.35 12.58
CA GLU B 49 0.09 5.05 13.12
C GLU B 49 -0.48 3.76 12.51
N ASN B 50 -0.34 3.60 11.18
CA ASN B 50 -0.85 2.39 10.57
C ASN B 50 -0.13 1.14 11.11
N VAL B 51 1.19 1.25 11.32
CA VAL B 51 1.94 0.12 11.85
C VAL B 51 1.35 -0.36 13.17
N LEU B 52 1.17 0.55 14.13
CA LEU B 52 0.69 0.16 15.45
C LEU B 52 -0.79 -0.24 15.42
N ASP B 53 -1.64 0.53 14.71
CA ASP B 53 -3.03 0.13 14.52
C ASP B 53 -3.14 -1.30 13.99
N SER B 54 -2.45 -1.59 12.90
CA SER B 54 -2.69 -2.86 12.21
C SER B 54 -1.94 -4.00 12.87
N VAL B 55 -0.77 -3.76 13.48
CA VAL B 55 -0.10 -4.82 14.23
C VAL B 55 -0.96 -5.28 15.39
N VAL B 56 -1.61 -4.34 16.08
CA VAL B 56 -2.45 -4.73 17.22
C VAL B 56 -3.66 -5.53 16.73
N MET B 57 -4.24 -5.15 15.60
CA MET B 57 -5.30 -5.96 15.03
C MET B 57 -4.78 -7.36 14.62
N SER B 58 -3.62 -7.42 13.98
CA SER B 58 -3.14 -8.73 13.53
C SER B 58 -2.78 -9.63 14.70
N LEU B 59 -2.09 -9.09 15.74
CA LEU B 59 -1.76 -9.91 16.91
C LEU B 59 -3.02 -10.43 17.60
N GLN B 60 -4.08 -9.62 17.62
CA GLN B 60 -5.31 -10.06 18.27
C GLN B 60 -5.94 -11.27 17.56
N ARG B 61 -5.75 -11.41 16.25
CA ARG B 61 -6.37 -12.52 15.51
C ARG B 61 -5.80 -13.88 15.89
N ASP B 62 -4.54 -13.94 16.28
CA ASP B 62 -3.93 -15.24 16.59
C ASP B 62 -2.91 -15.08 17.70
N PRO B 63 -3.16 -15.70 18.86
CA PRO B 63 -2.28 -15.52 20.02
C PRO B 63 -0.85 -16.00 19.80
N ASN B 64 -0.58 -16.72 18.72
CA ASN B 64 0.77 -17.24 18.49
C ASN B 64 1.65 -16.25 17.74
N ARG B 65 1.06 -15.24 17.11
CA ARG B 65 1.82 -14.23 16.40
C ARG B 65 2.57 -13.33 17.37
N LYS B 66 3.74 -12.84 16.92
CA LYS B 66 4.56 -11.94 17.69
C LYS B 66 4.99 -10.78 16.81
N PHE B 67 5.36 -9.67 17.45
CA PHE B 67 5.89 -8.49 16.78
C PHE B 67 6.80 -7.75 17.78
N VAL B 68 7.89 -7.15 17.30
CA VAL B 68 8.74 -6.36 18.20
C VAL B 68 8.73 -4.90 17.78
N PHE B 69 8.64 -4.00 18.77
CA PHE B 69 8.65 -2.57 18.54
C PHE B 69 9.65 -1.88 19.46
N GLY B 70 10.29 -0.83 18.97
CA GLY B 70 11.37 -0.18 19.70
C GLY B 70 11.17 1.26 20.12
N GLU B 71 10.72 2.14 19.21
CA GLU B 71 10.88 3.59 19.36
C GLU B 71 9.71 4.17 20.14
N MET B 72 9.93 4.45 21.42
CA MET B 72 8.87 4.97 22.26
C MET B 72 8.47 6.38 21.89
N ALA B 73 9.32 7.14 21.20
CA ALA B 73 8.85 8.43 20.69
C ALA B 73 7.58 8.28 19.88
N PHE B 74 7.53 7.24 19.02
CA PHE B 74 6.32 6.96 18.25
C PHE B 74 5.26 6.26 19.10
N PHE B 75 5.68 5.25 19.87
CA PHE B 75 4.70 4.50 20.65
C PHE B 75 3.93 5.40 21.59
N HIS B 76 4.62 6.36 22.22
CA HIS B 76 3.94 7.23 23.19
C HIS B 76 2.99 8.19 22.50
N ARG B 77 3.37 8.76 21.36
CA ARG B 77 2.43 9.57 20.60
C ARG B 77 1.19 8.77 20.24
N TRP B 78 1.37 7.51 19.84
CA TRP B 78 0.21 6.68 19.49
C TRP B 78 -0.62 6.36 20.73
N TRP B 79 0.05 6.03 21.85
CA TRP B 79 -0.64 5.60 23.06
C TRP B 79 -1.65 6.62 23.55
N LEU B 80 -1.29 7.90 23.47
CA LEU B 80 -2.17 8.92 24.03
C LEU B 80 -3.42 9.14 23.19
N GLU B 81 -3.44 8.69 21.93
CA GLU B 81 -4.63 8.78 21.09
C GLU B 81 -5.54 7.55 21.21
N GLN B 82 -5.09 6.48 21.89
CA GLN B 82 -5.85 5.24 21.89
C GLN B 82 -6.98 5.29 22.93
N THR B 83 -8.03 4.52 22.65
CA THR B 83 -9.17 4.43 23.53
C THR B 83 -8.82 3.55 24.74
N PRO B 84 -9.65 3.57 25.78
CA PRO B 84 -9.41 2.64 26.90
C PRO B 84 -9.46 1.17 26.48
N GLU B 85 -10.34 0.80 25.54
CA GLU B 85 -10.41 -0.60 25.13
C GLU B 85 -9.12 -1.03 24.44
N THR B 86 -8.60 -0.19 23.53
CA THR B 86 -7.36 -0.53 22.85
C THR B 86 -6.19 -0.65 23.82
N LYS B 87 -6.11 0.28 24.79
CA LYS B 87 -5.06 0.23 25.79
C LYS B 87 -5.13 -1.08 26.56
N GLU B 88 -6.33 -1.46 26.98
CA GLU B 88 -6.52 -2.74 27.66
C GLU B 88 -6.08 -3.90 26.77
N LEU B 89 -6.45 -3.87 25.49
CA LEU B 89 -6.02 -4.94 24.58
C LEU B 89 -4.52 -4.99 24.46
N VAL B 90 -3.87 -3.82 24.34
CA VAL B 90 -2.41 -3.78 24.23
C VAL B 90 -1.75 -4.35 25.49
N ARG B 91 -2.30 -4.03 26.68
CA ARG B 91 -1.73 -4.61 27.90
C ARG B 91 -1.82 -6.14 27.88
N LYS B 92 -2.89 -6.68 27.32
CA LYS B 92 -3.00 -8.13 27.23
C LYS B 92 -2.00 -8.70 26.24
N LEU B 93 -1.79 -8.01 25.11
CA LEU B 93 -0.83 -8.50 24.13
C LEU B 93 0.59 -8.45 24.67
N VAL B 94 0.92 -7.38 25.40
CA VAL B 94 2.27 -7.28 25.98
C VAL B 94 2.46 -8.32 27.08
N LYS B 95 1.42 -8.55 27.89
CA LYS B 95 1.55 -9.50 29.00
C LYS B 95 1.70 -10.93 28.49
N ALA B 96 1.04 -11.27 27.38
CA ALA B 96 1.13 -12.59 26.78
C ALA B 96 2.43 -12.82 26.01
N GLY B 97 3.27 -11.79 25.86
CA GLY B 97 4.46 -11.91 25.04
C GLY B 97 4.25 -11.75 23.54
N GLN B 98 3.07 -11.32 23.10
CA GLN B 98 2.84 -11.15 21.66
C GLN B 98 3.48 -9.88 21.09
N LEU B 99 3.38 -8.77 21.81
CA LEU B 99 4.12 -7.56 21.50
C LEU B 99 5.28 -7.45 22.48
N GLU B 100 6.50 -7.47 21.99
CA GLU B 100 7.69 -7.35 22.81
C GLU B 100 8.42 -6.07 22.45
N PHE B 101 8.84 -5.31 23.47
CA PHE B 101 9.63 -4.13 23.23
C PHE B 101 11.11 -4.51 23.19
N VAL B 102 11.77 -4.15 22.11
CA VAL B 102 13.20 -4.30 21.99
C VAL B 102 13.80 -2.90 22.02
N ASN B 103 15.04 -2.78 22.52
CA ASN B 103 15.65 -1.49 22.80
C ASN B 103 14.79 -0.76 23.83
N GLY B 104 13.71 -0.11 23.40
CA GLY B 104 12.80 0.51 24.33
C GLY B 104 13.12 1.93 24.70
N GLY B 105 14.18 2.51 24.13
CA GLY B 105 14.46 3.92 24.31
C GLY B 105 13.46 4.78 23.53
N TRP B 106 13.61 6.09 23.67
CA TRP B 106 12.76 7.02 22.92
C TRP B 106 13.00 6.86 21.41
N CYS B 107 14.24 6.63 21.02
CA CYS B 107 14.61 6.41 19.64
C CYS B 107 15.64 5.29 19.61
N MET B 108 16.16 5.00 18.42
CA MET B 108 17.30 4.12 18.22
C MET B 108 18.47 5.06 17.93
N HIS B 109 19.30 5.32 18.95
CA HIS B 109 20.25 6.40 18.86
C HIS B 109 21.43 6.04 17.97
N ASP B 110 21.99 7.07 17.35
CA ASP B 110 23.32 6.94 16.77
C ASP B 110 24.29 6.55 17.88
N GLU B 111 25.36 5.86 17.51
CA GLU B 111 26.38 5.53 18.48
C GLU B 111 27.68 6.25 18.23
N ALA B 112 27.81 6.97 17.11
CA ALA B 112 29.03 7.74 16.86
C ALA B 112 28.98 9.12 17.53
N THR B 113 27.92 9.89 17.27
CA THR B 113 27.90 11.32 17.60
C THR B 113 27.10 11.66 18.84
N THR B 114 26.79 10.66 19.67
CA THR B 114 25.96 10.84 20.85
C THR B 114 26.83 10.77 22.11
N HIS B 115 26.37 11.46 23.15
CA HIS B 115 27.03 11.46 24.45
C HIS B 115 26.31 10.51 25.39
N TYR B 116 27.08 9.82 26.26
CA TYR B 116 26.48 8.74 27.05
C TYR B 116 25.38 9.25 27.98
N ILE B 117 25.45 10.52 28.40
CA ILE B 117 24.42 11.06 29.27
C ILE B 117 23.11 11.18 28.51
N ASP B 118 23.16 11.62 27.27
CA ASP B 118 21.94 11.72 26.47
C ASP B 118 21.41 10.34 26.12
N MET B 119 22.30 9.38 25.89
CA MET B 119 21.88 8.01 25.62
C MET B 119 21.12 7.45 26.81
N ILE B 120 21.65 7.67 28.01
CA ILE B 120 20.99 7.17 29.21
C ILE B 120 19.65 7.86 29.40
N ASP B 121 19.60 9.20 29.19
CA ASP B 121 18.39 9.96 29.45
C ASP B 121 17.21 9.48 28.60
N HIS B 122 17.38 9.41 27.27
CA HIS B 122 16.22 9.04 26.43
C HIS B 122 15.86 7.57 26.61
N THR B 123 16.85 6.71 26.87
CA THR B 123 16.57 5.30 27.16
C THR B 123 15.76 5.16 28.45
N THR B 124 16.11 5.95 29.48
CA THR B 124 15.31 6.00 30.72
C THR B 124 13.89 6.50 30.45
N LEU B 125 13.74 7.56 29.65
CA LEU B 125 12.40 8.06 29.31
C LEU B 125 11.53 6.96 28.72
N GLY B 126 12.07 6.18 27.77
CA GLY B 126 11.29 5.07 27.21
C GLY B 126 11.09 3.94 28.19
N HIS B 127 12.15 3.54 28.91
CA HIS B 127 12.05 2.38 29.80
C HIS B 127 11.13 2.64 30.98
N ARG B 128 11.07 3.90 31.47
CA ARG B 128 10.17 4.20 32.57
C ARG B 128 8.73 4.09 32.14
N PHE B 129 8.43 4.53 30.91
CA PHE B 129 7.09 4.36 30.37
C PHE B 129 6.73 2.88 30.22
N ILE B 130 7.66 2.08 29.68
CA ILE B 130 7.41 0.67 29.49
C ILE B 130 7.16 -0.02 30.81
N GLN B 131 7.97 0.30 31.84
CA GLN B 131 7.80 -0.33 33.15
C GLN B 131 6.48 0.06 33.79
N GLU B 132 6.13 1.36 33.74
CA GLU B 132 4.91 1.83 34.38
C GLU B 132 3.66 1.27 33.68
N GLN B 133 3.63 1.30 32.36
CA GLN B 133 2.39 0.87 31.70
C GLN B 133 2.26 -0.65 31.65
N PHE B 134 3.37 -1.38 31.53
CA PHE B 134 3.30 -2.81 31.22
C PHE B 134 4.09 -3.70 32.16
N ASN B 135 4.82 -3.13 33.12
CA ASN B 135 5.66 -3.92 34.02
C ASN B 135 6.61 -4.81 33.25
N LYS B 136 7.26 -4.23 32.23
CA LYS B 136 8.16 -4.99 31.39
C LYS B 136 9.54 -4.37 31.36
N ILE B 137 10.53 -5.24 31.21
CA ILE B 137 11.95 -4.89 31.17
C ILE B 137 12.46 -5.44 29.83
N PRO B 138 12.85 -4.60 28.88
CA PRO B 138 13.38 -5.14 27.62
C PRO B 138 14.68 -5.88 27.88
N ARG B 139 14.87 -6.99 27.18
CA ARG B 139 16.07 -7.80 27.33
C ARG B 139 16.94 -7.86 26.09
N ALA B 140 16.48 -7.34 24.95
CA ALA B 140 17.25 -7.33 23.72
C ALA B 140 17.49 -5.90 23.29
N GLY B 141 18.74 -5.57 22.97
CA GLY B 141 19.02 -4.28 22.36
C GLY B 141 18.80 -4.34 20.85
N TRP B 142 18.29 -3.24 20.31
CA TRP B 142 17.91 -3.21 18.90
C TRP B 142 18.64 -2.01 18.30
N GLN B 143 19.74 -2.29 17.65
CA GLN B 143 20.56 -1.28 17.01
C GLN B 143 20.74 -1.62 15.54
N ILE B 144 19.63 -1.96 14.87
CA ILE B 144 19.77 -2.59 13.55
C ILE B 144 20.33 -1.64 12.51
N ASP B 145 20.19 -0.31 12.68
CA ASP B 145 20.56 0.63 11.62
C ASP B 145 21.79 1.50 11.86
N PRO B 146 22.16 1.90 13.09
CA PRO B 146 23.28 2.85 13.27
C PRO B 146 24.58 2.47 12.57
N PHE B 147 25.31 3.49 12.12
CA PHE B 147 26.38 3.35 11.12
C PHE B 147 27.71 3.15 11.85
N GLY B 148 27.91 1.91 12.30
CA GLY B 148 28.98 1.62 13.23
C GLY B 148 28.44 1.49 14.65
N HIS B 149 29.28 0.95 15.54
CA HIS B 149 28.83 0.69 16.91
C HIS B 149 29.96 0.98 17.88
N SER B 150 29.60 1.58 19.02
CA SER B 150 30.57 2.05 19.99
C SER B 150 30.73 1.07 21.15
N ALA B 151 31.91 1.11 21.80
CA ALA B 151 32.15 0.17 22.91
C ALA B 151 31.17 0.42 24.05
N VAL B 152 30.79 1.67 24.24
CA VAL B 152 29.84 2.04 25.26
C VAL B 152 28.44 1.49 24.95
N GLN B 153 28.08 1.38 23.67
CA GLN B 153 26.83 0.73 23.31
C GLN B 153 26.81 -0.71 23.83
N GLY B 154 27.87 -1.47 23.61
CA GLY B 154 27.96 -2.82 24.12
C GLY B 154 27.84 -2.98 25.62
N TYR B 155 28.71 -2.31 26.39
CA TYR B 155 28.79 -2.59 27.82
C TYR B 155 27.85 -1.73 28.66
N LEU B 156 27.65 -0.47 28.28
CA LEU B 156 26.87 0.44 29.10
C LEU B 156 25.41 0.52 28.65
N LEU B 157 25.18 0.81 27.37
CA LEU B 157 23.82 0.81 26.83
C LEU B 157 23.39 -0.57 26.34
N GLY B 158 24.10 -1.59 26.77
CA GLY B 158 23.67 -2.96 26.53
C GLY B 158 23.68 -3.75 27.83
N ALA B 159 24.87 -4.25 28.19
CA ALA B 159 24.98 -5.12 29.36
C ALA B 159 24.40 -4.46 30.61
N GLU B 160 24.83 -3.23 30.93
CA GLU B 160 24.40 -2.58 32.17
C GLU B 160 22.91 -2.24 32.19
N LEU B 161 22.26 -2.15 31.02
CA LEU B 161 20.82 -1.97 30.98
C LEU B 161 20.06 -3.21 31.42
N GLY B 162 20.73 -4.36 31.49
CA GLY B 162 20.06 -5.62 31.65
C GLY B 162 19.71 -6.32 30.34
N PHE B 163 20.37 -5.97 29.24
CA PHE B 163 20.13 -6.63 27.96
C PHE B 163 21.03 -7.86 27.89
N ASP B 164 20.47 -8.99 27.45
CA ASP B 164 21.32 -10.16 27.19
C ASP B 164 21.96 -10.13 25.81
N SER B 165 21.39 -9.37 24.87
CA SER B 165 21.88 -9.36 23.50
C SER B 165 21.72 -7.97 22.90
N VAL B 166 22.44 -7.73 21.83
CA VAL B 166 22.23 -6.56 20.99
C VAL B 166 22.39 -7.02 19.56
N HIS B 167 21.55 -6.47 18.68
CA HIS B 167 21.44 -6.93 17.31
C HIS B 167 21.65 -5.75 16.37
N PHE B 168 22.42 -5.97 15.31
CA PHE B 168 22.71 -4.89 14.38
C PHE B 168 23.04 -5.46 13.01
N ALA B 169 22.78 -4.67 11.97
CA ALA B 169 23.03 -5.11 10.61
C ALA B 169 24.34 -4.59 10.05
N ARG B 170 24.81 -3.42 10.48
CA ARG B 170 25.93 -2.77 9.82
C ARG B 170 27.22 -3.08 10.56
N ILE B 171 28.18 -3.65 9.83
CA ILE B 171 29.59 -3.74 10.22
C ILE B 171 30.39 -3.50 8.95
N ASP B 172 31.67 -3.20 9.12
CA ASP B 172 32.54 -2.90 7.98
C ASP B 172 32.46 -4.02 6.95
N TYR B 173 32.45 -3.65 5.65
CA TYR B 173 32.22 -4.65 4.59
C TYR B 173 33.35 -5.66 4.51
N GLN B 174 34.59 -5.25 4.84
CA GLN B 174 35.72 -6.18 4.89
C GLN B 174 35.63 -7.09 6.11
N ASP B 175 35.32 -6.52 7.27
CA ASP B 175 35.03 -7.31 8.47
C ASP B 175 33.95 -8.37 8.22
N ARG B 176 32.87 -7.97 7.51
CA ARG B 176 31.75 -8.88 7.28
C ARG B 176 32.19 -10.12 6.51
N GLU B 177 33.00 -9.93 5.47
CA GLU B 177 33.51 -11.07 4.71
C GLU B 177 34.27 -12.03 5.60
N LYS B 178 35.15 -11.51 6.46
CA LYS B 178 35.88 -12.41 7.35
C LYS B 178 34.94 -13.11 8.31
N ARG B 179 33.95 -12.38 8.84
CA ARG B 179 33.11 -12.96 9.88
C ARG B 179 32.18 -14.02 9.31
N LYS B 180 31.80 -13.89 8.04
CA LYS B 180 31.09 -14.98 7.38
C LYS B 180 31.97 -16.22 7.28
N ALA B 181 33.20 -16.05 6.78
CA ALA B 181 34.11 -17.17 6.63
C ALA B 181 34.40 -17.85 7.96
N GLU B 182 34.48 -17.09 9.04
CA GLU B 182 34.82 -17.70 10.32
C GLU B 182 33.62 -17.94 11.21
N LYS B 183 32.41 -17.68 10.71
CA LYS B 183 31.20 -17.79 11.51
C LYS B 183 31.35 -17.02 12.81
N SER B 184 31.85 -15.80 12.69
CA SER B 184 31.99 -14.92 13.84
C SER B 184 31.13 -13.68 13.68
N LEU B 185 29.99 -13.80 12.97
CA LEU B 185 29.02 -12.71 12.96
C LEU B 185 28.46 -12.50 14.36
N GLU B 186 28.27 -13.58 15.11
CA GLU B 186 27.75 -13.50 16.47
C GLU B 186 28.88 -13.75 17.46
N VAL B 187 29.00 -12.88 18.44
CA VAL B 187 30.13 -12.87 19.35
C VAL B 187 29.62 -12.60 20.76
N VAL B 188 30.49 -12.83 21.72
CA VAL B 188 30.33 -12.23 23.04
C VAL B 188 31.23 -11.01 23.08
N TRP B 189 30.60 -9.85 23.21
CA TRP B 189 31.26 -8.56 23.11
C TRP B 189 31.54 -8.02 24.50
N ARG B 190 32.79 -7.64 24.75
CA ARG B 190 33.21 -7.02 26.01
C ARG B 190 33.72 -5.62 25.66
N GLY B 191 32.81 -4.66 25.67
CA GLY B 191 33.18 -3.30 25.28
C GLY B 191 34.04 -2.55 26.29
N SER B 192 33.98 -2.93 27.56
CA SER B 192 34.71 -2.21 28.59
C SER B 192 36.01 -2.92 28.94
N LYS B 193 37.14 -2.24 28.75
CA LYS B 193 38.42 -2.73 29.27
C LYS B 193 38.34 -2.98 30.76
N THR B 194 37.63 -2.11 31.46
CA THR B 194 37.52 -2.16 32.91
C THR B 194 36.70 -3.35 33.39
N PHE B 195 35.49 -3.51 32.87
CA PHE B 195 34.60 -4.52 33.42
C PHE B 195 34.74 -5.88 32.75
N GLY B 196 35.23 -5.92 31.51
CA GLY B 196 35.41 -7.20 30.84
C GLY B 196 34.14 -8.03 30.80
N SER B 197 34.26 -9.31 31.23
CA SER B 197 33.14 -10.24 31.20
C SER B 197 32.04 -9.93 32.21
N SER B 198 32.26 -9.01 33.15
CA SER B 198 31.18 -8.61 34.05
C SER B 198 30.17 -7.69 33.37
N ALA B 199 30.49 -7.16 32.18
CA ALA B 199 29.57 -6.32 31.41
C ALA B 199 29.68 -6.73 29.95
N GLN B 200 29.40 -8.01 29.69
CA GLN B 200 29.41 -8.57 28.35
C GLN B 200 27.98 -8.78 27.87
N ILE B 201 27.86 -9.02 26.56
CA ILE B 201 26.58 -9.05 25.86
C ILE B 201 26.75 -9.89 24.60
N PHE B 202 25.71 -10.63 24.25
CA PHE B 202 25.68 -11.36 22.99
C PHE B 202 25.42 -10.36 21.86
N ALA B 203 26.37 -10.24 20.93
CA ALA B 203 26.31 -9.25 19.84
C ALA B 203 26.08 -9.99 18.53
N ASN B 204 24.94 -9.75 17.91
CA ASN B 204 24.51 -10.48 16.72
C ASN B 204 24.55 -9.52 15.54
N ALA B 205 25.57 -9.64 14.70
CA ALA B 205 25.63 -8.87 13.46
C ALA B 205 24.96 -9.66 12.34
N PHE B 206 23.94 -9.07 11.72
CA PHE B 206 23.16 -9.80 10.71
C PHE B 206 24.03 -10.13 9.49
N PRO B 207 23.71 -11.20 8.77
CA PRO B 207 24.47 -11.51 7.55
C PRO B 207 24.60 -10.34 6.58
N GLY B 208 23.57 -9.51 6.45
CA GLY B 208 23.62 -8.47 5.45
C GLY B 208 22.76 -7.23 5.68
N HIS B 209 21.45 -7.43 5.87
CA HIS B 209 20.51 -6.33 5.98
C HIS B 209 19.58 -6.64 7.14
N TYR B 210 18.79 -5.65 7.57
CA TYR B 210 17.78 -5.97 8.57
C TYR B 210 16.42 -6.29 7.97
N GLY B 211 16.35 -6.58 6.68
CA GLY B 211 15.12 -7.03 6.08
C GLY B 211 15.12 -8.53 5.87
N PRO B 212 14.09 -9.03 5.18
CA PRO B 212 13.93 -10.49 5.02
C PRO B 212 14.75 -11.02 3.86
N PRO B 213 14.90 -12.34 3.74
CA PRO B 213 15.51 -12.89 2.52
C PRO B 213 14.72 -12.47 1.29
N ASN B 214 15.45 -12.35 0.16
CA ASN B 214 14.84 -12.00 -1.12
CA ASN B 214 14.83 -12.01 -1.12
C ASN B 214 13.56 -12.81 -1.36
N GLY B 215 12.48 -12.10 -1.69
CA GLY B 215 11.17 -12.71 -1.93
C GLY B 215 10.33 -12.92 -0.71
N PHE B 216 10.74 -12.40 0.44
CA PHE B 216 9.97 -12.57 1.67
C PHE B 216 9.62 -11.23 2.32
N ASN B 217 9.62 -10.16 1.55
CA ASN B 217 9.00 -8.91 1.97
C ASN B 217 7.54 -8.95 1.56
N PHE B 218 6.63 -8.82 2.54
CA PHE B 218 5.21 -9.03 2.27
C PHE B 218 4.38 -7.77 2.47
N GLU B 219 4.95 -6.59 2.23
CA GLU B 219 4.19 -5.36 2.44
C GLU B 219 3.06 -5.21 1.42
N VAL B 220 1.91 -4.73 1.89
CA VAL B 220 0.77 -4.53 1.01
C VAL B 220 1.18 -3.66 -0.17
N ARG B 221 0.70 -4.06 -1.33
CA ARG B 221 0.95 -3.48 -2.66
C ARG B 221 2.32 -3.82 -3.25
N ASN B 222 3.22 -4.50 -2.53
CA ASN B 222 4.47 -4.97 -3.12
C ASN B 222 4.24 -6.22 -3.98
N ASN B 223 5.17 -6.48 -4.91
CA ASN B 223 5.04 -7.60 -5.84
C ASN B 223 5.79 -8.83 -5.32
N PHE B 224 5.23 -9.44 -4.28
CA PHE B 224 5.73 -10.71 -3.77
C PHE B 224 4.86 -11.83 -4.28
N VAL B 225 5.33 -13.07 -4.12
CA VAL B 225 4.58 -14.25 -4.52
C VAL B 225 3.77 -14.73 -3.30
N PRO B 226 2.45 -14.59 -3.31
CA PRO B 226 1.66 -15.13 -2.20
C PRO B 226 1.66 -16.65 -2.22
N LEU B 227 1.62 -17.23 -1.04
CA LEU B 227 1.53 -18.68 -0.92
C LEU B 227 0.06 -19.03 -1.11
N GLN B 228 -0.23 -19.74 -2.20
CA GLN B 228 -1.59 -20.06 -2.60
C GLN B 228 -1.83 -21.53 -2.25
N ASP B 229 -2.58 -21.77 -1.19
CA ASP B 229 -2.73 -23.14 -0.71
C ASP B 229 -4.18 -23.61 -0.76
N ASP B 230 -5.03 -22.91 -1.51
CA ASP B 230 -6.43 -23.28 -1.65
C ASP B 230 -6.59 -24.13 -2.90
N PRO B 231 -6.94 -25.43 -2.79
CA PRO B 231 -7.13 -26.26 -3.98
C PRO B 231 -8.35 -25.87 -4.80
N ARG B 232 -9.27 -25.07 -4.26
CA ARG B 232 -10.36 -24.59 -5.11
C ARG B 232 -9.95 -23.44 -6.03
N LEU B 233 -8.70 -22.97 -5.95
CA LEU B 233 -8.25 -21.88 -6.81
C LEU B 233 -7.09 -22.37 -7.67
N PHE B 234 -6.92 -21.75 -8.83
CA PHE B 234 -5.84 -22.15 -9.72
C PHE B 234 -4.48 -21.81 -9.10
N ASP B 235 -3.45 -22.50 -9.61
CA ASP B 235 -2.06 -22.11 -9.39
C ASP B 235 -1.65 -22.20 -7.91
N THR B 236 -1.97 -23.32 -7.25
CA THR B 236 -1.35 -23.56 -5.95
C THR B 236 0.17 -23.63 -6.08
N ASN B 237 0.89 -23.24 -5.01
CA ASN B 237 2.34 -23.16 -5.13
C ASN B 237 3.03 -23.49 -3.81
N VAL B 238 2.43 -24.37 -3.00
CA VAL B 238 2.96 -24.66 -1.67
C VAL B 238 4.40 -25.18 -1.75
N GLU B 239 4.63 -26.13 -2.66
CA GLU B 239 5.96 -26.75 -2.76
C GLU B 239 7.02 -25.72 -3.11
N GLU B 240 6.71 -24.87 -4.07
CA GLU B 240 7.64 -23.82 -4.50
C GLU B 240 8.03 -22.91 -3.34
N ARG B 241 7.03 -22.39 -2.63
CA ARG B 241 7.32 -21.44 -1.54
C ARG B 241 8.07 -22.13 -0.41
N VAL B 242 7.68 -23.36 -0.03
CA VAL B 242 8.41 -24.07 1.02
C VAL B 242 9.87 -24.24 0.64
N GLN B 243 10.13 -24.59 -0.63
CA GLN B 243 11.49 -24.72 -1.11
C GLN B 243 12.21 -23.37 -1.17
N ASN B 244 11.50 -22.30 -1.55
CA ASN B 244 12.11 -20.95 -1.48
C ASN B 244 12.58 -20.67 -0.07
N PHE B 245 11.74 -21.01 0.92
CA PHE B 245 12.07 -20.78 2.32
C PHE B 245 13.30 -21.58 2.73
N ILE B 246 13.33 -22.86 2.35
CA ILE B 246 14.40 -23.75 2.77
C ILE B 246 15.73 -23.28 2.18
N ASP B 247 15.72 -22.93 0.89
CA ASP B 247 16.95 -22.49 0.24
C ASP B 247 17.55 -21.28 0.92
N ALA B 248 16.70 -20.35 1.34
CA ALA B 248 17.19 -19.17 2.03
C ALA B 248 17.69 -19.52 3.42
N ALA B 249 17.01 -20.44 4.10
CA ALA B 249 17.44 -20.85 5.44
C ALA B 249 18.81 -21.55 5.38
N LEU B 250 18.97 -22.49 4.44
CA LEU B 250 20.23 -23.23 4.37
C LEU B 250 21.40 -22.33 4.00
N THR B 251 21.17 -21.35 3.13
CA THR B 251 22.24 -20.40 2.81
C THR B 251 22.70 -19.65 4.06
N GLN B 252 21.77 -19.16 4.86
CA GLN B 252 22.14 -18.46 6.08
C GLN B 252 22.77 -19.41 7.12
N ALA B 253 22.31 -20.66 7.17
CA ALA B 253 22.80 -21.62 8.18
C ALA B 253 24.29 -21.91 8.01
N LYS B 254 24.80 -21.82 6.78
CA LYS B 254 26.20 -22.10 6.49
C LYS B 254 27.15 -21.03 7.05
N ILE B 255 26.65 -19.86 7.43
CA ILE B 255 27.49 -18.82 8.00
C ILE B 255 27.12 -18.51 9.44
N THR B 256 26.34 -19.37 10.08
CA THR B 256 25.83 -19.14 11.42
C THR B 256 26.13 -20.35 12.30
N ARG B 257 26.58 -20.09 13.53
CA ARG B 257 26.78 -21.13 14.53
C ARG B 257 25.45 -21.57 15.12
N THR B 258 25.41 -22.84 15.56
CA THR B 258 24.26 -23.53 16.14
C THR B 258 23.15 -23.75 15.12
N ASN B 259 22.10 -24.47 15.52
CA ASN B 259 20.95 -24.78 14.68
C ASN B 259 19.82 -23.77 14.84
N HIS B 260 20.13 -22.50 15.11
CA HIS B 260 19.13 -21.44 15.19
C HIS B 260 19.60 -20.26 14.36
N ILE B 261 18.76 -19.80 13.44
CA ILE B 261 18.98 -18.56 12.73
C ILE B 261 17.76 -17.66 12.91
N MET B 262 17.97 -16.36 12.73
CA MET B 262 16.92 -15.36 12.88
C MET B 262 16.66 -14.68 11.55
N TRP B 263 15.40 -14.53 11.19
CA TRP B 263 15.00 -13.72 10.05
C TRP B 263 14.34 -12.46 10.60
N THR B 264 14.85 -11.31 10.18
CA THR B 264 14.26 -10.03 10.53
C THR B 264 13.18 -9.73 9.50
N MET B 265 11.92 -10.04 9.85
CA MET B 265 10.82 -10.01 8.90
C MET B 265 10.19 -8.62 8.91
N GLY B 266 10.82 -7.70 8.19
CA GLY B 266 10.39 -6.32 8.20
C GLY B 266 11.45 -5.46 7.54
N ASP B 267 11.19 -4.17 7.52
CA ASP B 267 12.07 -3.18 6.88
C ASP B 267 11.54 -1.80 7.25
N ASP B 268 12.08 -0.76 6.60
CA ASP B 268 11.75 0.63 6.92
C ASP B 268 10.26 0.89 6.79
N PHE B 269 9.64 1.31 7.89
CA PHE B 269 8.24 1.72 7.92
C PHE B 269 7.32 0.65 7.32
N GLN B 270 7.65 -0.63 7.49
CA GLN B 270 6.78 -1.70 7.00
C GLN B 270 5.70 -2.03 8.03
N TYR B 271 4.78 -2.90 7.61
CA TYR B 271 3.59 -3.30 8.36
C TYR B 271 2.55 -2.18 8.44
N GLN B 272 2.46 -1.34 7.39
CA GLN B 272 1.31 -0.42 7.31
C GLN B 272 0.01 -1.21 7.36
N TYR B 273 0.01 -2.39 6.72
CA TYR B 273 -1.09 -3.35 6.83
C TYR B 273 -0.46 -4.66 7.30
N ALA B 274 -0.42 -4.84 8.63
CA ALA B 274 0.35 -5.96 9.20
C ALA B 274 -0.14 -7.32 8.71
N GLU B 275 -1.46 -7.45 8.47
CA GLU B 275 -2.01 -8.75 8.09
C GLU B 275 -1.41 -9.28 6.81
N SER B 276 -0.94 -8.39 5.93
CA SER B 276 -0.27 -8.86 4.71
C SER B 276 0.98 -9.68 5.06
N TRP B 277 1.75 -9.24 6.06
CA TRP B 277 2.90 -10.03 6.49
C TRP B 277 2.46 -11.29 7.25
N PHE B 278 1.54 -11.13 8.21
CA PHE B 278 1.24 -12.27 9.08
C PHE B 278 0.54 -13.38 8.32
N LYS B 279 -0.23 -13.05 7.29
CA LYS B 279 -0.86 -14.10 6.47
C LYS B 279 0.17 -15.02 5.84
N GLN B 280 1.18 -14.44 5.18
CA GLN B 280 2.22 -15.25 4.58
C GLN B 280 3.03 -16.00 5.63
N MET B 281 3.37 -15.32 6.73
CA MET B 281 4.15 -15.99 7.75
C MET B 281 3.36 -17.11 8.40
N ASP B 282 2.05 -16.92 8.61
CA ASP B 282 1.18 -18.01 9.09
C ASP B 282 1.30 -19.23 8.18
N LYS B 283 1.14 -19.03 6.87
CA LYS B 283 1.14 -20.15 5.92
C LYS B 283 2.53 -20.76 5.78
N LEU B 284 3.58 -19.95 5.83
CA LEU B 284 4.93 -20.50 5.73
C LEU B 284 5.28 -21.36 6.94
N ILE B 285 4.98 -20.88 8.15
CA ILE B 285 5.19 -21.70 9.34
C ILE B 285 4.47 -23.05 9.18
N HIS B 286 3.18 -22.99 8.87
CA HIS B 286 2.38 -24.21 8.71
C HIS B 286 3.00 -25.17 7.71
N HIS B 287 3.16 -24.73 6.48
CA HIS B 287 3.56 -25.64 5.42
C HIS B 287 5.05 -25.99 5.46
N VAL B 288 5.91 -25.07 5.88
CA VAL B 288 7.30 -25.44 6.05
C VAL B 288 7.43 -26.53 7.12
N ASN B 289 6.66 -26.41 8.20
CA ASN B 289 6.79 -27.40 9.27
C ASN B 289 6.11 -28.72 8.90
N LYS B 290 5.03 -28.68 8.11
CA LYS B 290 4.49 -29.91 7.51
C LYS B 290 5.54 -30.63 6.69
N ASP B 291 6.29 -29.88 5.90
CA ASP B 291 7.34 -30.46 5.09
C ASP B 291 8.42 -31.10 5.98
N GLY B 292 8.85 -30.39 7.03
CA GLY B 292 9.67 -30.94 8.08
C GLY B 292 11.18 -30.90 7.87
N ARG B 293 11.67 -30.53 6.69
CA ARG B 293 13.12 -30.46 6.48
C ARG B 293 13.78 -29.39 7.37
N VAL B 294 13.16 -28.22 7.51
CA VAL B 294 13.60 -27.24 8.51
C VAL B 294 12.40 -26.93 9.39
N ASN B 295 12.61 -26.08 10.40
CA ASN B 295 11.55 -25.70 11.33
C ASN B 295 11.45 -24.18 11.43
N ALA B 296 10.22 -23.66 11.32
CA ALA B 296 9.96 -22.22 11.40
C ALA B 296 9.05 -21.91 12.59
N LEU B 297 9.25 -20.76 13.21
CA LEU B 297 8.43 -20.35 14.35
C LEU B 297 8.36 -18.82 14.41
N TYR B 298 7.27 -18.33 14.99
CA TYR B 298 7.25 -16.94 15.46
C TYR B 298 8.18 -16.78 16.65
N SER B 299 8.95 -15.69 16.66
CA SER B 299 9.99 -15.53 17.68
C SER B 299 10.30 -14.04 17.89
N THR B 300 11.21 -13.78 18.81
CA THR B 300 11.67 -12.42 19.11
C THR B 300 13.18 -12.47 19.26
N PRO B 301 13.87 -11.32 19.28
CA PRO B 301 15.33 -11.37 19.46
C PRO B 301 15.74 -11.95 20.81
N SER B 302 14.93 -11.81 21.86
CA SER B 302 15.24 -12.41 23.16
C SER B 302 15.02 -13.91 23.15
N ILE B 303 13.93 -14.38 22.52
CA ILE B 303 13.71 -15.82 22.41
C ILE B 303 14.82 -16.47 21.59
N TYR B 304 15.18 -15.85 20.46
CA TYR B 304 16.33 -16.31 19.69
C TYR B 304 17.57 -16.40 20.57
N THR B 305 17.85 -15.36 21.37
CA THR B 305 19.06 -15.34 22.19
C THR B 305 19.05 -16.47 23.22
N GLU B 306 17.90 -16.69 23.85
CA GLU B 306 17.76 -17.83 24.75
C GLU B 306 18.16 -19.13 24.06
N ALA B 307 17.64 -19.35 22.84
CA ALA B 307 18.01 -20.56 22.11
C ALA B 307 19.51 -20.64 21.87
N LYS B 308 20.13 -19.52 21.48
CA LYS B 308 21.57 -19.55 21.23
C LYS B 308 22.35 -19.79 22.52
N ASN B 309 21.86 -19.24 23.63
CA ASN B 309 22.53 -19.45 24.91
C ASN B 309 22.41 -20.90 25.37
N ALA B 310 21.29 -21.56 25.07
CA ALA B 310 21.07 -22.93 25.52
C ALA B 310 21.87 -23.94 24.71
N ALA B 311 22.36 -23.54 23.54
CA ALA B 311 23.15 -24.45 22.73
C ALA B 311 24.49 -24.74 23.41
N ASN B 312 25.01 -25.94 23.18
CA ASN B 312 26.36 -26.28 23.63
C ASN B 312 27.32 -25.66 22.61
N GLN B 313 27.79 -24.44 22.91
CA GLN B 313 28.57 -23.73 21.90
C GLN B 313 29.49 -22.72 22.56
N THR B 314 30.72 -22.63 22.04
CA THR B 314 31.65 -21.58 22.42
C THR B 314 31.69 -20.51 21.34
N TRP B 315 31.85 -19.26 21.77
CA TRP B 315 31.62 -18.11 20.93
C TRP B 315 32.89 -17.28 20.77
N PRO B 316 33.14 -16.70 19.60
CA PRO B 316 34.28 -15.82 19.46
C PRO B 316 34.07 -14.57 20.33
N LEU B 317 35.20 -13.92 20.62
CA LEU B 317 35.23 -12.75 21.50
C LEU B 317 35.33 -11.47 20.68
N LYS B 318 34.65 -10.43 21.13
CA LYS B 318 34.80 -9.11 20.53
C LYS B 318 35.16 -8.12 21.62
N ILE B 319 36.16 -7.28 21.35
CA ILE B 319 36.63 -6.24 22.26
C ILE B 319 36.51 -4.91 21.52
N ASP B 320 36.51 -3.81 22.27
CA ASP B 320 36.55 -2.45 21.71
C ASP B 320 35.29 -2.26 20.87
N ASP B 321 35.36 -1.73 19.65
CA ASP B 321 34.13 -1.26 19.02
C ASP B 321 34.10 -1.67 17.55
N TYR B 322 33.07 -1.17 16.87
CA TYR B 322 32.90 -1.38 15.44
C TYR B 322 32.93 -0.04 14.71
N PHE B 323 33.97 0.74 14.91
CA PHE B 323 34.19 1.95 14.14
C PHE B 323 35.56 1.88 13.48
N PRO B 324 35.74 2.51 12.31
CA PRO B 324 34.69 3.15 11.53
C PRO B 324 33.94 2.15 10.68
N TYR B 325 32.78 2.57 10.19
CA TYR B 325 31.93 1.76 9.34
C TYR B 325 32.15 2.16 7.89
N ALA B 326 32.31 1.16 7.04
CA ALA B 326 32.32 1.38 5.59
C ALA B 326 31.54 0.25 4.94
N ASP B 327 30.69 0.59 3.97
CA ASP B 327 29.99 -0.44 3.22
C ASP B 327 30.56 -0.65 1.83
N GLY B 328 31.63 0.09 1.47
CA GLY B 328 32.32 -0.13 0.20
C GLY B 328 33.71 0.44 0.25
N ARG B 329 34.51 0.09 -0.78
CA ARG B 329 35.91 0.49 -0.85
C ARG B 329 36.11 1.98 -0.62
N ASN B 330 35.30 2.82 -1.28
CA ASN B 330 35.45 4.25 -1.16
C ASN B 330 34.29 4.88 -0.40
N ALA B 331 33.72 4.12 0.55
CA ALA B 331 32.50 4.55 1.23
C ALA B 331 32.65 4.39 2.74
N TYR B 332 33.57 5.16 3.32
CA TYR B 332 33.68 5.21 4.76
C TYR B 332 32.64 6.18 5.31
N TRP B 333 31.79 5.69 6.21
CA TRP B 333 30.76 6.52 6.82
C TRP B 333 31.37 7.23 8.02
N THR B 334 32.28 8.16 7.70
CA THR B 334 32.96 8.97 8.70
C THR B 334 32.73 10.46 8.49
N GLY B 335 31.95 10.84 7.47
CA GLY B 335 31.61 12.24 7.31
C GLY B 335 30.62 12.73 8.34
N PHE B 336 29.63 11.90 8.67
CA PHE B 336 28.60 12.29 9.63
C PHE B 336 29.15 12.48 11.04
N TYR B 337 30.39 12.08 11.31
CA TYR B 337 31.03 12.46 12.57
C TYR B 337 31.07 13.97 12.75
N THR B 338 31.05 14.72 11.67
CA THR B 338 31.09 16.18 11.71
C THR B 338 29.85 16.84 11.13
N SER B 339 29.16 16.19 10.18
CA SER B 339 28.00 16.76 9.48
C SER B 339 27.03 17.48 10.40
N ARG B 340 26.58 18.66 9.97
CA ARG B 340 25.65 19.50 10.74
C ARG B 340 26.24 19.84 12.11
N SER B 341 27.45 20.40 12.07
CA SER B 341 28.13 20.85 13.29
C SER B 341 27.25 21.76 14.15
N ALA B 342 26.50 22.68 13.54
CA ALA B 342 25.71 23.59 14.35
C ALA B 342 24.58 22.87 15.10
N LEU B 343 23.93 21.90 14.44
CA LEU B 343 22.94 21.07 15.14
C LEU B 343 23.60 20.28 16.27
N LYS B 344 24.75 19.67 16.00
CA LYS B 344 25.46 18.92 17.03
C LYS B 344 25.79 19.81 18.23
N ASP B 345 26.28 21.03 17.99
CA ASP B 345 26.56 21.92 19.13
C ASP B 345 25.26 22.29 19.84
N TYR B 346 24.20 22.52 19.06
CA TYR B 346 22.91 22.82 19.67
C TYR B 346 22.48 21.71 20.62
N VAL B 347 22.57 20.45 20.17
CA VAL B 347 22.24 19.33 21.06
C VAL B 347 23.12 19.34 22.31
N ARG B 348 24.44 19.50 22.12
CA ARG B 348 25.35 19.40 23.26
C ARG B 348 25.09 20.51 24.28
N MET B 349 24.86 21.73 23.80
CA MET B 349 24.56 22.84 24.70
C MET B 349 23.28 22.58 25.47
N LEU B 350 22.25 22.06 24.80
CA LEU B 350 20.97 21.92 25.49
C LEU B 350 21.00 20.76 26.46
N SER B 351 21.83 19.74 26.19
CA SER B 351 21.96 18.64 27.13
C SER B 351 22.52 19.13 28.46
N GLY B 352 23.58 19.93 28.43
CA GLY B 352 24.09 20.51 29.68
C GLY B 352 23.09 21.44 30.34
N TYR B 353 22.38 22.24 29.55
CA TYR B 353 21.36 23.13 30.13
C TYR B 353 20.23 22.32 30.76
N TYR B 354 19.87 21.20 30.15
CA TYR B 354 18.80 20.36 30.67
C TYR B 354 19.24 19.65 31.94
N LEU B 355 20.51 19.26 32.03
CA LEU B 355 21.06 18.76 33.29
C LEU B 355 20.89 19.79 34.40
N ALA B 356 21.23 21.04 34.13
CA ALA B 356 21.10 22.08 35.15
C ALA B 356 19.63 22.37 35.47
N THR B 357 18.77 22.34 34.44
CA THR B 357 17.36 22.64 34.61
C THR B 357 16.73 21.67 35.59
N ARG B 358 17.08 20.38 35.49
CA ARG B 358 16.44 19.39 36.34
C ARG B 358 16.97 19.43 37.76
N GLN B 359 18.24 19.81 37.94
CA GLN B 359 18.74 20.12 39.29
C GLN B 359 17.92 21.23 39.92
N LEU B 360 17.80 22.36 39.21
CA LEU B 360 17.19 23.55 39.78
C LEU B 360 15.71 23.34 40.04
N GLY B 361 15.01 22.67 39.12
CA GLY B 361 13.62 22.35 39.37
C GLY B 361 13.44 21.49 40.60
N PHE B 362 14.34 20.51 40.79
CA PHE B 362 14.23 19.64 41.95
C PHE B 362 14.35 20.42 43.25
N PHE B 363 15.44 21.20 43.38
CA PHE B 363 15.64 22.05 44.54
C PHE B 363 14.45 22.97 44.82
N ALA B 364 13.79 23.46 43.78
CA ALA B 364 12.68 24.39 43.96
C ALA B 364 11.32 23.72 44.07
N GLY B 365 11.23 22.39 44.00
CA GLY B 365 9.94 21.74 44.12
C GLY B 365 9.06 21.76 42.89
N LYS B 366 9.66 21.91 41.71
CA LYS B 366 8.89 21.88 40.48
C LYS B 366 8.44 20.46 40.14
N LYS B 367 7.27 20.36 39.50
CA LYS B 367 6.75 19.05 39.11
C LYS B 367 7.37 18.61 37.79
N SER B 368 7.58 17.30 37.67
CA SER B 368 8.10 16.74 36.43
C SER B 368 7.11 16.96 35.29
N THR B 369 7.64 17.25 34.09
CA THR B 369 6.84 17.46 32.90
C THR B 369 7.37 16.59 31.74
N LYS B 370 8.02 15.48 32.07
CA LYS B 370 8.78 14.70 31.09
C LYS B 370 7.91 14.21 29.94
N TYR B 371 6.63 13.91 30.19
CA TYR B 371 5.79 13.34 29.14
C TYR B 371 4.79 14.35 28.60
N HIS B 372 5.00 15.63 28.86
CA HIS B 372 4.14 16.68 28.29
C HIS B 372 4.57 16.97 26.86
N ALA B 373 3.59 17.38 26.05
CA ALA B 373 3.83 17.67 24.65
C ALA B 373 4.93 18.71 24.52
N PHE B 374 5.91 18.41 23.65
CA PHE B 374 6.99 19.33 23.29
C PHE B 374 7.92 19.64 24.45
N ASP B 375 7.89 18.85 25.53
CA ASP B 375 8.88 18.97 26.60
C ASP B 375 10.28 18.74 26.06
N LEU B 376 11.27 19.41 26.67
CA LEU B 376 12.65 19.27 26.23
C LEU B 376 13.11 17.81 26.28
N ALA B 377 12.52 17.00 27.16
CA ALA B 377 12.89 15.59 27.22
C ALA B 377 12.55 14.89 25.90
N ASP B 378 11.38 15.23 25.35
CA ASP B 378 10.99 14.67 24.06
C ASP B 378 11.92 15.15 22.96
N ALA B 379 12.16 16.46 22.90
CA ALA B 379 12.97 17.03 21.83
C ALA B 379 14.40 16.48 21.87
N LEU B 380 14.98 16.42 23.07
CA LEU B 380 16.33 15.90 23.22
C LEU B 380 16.38 14.41 22.96
N GLY B 381 15.35 13.67 23.41
CA GLY B 381 15.28 12.26 23.08
C GLY B 381 15.23 12.01 21.59
N ILE B 382 14.32 12.68 20.90
CA ILE B 382 14.23 12.59 19.43
C ILE B 382 15.57 12.92 18.79
N ALA B 383 16.27 13.93 19.33
CA ALA B 383 17.49 14.41 18.70
C ALA B 383 18.62 13.40 18.77
N GLN B 384 18.51 12.39 19.64
CA GLN B 384 19.50 11.31 19.66
C GLN B 384 19.33 10.31 18.51
N HIS B 385 18.29 10.45 17.68
CA HIS B 385 18.01 9.45 16.66
C HIS B 385 19.15 9.36 15.65
N HIS B 386 19.31 8.17 15.04
CA HIS B 386 20.51 7.90 14.24
C HIS B 386 20.57 8.67 12.92
N ASP B 387 19.54 9.44 12.57
CA ASP B 387 19.60 10.43 11.50
C ASP B 387 19.56 11.87 12.00
N ALA B 388 19.49 12.09 13.32
CA ALA B 388 19.18 13.42 13.86
C ALA B 388 20.48 14.14 14.21
N VAL B 389 20.99 13.95 15.41
CA VAL B 389 22.28 14.52 15.78
C VAL B 389 23.41 14.03 14.86
N SER B 390 23.24 12.88 14.21
CA SER B 390 24.24 12.40 13.26
C SER B 390 24.34 13.29 12.02
N GLY B 391 23.29 14.05 11.73
CA GLY B 391 23.30 14.99 10.64
C GLY B 391 22.91 14.42 9.28
N THR B 392 22.29 13.24 9.24
CA THR B 392 22.00 12.55 8.00
C THR B 392 20.50 12.56 7.63
N ALA B 393 19.72 13.50 8.15
CA ALA B 393 18.34 13.70 7.75
C ALA B 393 18.24 14.78 6.66
N LYS B 394 17.06 14.89 6.04
CA LYS B 394 16.84 15.99 5.10
C LYS B 394 16.90 17.32 5.83
N GLN B 395 17.15 18.38 5.06
CA GLN B 395 17.31 19.71 5.66
C GLN B 395 16.03 20.15 6.38
N HIS B 396 14.87 19.87 5.79
CA HIS B 396 13.63 20.31 6.43
C HIS B 396 13.38 19.55 7.73
N THR B 397 13.77 18.26 7.76
CA THR B 397 13.67 17.48 8.99
C THR B 397 14.59 18.06 10.07
N THR B 398 15.83 18.35 9.70
CA THR B 398 16.79 18.97 10.60
C THR B 398 16.25 20.29 11.18
N ASN B 399 15.62 21.12 10.33
CA ASN B 399 15.00 22.35 10.82
C ASN B 399 13.95 22.05 11.88
N ASP B 400 13.14 21.01 11.65
CA ASP B 400 12.11 20.60 12.60
C ASP B 400 12.72 20.14 13.93
N TYR B 401 13.82 19.38 13.88
CA TYR B 401 14.54 19.00 15.10
C TYR B 401 14.91 20.24 15.90
N ALA B 402 15.52 21.22 15.23
CA ALA B 402 15.98 22.42 15.92
C ALA B 402 14.81 23.22 16.48
N LYS B 403 13.67 23.17 15.81
CA LYS B 403 12.48 23.87 16.29
C LYS B 403 11.93 23.24 17.57
N ARG B 404 11.92 21.90 17.62
CA ARG B 404 11.51 21.20 18.82
C ARG B 404 12.48 21.47 19.96
N LEU B 405 13.79 21.47 19.66
CA LEU B 405 14.76 21.77 20.69
C LEU B 405 14.58 23.19 21.22
N ALA B 406 14.38 24.16 20.31
CA ALA B 406 14.15 25.54 20.74
C ALA B 406 12.89 25.65 21.60
N ILE B 407 11.81 24.97 21.21
CA ILE B 407 10.63 24.97 22.05
C ILE B 407 10.97 24.44 23.45
N GLY B 408 11.68 23.30 23.51
CA GLY B 408 12.01 22.73 24.80
C GLY B 408 12.93 23.62 25.60
N ALA B 409 13.88 24.26 24.93
CA ALA B 409 14.80 25.15 25.62
C ALA B 409 14.07 26.34 26.22
N SER B 410 13.06 26.87 25.52
CA SER B 410 12.32 28.01 26.04
C SER B 410 11.56 27.62 27.30
N LYS B 411 11.01 26.41 27.33
CA LYS B 411 10.39 25.91 28.55
C LYS B 411 11.42 25.72 29.66
N ALA B 412 12.57 25.12 29.35
CA ALA B 412 13.62 24.96 30.35
C ALA B 412 14.06 26.31 30.89
N GLU B 413 14.16 27.31 30.01
CA GLU B 413 14.60 28.64 30.42
C GLU B 413 13.70 29.20 31.52
N ALA B 414 12.38 29.10 31.34
CA ALA B 414 11.43 29.57 32.36
C ALA B 414 11.57 28.81 33.68
N VAL B 415 11.81 27.50 33.61
CA VAL B 415 12.01 26.72 34.83
C VAL B 415 13.25 27.20 35.56
N VAL B 416 14.34 27.43 34.83
CA VAL B 416 15.58 27.90 35.47
C VAL B 416 15.39 29.27 36.10
N SER B 417 14.69 30.17 35.39
CA SER B 417 14.50 31.52 35.88
C SER B 417 13.59 31.53 37.10
N SER B 418 12.50 30.76 37.05
CA SER B 418 11.59 30.66 38.18
C SER B 418 12.23 29.99 39.39
N SER B 419 12.96 28.88 39.16
CA SER B 419 13.65 28.18 40.24
C SER B 419 14.66 29.09 40.94
N LEU B 420 15.52 29.77 40.16
CA LEU B 420 16.53 30.64 40.76
C LEU B 420 15.91 31.79 41.53
N ALA B 421 14.76 32.31 41.05
CA ALA B 421 14.05 33.33 41.80
C ALA B 421 13.63 32.82 43.18
N CYS B 422 13.08 31.60 43.24
CA CYS B 422 12.65 31.05 44.53
C CYS B 422 13.85 30.74 45.42
N LEU B 423 14.89 30.13 44.87
CA LEU B 423 15.97 29.62 45.69
C LEU B 423 16.85 30.74 46.25
N THR B 424 17.01 31.84 45.51
CA THR B 424 17.77 32.98 46.03
C THR B 424 16.93 33.92 46.88
N SER B 425 15.62 33.72 46.95
CA SER B 425 14.76 34.53 47.76
C SER B 425 14.88 34.13 49.23
N LYS B 426 14.30 34.97 50.10
CA LYS B 426 14.38 34.75 51.53
C LYS B 426 12.98 34.66 52.16
N CYS B 432 7.30 26.28 44.65
CA CYS B 432 7.79 27.54 44.10
C CYS B 432 6.71 28.26 43.28
N SER B 433 6.65 29.59 43.41
CA SER B 433 5.59 30.38 42.81
C SER B 433 6.09 31.55 41.96
N ALA B 434 7.43 31.78 41.89
CA ALA B 434 7.96 32.99 41.27
C ALA B 434 7.86 32.92 39.74
N PRO B 435 7.60 34.06 39.09
CA PRO B 435 7.43 34.06 37.64
C PRO B 435 8.75 33.89 36.90
N ALA B 436 8.63 33.49 35.64
CA ALA B 436 9.80 33.34 34.77
C ALA B 436 10.47 34.68 34.46
N SER B 437 9.75 35.79 34.60
CA SER B 437 10.29 37.09 34.30
C SER B 437 11.31 37.59 35.33
N ALA B 438 11.53 36.84 36.40
CA ALA B 438 12.40 37.30 37.47
C ALA B 438 13.81 37.53 36.97
N PHE B 439 14.32 36.64 36.11
CA PHE B 439 15.63 36.77 35.51
C PHE B 439 15.53 36.67 34.01
N SER B 440 16.50 37.26 33.34
CA SER B 440 16.71 37.01 31.93
C SER B 440 17.97 36.16 31.77
N GLN B 441 18.07 35.51 30.60
CA GLN B 441 19.18 34.63 30.30
C GLN B 441 19.55 34.80 28.84
N CYS B 442 20.82 34.54 28.52
CA CYS B 442 21.35 34.72 27.18
C CYS B 442 21.94 33.40 26.71
N HIS B 443 21.56 33.00 25.49
CA HIS B 443 22.11 31.83 24.83
C HIS B 443 22.88 32.20 23.57
N LEU B 444 23.05 33.48 23.26
CA LEU B 444 23.66 33.90 22.01
C LEU B 444 24.95 34.69 22.24
N PHE B 445 25.61 34.45 23.39
CA PHE B 445 26.95 35.00 23.62
C PHE B 445 27.89 34.70 22.47
N ASN B 446 27.74 33.55 21.82
CA ASN B 446 28.62 33.21 20.71
C ASN B 446 28.57 34.26 19.60
N ILE B 447 27.47 35.00 19.47
CA ILE B 447 27.42 36.07 18.48
C ILE B 447 27.28 37.44 19.16
N SER B 448 27.61 37.51 20.45
CA SER B 448 27.67 38.75 21.24
C SER B 448 26.30 39.35 21.52
N TYR B 449 25.23 38.57 21.49
CA TYR B 449 23.89 39.10 21.66
C TYR B 449 23.41 38.78 23.07
N CYS B 450 23.40 39.80 23.93
CA CYS B 450 22.84 39.70 25.26
C CYS B 450 22.23 41.04 25.66
N PRO B 451 20.98 41.27 25.29
CA PRO B 451 20.30 42.52 25.66
C PRO B 451 20.37 42.82 27.15
N PRO B 452 20.18 41.84 28.05
CA PRO B 452 20.21 42.17 29.48
C PRO B 452 21.49 42.83 29.93
N THR B 453 22.63 42.50 29.33
CA THR B 453 23.88 43.12 29.73
C THR B 453 24.28 44.27 28.83
N GLU B 454 23.82 44.27 27.58
CA GLU B 454 24.10 45.40 26.70
C GLU B 454 23.36 46.66 27.15
N SER B 455 22.27 46.50 27.89
CA SER B 455 21.37 47.62 28.13
C SER B 455 21.96 48.55 29.19
N SER B 456 21.61 49.83 29.09
CA SER B 456 22.05 50.79 30.07
C SER B 456 21.48 50.44 31.44
N ILE B 457 22.25 50.77 32.47
CA ILE B 457 21.86 50.54 33.86
C ILE B 457 21.31 51.85 34.42
N PRO B 458 20.15 51.84 35.07
CA PRO B 458 19.68 53.07 35.73
C PRO B 458 20.55 53.46 36.91
N ASP B 459 20.55 54.75 37.21
CA ASP B 459 21.35 55.24 38.33
C ASP B 459 20.74 54.77 39.65
N ASP B 460 21.62 54.53 40.62
CA ASP B 460 21.25 53.85 41.87
C ASP B 460 20.64 52.47 41.59
N LYS B 461 21.12 51.81 40.54
CA LYS B 461 20.84 50.40 40.30
C LYS B 461 22.09 49.73 39.78
N SER B 462 22.10 48.40 39.85
CA SER B 462 23.18 47.61 39.29
C SER B 462 22.61 46.53 38.38
N LEU B 463 23.45 46.06 37.47
CA LEU B 463 23.23 44.76 36.84
C LEU B 463 23.53 43.66 37.87
N VAL B 464 22.49 42.97 38.34
CA VAL B 464 22.67 41.78 39.17
C VAL B 464 23.01 40.60 38.27
N VAL B 465 24.11 39.90 38.58
CA VAL B 465 24.51 38.68 37.86
C VAL B 465 24.51 37.51 38.83
N VAL B 466 23.57 36.59 38.68
CA VAL B 466 23.54 35.36 39.47
C VAL B 466 24.19 34.25 38.64
N VAL B 467 25.13 33.53 39.24
CA VAL B 467 25.95 32.56 38.54
C VAL B 467 25.72 31.23 39.22
N TYR B 468 25.11 30.29 38.49
CA TYR B 468 24.84 28.97 39.04
C TYR B 468 25.83 27.96 38.48
N ASN B 469 26.24 27.03 39.34
CA ASN B 469 27.27 26.03 39.03
C ASN B 469 26.65 24.65 39.17
N PRO B 470 26.35 23.97 38.07
CA PRO B 470 25.74 22.64 38.12
C PRO B 470 26.73 21.48 38.26
N LEU B 471 28.02 21.73 38.49
CA LEU B 471 28.95 20.67 38.84
C LEU B 471 28.99 20.46 40.35
N GLY B 472 29.41 19.27 40.76
CA GLY B 472 29.65 18.98 42.16
C GLY B 472 31.00 19.40 42.67
N TRP B 473 31.72 20.21 41.89
CA TRP B 473 33.01 20.77 42.26
C TRP B 473 32.89 22.29 42.36
N SER B 474 33.57 22.88 43.34
CA SER B 474 33.64 24.34 43.31
C SER B 474 34.43 24.75 42.07
N ARG B 475 34.12 25.93 41.54
CA ARG B 475 34.69 26.25 40.24
C ARG B 475 34.98 27.74 40.18
N ASN B 476 36.16 28.09 39.70
CA ASN B 476 36.49 29.46 39.32
C ASN B 476 36.57 29.51 37.81
N GLU B 477 35.98 30.54 37.22
CA GLU B 477 35.90 30.64 35.77
C GLU B 477 35.63 32.08 35.36
N ILE B 478 35.97 32.40 34.11
CA ILE B 478 35.84 33.76 33.61
C ILE B 478 34.41 34.00 33.13
N VAL B 479 33.74 34.97 33.72
CA VAL B 479 32.49 35.50 33.18
C VAL B 479 32.83 36.59 32.18
N ARG B 480 32.21 36.53 31.00
CA ARG B 480 32.56 37.41 29.88
C ARG B 480 31.27 37.86 29.20
N ILE B 481 30.82 39.08 29.50
CA ILE B 481 29.52 39.55 29.01
C ILE B 481 29.71 40.79 28.14
N PRO B 482 28.82 41.03 27.17
CA PRO B 482 28.96 42.23 26.31
C PRO B 482 28.33 43.46 26.94
N VAL B 483 29.10 44.56 27.02
CA VAL B 483 28.66 45.78 27.71
C VAL B 483 28.85 46.97 26.79
N ASN B 484 28.22 48.09 27.17
CA ASN B 484 28.33 49.33 26.41
C ASN B 484 28.96 50.49 27.17
N ASP B 485 29.42 50.28 28.40
CA ASP B 485 30.14 51.31 29.14
C ASP B 485 31.52 50.80 29.54
N ALA B 486 32.52 51.70 29.51
CA ALA B 486 33.92 51.35 29.68
C ALA B 486 34.41 51.46 31.12
N ASN B 487 33.65 52.08 32.01
CA ASN B 487 34.09 52.30 33.39
C ASN B 487 33.21 51.55 34.38
N LEU B 488 32.77 50.34 34.05
CA LEU B 488 31.95 49.58 35.00
C LEU B 488 32.83 49.01 36.11
N VAL B 489 32.23 48.84 37.28
CA VAL B 489 32.89 48.23 38.42
C VAL B 489 32.14 46.95 38.79
N VAL B 490 32.90 45.88 39.03
CA VAL B 490 32.33 44.59 39.41
C VAL B 490 32.66 44.34 40.88
N LYS B 491 31.62 44.22 41.70
CA LYS B 491 31.77 43.90 43.10
C LYS B 491 31.22 42.50 43.34
N ASP B 492 31.90 41.73 44.18
CA ASP B 492 31.37 40.43 44.60
C ASP B 492 30.30 40.66 45.65
N SER B 493 29.77 39.58 46.21
CA SER B 493 28.64 39.73 47.12
C SER B 493 29.03 40.46 48.40
N SER B 494 30.30 40.38 48.80
CA SER B 494 30.78 41.01 50.02
C SER B 494 31.17 42.46 49.83
N GLY B 495 31.04 43.01 48.62
CA GLY B 495 31.39 44.38 48.35
C GLY B 495 32.76 44.60 47.73
N ASN B 496 33.56 43.56 47.58
CA ASN B 496 34.90 43.72 47.05
C ASN B 496 34.88 44.00 45.54
N LYS B 497 35.65 45.00 45.12
CA LYS B 497 35.81 45.27 43.70
C LYS B 497 36.80 44.27 43.08
N LEU B 498 36.41 43.67 41.96
CA LEU B 498 37.20 42.61 41.35
C LEU B 498 38.03 43.16 40.20
N GLU B 499 39.16 42.51 39.98
CA GLU B 499 39.94 42.78 38.78
C GLU B 499 39.08 42.46 37.56
N VAL B 500 39.05 43.38 36.61
CA VAL B 500 38.29 43.18 35.39
C VAL B 500 39.24 43.39 34.22
N GLN B 501 38.79 42.96 33.05
CA GLN B 501 39.48 43.27 31.82
C GLN B 501 38.44 43.56 30.75
N TYR B 502 38.63 44.67 30.06
CA TYR B 502 37.84 44.99 28.87
C TYR B 502 38.56 44.47 27.64
N VAL B 503 37.77 43.86 26.74
CA VAL B 503 38.26 43.34 25.47
C VAL B 503 37.43 44.00 24.38
N GLU B 504 38.10 44.49 23.34
N GLU B 504 38.12 44.47 23.34
CA GLU B 504 37.40 45.25 22.33
CA GLU B 504 37.46 45.17 22.25
C GLU B 504 36.66 44.31 21.38
C GLU B 504 36.59 44.21 21.45
N MET B 505 35.44 44.70 21.00
CA MET B 505 34.68 43.99 19.98
C MET B 505 35.52 43.87 18.72
N ASP B 506 35.27 42.82 17.93
CA ASP B 506 36.01 42.56 16.72
C ASP B 506 35.07 42.57 15.53
N ASP B 507 35.63 42.79 14.34
CA ASP B 507 34.81 42.92 13.14
C ASP B 507 34.09 41.61 12.82
N VAL B 508 34.76 40.47 12.98
CA VAL B 508 34.16 39.20 12.57
C VAL B 508 32.89 38.91 13.36
N THR B 509 32.98 39.04 14.69
CA THR B 509 31.81 38.88 15.54
C THR B 509 30.70 39.87 15.19
N ALA B 510 31.05 41.15 14.98
CA ALA B 510 30.02 42.14 14.69
C ALA B 510 29.22 41.76 13.45
N ASN B 511 29.88 41.21 12.42
CA ASN B 511 29.13 40.83 11.23
C ASN B 511 28.33 39.54 11.45
N LEU B 512 28.83 38.60 12.24
CA LEU B 512 27.99 37.49 12.67
C LEU B 512 26.74 37.98 13.39
N ARG B 513 26.90 39.00 14.25
CA ARG B 513 25.80 39.45 15.09
C ARG B 513 24.64 40.01 14.27
N SER B 514 24.93 40.86 13.28
CA SER B 514 23.83 41.48 12.55
C SER B 514 23.07 40.45 11.73
N PHE B 515 23.78 39.52 11.10
CA PHE B 515 23.14 38.54 10.24
C PHE B 515 22.41 37.45 11.03
N TYR B 516 23.08 36.86 12.03
CA TYR B 516 22.51 35.72 12.74
C TYR B 516 21.46 36.12 13.77
N VAL B 517 21.58 37.29 14.41
CA VAL B 517 20.50 37.73 15.30
C VAL B 517 19.21 37.87 14.51
N LYS B 518 19.29 38.45 13.30
CA LYS B 518 18.11 38.55 12.47
C LYS B 518 17.58 37.16 12.09
N ALA B 519 18.48 36.27 11.70
CA ALA B 519 18.05 34.94 11.28
C ALA B 519 17.31 34.23 12.43
N TYR B 520 17.90 34.24 13.62
CA TYR B 520 17.35 33.48 14.74
C TYR B 520 16.10 34.12 15.35
N GLU B 521 16.01 35.45 15.36
CA GLU B 521 14.96 36.16 16.10
C GLU B 521 14.11 37.07 15.24
N GLY B 522 14.42 37.21 13.94
CA GLY B 522 13.57 37.91 13.01
C GLY B 522 13.87 39.37 12.81
N GLU B 523 14.55 40.00 13.76
CA GLU B 523 14.85 41.42 13.64
C GLU B 523 16.33 41.66 13.87
N VAL B 524 16.85 42.66 13.17
CA VAL B 524 18.21 43.16 13.37
C VAL B 524 18.36 43.64 14.82
N PRO B 525 19.53 43.54 15.40
CA PRO B 525 19.72 43.96 16.78
C PRO B 525 20.04 45.45 16.88
N LYS B 526 20.06 45.93 18.13
CA LYS B 526 20.64 47.23 18.41
C LYS B 526 22.13 47.23 18.07
N ASP B 527 22.70 48.43 18.02
CA ASP B 527 24.13 48.66 17.80
C ASP B 527 24.98 47.53 18.39
N ALA B 528 25.97 47.06 17.64
CA ALA B 528 26.87 46.07 18.21
C ALA B 528 27.42 46.59 19.53
N ASP B 529 27.52 45.71 20.53
CA ASP B 529 28.14 46.13 21.78
C ASP B 529 29.58 46.56 21.51
N VAL B 530 30.10 47.46 22.35
CA VAL B 530 31.44 47.99 22.11
C VAL B 530 32.54 47.20 22.83
N TYR B 531 32.27 46.66 24.03
CA TYR B 531 33.28 45.93 24.78
C TYR B 531 32.71 44.63 25.34
N TRP B 532 33.63 43.71 25.65
CA TRP B 532 33.37 42.60 26.56
C TRP B 532 33.93 42.97 27.93
N SER B 533 33.09 42.92 28.96
CA SER B 533 33.53 42.96 30.35
C SER B 533 33.88 41.54 30.80
N LEU B 534 35.08 41.35 31.32
CA LEU B 534 35.51 40.07 31.86
C LEU B 534 35.84 40.18 33.35
N PHE B 535 35.57 39.11 34.08
CA PHE B 535 35.96 39.01 35.47
C PHE B 535 35.91 37.55 35.88
N LYS B 536 36.63 37.21 36.95
CA LYS B 536 36.66 35.83 37.41
C LYS B 536 35.60 35.64 38.48
N ALA B 537 34.71 34.67 38.28
CA ALA B 537 33.73 34.30 39.28
C ALA B 537 34.21 33.09 40.05
N SER B 538 33.72 32.96 41.29
CA SER B 538 34.07 31.86 42.16
C SER B 538 32.77 31.32 42.72
N VAL B 539 32.46 30.06 42.43
CA VAL B 539 31.11 29.56 42.73
C VAL B 539 31.22 28.23 43.48
N PRO B 540 30.42 28.03 44.53
CA PRO B 540 30.40 26.74 45.20
C PRO B 540 29.84 25.67 44.29
N PRO B 541 30.06 24.40 44.60
CA PRO B 541 29.42 23.34 43.81
C PRO B 541 27.93 23.31 44.10
N LEU B 542 27.15 22.93 43.09
CA LEU B 542 25.69 22.94 43.15
C LEU B 542 25.17 24.16 43.93
N GLY B 543 25.62 25.33 43.51
CA GLY B 543 25.29 26.55 44.21
C GLY B 543 25.46 27.76 43.32
N TRP B 544 25.46 28.94 43.95
CA TRP B 544 25.52 30.19 43.20
C TRP B 544 26.29 31.26 43.94
N SER B 545 26.86 32.19 43.17
CA SER B 545 27.40 33.46 43.62
C SER B 545 26.70 34.58 42.88
N THR B 546 26.61 35.75 43.49
CA THR B 546 25.97 36.92 42.89
C THR B 546 26.96 38.08 42.77
N TYR B 547 26.95 38.74 41.63
CA TYR B 547 27.85 39.86 41.35
C TYR B 547 27.02 41.07 40.96
N PHE B 548 27.59 42.26 41.17
CA PHE B 548 26.88 43.51 40.95
C PHE B 548 27.73 44.42 40.09
N ILE B 549 27.20 44.80 38.93
CA ILE B 549 27.91 45.62 37.96
C ILE B 549 27.23 46.99 37.90
N SER B 550 28.02 48.05 38.02
CA SER B 550 27.46 49.39 38.05
C SER B 550 28.49 50.41 37.59
N GLU B 551 27.98 51.58 37.21
CA GLU B 551 28.83 52.73 36.92
C GLU B 551 29.61 53.12 38.16
N ALA B 552 30.87 53.51 37.95
CA ALA B 552 31.74 53.92 39.03
C ALA B 552 31.36 55.32 39.51
N LEU B 570 56.53 36.63 19.47
CA LEU B 570 55.14 36.81 19.91
C LEU B 570 54.71 35.78 20.95
N ASN B 571 54.80 36.14 22.22
CA ASN B 571 54.57 35.22 23.32
C ASN B 571 53.39 35.68 24.16
N ILE B 572 52.52 34.75 24.51
CA ILE B 572 51.38 35.03 25.38
C ILE B 572 51.28 33.95 26.44
N GLY B 573 50.48 34.23 27.47
CA GLY B 573 50.27 33.30 28.55
C GLY B 573 50.35 33.99 29.90
N PRO B 574 49.20 34.42 30.44
CA PRO B 574 49.20 35.04 31.76
C PRO B 574 49.54 34.09 32.89
N GLY B 575 49.55 32.78 32.63
CA GLY B 575 49.86 31.77 33.62
C GLY B 575 50.99 30.87 33.16
N ASP B 576 50.97 29.63 33.66
CA ASP B 576 52.09 28.71 33.44
C ASP B 576 52.21 28.26 31.99
N LEU B 577 51.10 28.11 31.29
CA LEU B 577 51.14 27.62 29.92
C LEU B 577 51.34 28.80 28.98
N LYS B 578 52.32 28.67 28.08
CA LYS B 578 52.69 29.74 27.16
C LYS B 578 52.62 29.24 25.73
N MET B 579 52.39 30.17 24.79
CA MET B 579 52.40 29.83 23.38
C MET B 579 53.16 30.90 22.61
N SER B 580 53.94 30.45 21.63
CA SER B 580 54.78 31.31 20.81
C SER B 580 54.26 31.32 19.36
N PHE B 581 54.05 32.52 18.82
CA PHE B 581 53.53 32.71 17.48
C PHE B 581 54.58 33.42 16.63
N SER B 582 54.58 33.11 15.32
CA SER B 582 55.69 33.49 14.45
C SER B 582 55.87 35.00 14.35
N SER B 583 54.77 35.77 14.41
CA SER B 583 54.78 37.23 14.25
C SER B 583 54.91 37.59 12.78
N LEU B 584 55.91 37.01 12.10
CA LEU B 584 56.08 37.20 10.67
C LEU B 584 54.88 36.68 9.90
N THR B 585 54.23 35.63 10.41
CA THR B 585 53.05 35.07 9.75
C THR B 585 51.88 34.83 10.69
N GLY B 586 52.00 35.14 11.97
CA GLY B 586 51.03 34.62 12.90
C GLY B 586 51.24 33.12 12.96
N GLN B 587 50.28 32.45 13.59
CA GLN B 587 50.21 30.99 13.59
C GLN B 587 51.19 30.35 14.59
N LEU B 588 50.65 29.41 15.37
CA LEU B 588 51.37 28.78 16.48
C LEU B 588 52.68 28.18 16.01
N LYS B 589 53.66 28.14 16.92
CA LYS B 589 55.00 27.60 16.68
C LYS B 589 55.44 26.71 17.83
N ARG B 590 54.97 27.02 19.04
CA ARG B 590 55.50 26.38 20.23
C ARG B 590 54.51 26.57 21.36
N MET B 591 54.33 25.53 22.16
CA MET B 591 53.62 25.58 23.44
C MET B 591 54.55 25.02 24.51
N TYR B 592 54.54 25.64 25.69
CA TYR B 592 55.36 25.15 26.79
C TYR B 592 54.79 25.61 28.12
N ASN B 593 54.94 24.76 29.12
CA ASN B 593 54.51 25.04 30.49
C ASN B 593 55.78 25.15 31.33
N SER B 594 55.94 26.29 32.01
CA SER B 594 57.18 26.59 32.72
C SER B 594 57.25 25.91 34.08
N LYS B 595 56.10 25.59 34.68
CA LYS B 595 56.06 24.93 35.98
C LYS B 595 56.27 23.42 35.84
N THR B 596 55.78 22.80 34.77
CA THR B 596 55.90 21.36 34.61
C THR B 596 57.04 20.96 33.67
N GLY B 597 57.58 21.91 32.90
CA GLY B 597 58.71 21.62 32.03
C GLY B 597 58.37 21.02 30.68
N VAL B 598 57.10 20.93 30.32
CA VAL B 598 56.74 20.37 29.03
C VAL B 598 56.90 21.45 27.96
N ASP B 599 57.43 21.05 26.81
CA ASP B 599 57.81 22.02 25.78
C ASP B 599 57.85 21.28 24.45
N ILE B 600 56.89 21.56 23.57
CA ILE B 600 56.92 20.93 22.25
C ILE B 600 56.71 21.97 21.16
N PRO B 601 57.53 21.97 20.11
CA PRO B 601 57.21 22.76 18.93
C PRO B 601 56.00 22.18 18.25
N ILE B 602 55.14 23.06 17.74
CA ILE B 602 53.85 22.59 17.25
C ILE B 602 53.23 23.70 16.43
N GLN B 603 52.75 23.35 15.24
CA GLN B 603 52.07 24.28 14.36
C GLN B 603 50.61 23.92 14.27
N GLN B 604 49.77 24.94 14.11
CA GLN B 604 48.35 24.76 13.92
C GLN B 604 47.93 25.47 12.65
N ASN B 605 47.23 24.76 11.78
CA ASN B 605 46.85 25.26 10.47
C ASN B 605 45.42 24.88 10.19
N TYR B 606 44.82 25.58 9.22
CA TYR B 606 43.53 25.21 8.66
C TYR B 606 43.75 24.75 7.23
N LEU B 607 43.12 23.63 6.87
CA LEU B 607 43.14 23.07 5.53
C LEU B 607 41.73 22.64 5.17
N TRP B 608 41.53 22.22 3.94
CA TRP B 608 40.31 21.50 3.63
C TRP B 608 40.61 20.40 2.64
N TYR B 609 39.84 19.32 2.74
CA TYR B 609 39.81 18.31 1.70
C TYR B 609 38.81 18.74 0.65
N GLU B 610 39.13 18.45 -0.61
CA GLU B 610 38.16 18.56 -1.68
C GLU B 610 37.28 17.33 -1.70
N SER B 611 35.96 17.56 -1.69
CA SER B 611 35.01 16.46 -1.75
C SER B 611 35.12 15.74 -3.09
N SER B 612 35.29 14.41 -3.04
CA SER B 612 35.16 13.66 -4.28
C SER B 612 33.73 13.68 -4.77
N GLU B 613 33.56 13.86 -6.08
CA GLU B 613 32.27 13.66 -6.72
C GLU B 613 32.25 12.36 -7.52
N GLY B 614 33.15 11.44 -7.20
CA GLY B 614 33.27 10.18 -7.91
C GLY B 614 34.23 10.26 -9.09
N ASP B 615 34.76 9.11 -9.46
CA ASP B 615 35.57 8.97 -10.66
C ASP B 615 34.92 7.94 -11.57
N PHE B 616 35.57 7.69 -12.71
CA PHE B 616 35.01 6.78 -13.71
C PHE B 616 35.02 5.34 -13.24
N SER B 617 35.87 5.00 -12.26
CA SER B 617 35.92 3.65 -11.70
C SER B 617 35.04 3.44 -10.48
N ASP B 618 34.64 4.51 -9.78
CA ASP B 618 33.74 4.42 -8.63
C ASP B 618 32.97 5.73 -8.54
N TYR B 619 31.66 5.66 -8.71
CA TYR B 619 30.86 6.89 -8.71
C TYR B 619 30.59 7.46 -7.31
N GLN B 620 31.12 6.85 -6.25
CA GLN B 620 30.79 7.29 -4.90
C GLN B 620 31.25 8.72 -4.65
N ALA B 621 30.33 9.59 -4.22
CA ALA B 621 30.67 10.96 -3.88
C ALA B 621 30.69 11.17 -2.37
N SER B 622 31.36 12.23 -1.94
CA SER B 622 31.33 12.62 -0.53
C SER B 622 30.00 13.30 -0.21
N GLY B 623 29.46 13.02 0.97
CA GLY B 623 28.16 13.53 1.34
C GLY B 623 27.95 13.50 2.84
N ALA B 624 26.67 13.65 3.24
CA ALA B 624 26.33 13.76 4.66
C ALA B 624 26.75 12.53 5.46
N TYR B 625 26.66 11.34 4.89
CA TYR B 625 27.14 10.14 5.60
C TYR B 625 28.65 9.94 5.39
N ILE B 626 29.07 9.93 4.14
CA ILE B 626 30.33 9.34 3.73
C ILE B 626 31.35 10.45 3.55
N PHE B 627 32.54 10.26 4.11
CA PHE B 627 33.68 11.14 3.84
C PHE B 627 34.53 10.48 2.77
N ARG B 628 34.49 11.01 1.54
CA ARG B 628 35.38 10.53 0.47
C ARG B 628 36.20 11.69 -0.08
N PRO B 629 37.42 11.91 0.43
CA PRO B 629 38.26 13.00 -0.09
C PRO B 629 38.78 12.69 -1.48
N ASN B 630 39.07 13.77 -2.21
CA ASN B 630 39.66 13.64 -3.53
C ASN B 630 41.18 13.63 -3.41
N SER B 641 47.76 33.51 6.04
CA SER B 641 47.58 33.54 7.50
C SER B 641 48.26 34.77 8.13
N SER B 642 47.57 35.42 9.07
CA SER B 642 48.10 36.64 9.66
C SER B 642 47.43 36.88 11.01
N VAL B 643 48.22 37.30 11.99
CA VAL B 643 47.68 37.69 13.29
C VAL B 643 47.10 39.10 13.17
N THR B 644 45.77 39.22 13.33
CA THR B 644 45.12 40.53 13.19
C THR B 644 45.04 41.29 14.50
N ARG B 645 45.50 40.71 15.61
CA ARG B 645 45.48 41.38 16.90
C ARG B 645 46.16 40.51 17.95
N VAL B 646 46.92 41.14 18.84
CA VAL B 646 47.45 40.50 20.04
C VAL B 646 46.99 41.30 21.23
N THR B 647 46.39 40.63 22.21
CA THR B 647 45.81 41.25 23.38
C THR B 647 46.40 40.62 24.63
N ARG B 648 46.81 41.45 25.58
CA ARG B 648 47.34 40.97 26.85
C ARG B 648 46.63 41.69 27.98
N GLY B 649 46.38 40.94 29.06
CA GLY B 649 45.72 41.47 30.22
C GLY B 649 45.77 40.46 31.35
N PRO B 650 45.27 40.83 32.53
CA PRO B 650 45.36 39.92 33.68
C PRO B 650 44.40 38.75 33.60
N LEU B 651 43.40 38.82 32.74
CA LEU B 651 42.38 37.78 32.65
C LEU B 651 42.46 36.96 31.37
N VAL B 652 42.98 37.50 30.27
CA VAL B 652 43.16 36.71 29.06
C VAL B 652 44.23 37.35 28.20
N ASP B 653 45.06 36.51 27.59
CA ASP B 653 45.86 36.87 26.43
C ASP B 653 45.26 36.19 25.22
N GLU B 654 45.12 36.91 24.12
CA GLU B 654 44.53 36.29 22.95
C GLU B 654 45.26 36.76 21.70
N VAL B 655 45.16 35.93 20.68
CA VAL B 655 45.70 36.18 19.36
C VAL B 655 44.57 35.96 18.36
N HIS B 656 44.13 37.03 17.70
CA HIS B 656 43.16 36.89 16.62
C HIS B 656 43.91 36.56 15.33
N GLN B 657 43.44 35.54 14.62
CA GLN B 657 44.08 35.06 13.40
C GLN B 657 43.06 34.98 12.29
N LYS B 658 43.38 35.58 11.15
CA LYS B 658 42.52 35.51 9.97
C LYS B 658 43.20 34.63 8.92
N PHE B 659 42.64 33.44 8.68
CA PHE B 659 43.28 32.53 7.75
C PHE B 659 42.86 32.76 6.32
N ASN B 660 41.59 33.09 6.09
CA ASN B 660 41.11 33.67 4.84
C ASN B 660 39.81 34.40 5.16
N SER B 661 39.01 34.68 4.14
CA SER B 661 37.82 35.50 4.37
C SER B 661 36.71 34.74 5.08
N TRP B 662 36.76 33.40 5.06
CA TRP B 662 35.72 32.56 5.67
C TRP B 662 36.31 31.61 6.71
N ILE B 663 37.52 31.87 7.21
CA ILE B 663 38.14 31.08 8.26
C ILE B 663 38.90 32.04 9.17
N SER B 664 38.44 32.18 10.40
CA SER B 664 39.15 33.00 11.38
C SER B 664 39.13 32.28 12.71
N GLN B 665 40.03 32.70 13.60
CA GLN B 665 40.24 32.00 14.85
C GLN B 665 40.76 33.00 15.88
N VAL B 666 40.42 32.78 17.14
CA VAL B 666 41.01 33.50 18.27
C VAL B 666 41.55 32.48 19.25
N THR B 667 42.84 32.55 19.53
CA THR B 667 43.48 31.64 20.48
C THR B 667 43.60 32.34 21.83
N ARG B 668 42.98 31.76 22.86
CA ARG B 668 42.85 32.44 24.14
C ARG B 668 43.50 31.63 25.25
N LEU B 669 44.32 32.31 26.05
CA LEU B 669 44.89 31.75 27.26
C LEU B 669 44.29 32.53 28.44
N TYR B 670 43.38 31.89 29.15
CA TYR B 670 42.68 32.55 30.24
C TYR B 670 43.40 32.31 31.56
N LYS B 671 43.22 33.27 32.48
CA LYS B 671 43.79 33.18 33.82
C LYS B 671 43.31 31.92 34.52
N ASP B 672 44.26 31.21 35.15
CA ASP B 672 44.02 29.97 35.89
C ASP B 672 43.53 28.84 35.00
N LYS B 673 43.75 28.92 33.69
CA LYS B 673 43.36 27.84 32.79
C LYS B 673 44.60 27.08 32.34
N ASP B 674 44.62 25.77 32.63
CA ASP B 674 45.67 24.88 32.15
C ASP B 674 45.49 24.45 30.68
N HIS B 675 45.11 25.36 29.79
CA HIS B 675 44.90 25.00 28.39
C HIS B 675 44.65 26.26 27.58
N ALA B 676 44.76 26.10 26.26
CA ALA B 676 44.39 27.13 25.31
C ALA B 676 42.99 26.83 24.77
N GLU B 677 42.21 27.87 24.60
CA GLU B 677 40.86 27.77 24.03
C GLU B 677 40.89 28.42 22.67
N ILE B 678 40.65 27.63 21.65
CA ILE B 678 40.80 28.03 20.28
C ILE B 678 39.40 28.11 19.66
N GLU B 679 38.91 29.34 19.48
CA GLU B 679 37.60 29.58 18.91
C GLU B 679 37.71 29.72 17.40
N PHE B 680 37.08 28.79 16.68
CA PHE B 680 37.05 28.86 15.23
C PHE B 680 35.77 29.54 14.77
N THR B 681 35.86 30.20 13.63
CA THR B 681 34.71 30.72 12.91
C THR B 681 34.92 30.33 11.45
N ILE B 682 34.05 29.45 10.93
CA ILE B 682 34.23 28.85 9.62
C ILE B 682 32.95 29.02 8.81
N GLY B 683 33.07 29.68 7.67
CA GLY B 683 31.95 29.86 6.78
C GLY B 683 31.81 31.31 6.36
N PRO B 684 31.02 31.56 5.32
CA PRO B 684 30.36 30.53 4.52
C PRO B 684 31.36 29.76 3.67
N ILE B 685 31.27 28.43 3.59
CA ILE B 685 32.26 27.67 2.83
C ILE B 685 32.03 27.93 1.34
N PRO B 686 32.97 28.57 0.66
CA PRO B 686 32.75 28.93 -0.73
C PRO B 686 32.64 27.69 -1.59
N THR B 687 31.69 27.72 -2.48
CA THR B 687 31.30 26.53 -3.20
C THR B 687 31.12 26.81 -4.68
N ASP B 688 31.36 28.06 -5.12
CA ASP B 688 31.05 28.46 -6.48
C ASP B 688 32.03 27.90 -7.51
N ASP B 689 33.27 27.63 -7.08
CA ASP B 689 34.25 26.95 -7.90
C ASP B 689 33.84 25.53 -8.26
N GLY B 690 32.67 25.10 -7.77
CA GLY B 690 32.14 23.79 -8.06
C GLY B 690 32.68 22.65 -7.23
N VAL B 691 33.55 22.89 -6.24
CA VAL B 691 34.14 21.80 -5.49
C VAL B 691 33.74 21.94 -4.02
N GLY B 692 33.27 20.83 -3.45
CA GLY B 692 32.94 20.81 -2.05
C GLY B 692 34.17 20.74 -1.17
N LYS B 693 34.03 21.28 0.03
CA LYS B 693 35.16 21.43 0.91
C LYS B 693 34.80 20.97 2.31
N GLU B 694 35.73 20.25 2.92
CA GLU B 694 35.56 19.67 4.25
C GLU B 694 36.73 20.15 5.10
N VAL B 695 36.45 21.08 6.02
CA VAL B 695 37.47 21.92 6.67
C VAL B 695 38.00 21.24 7.93
N ILE B 696 39.33 21.26 8.09
CA ILE B 696 39.99 20.71 9.28
C ILE B 696 40.91 21.73 9.89
N THR B 697 41.08 21.64 11.20
CA THR B 697 42.25 22.18 11.90
C THR B 697 43.24 21.04 12.12
N ARG B 698 44.51 21.26 11.75
CA ARG B 698 45.54 20.24 11.88
C ARG B 698 46.66 20.77 12.77
N MET B 699 46.90 20.08 13.89
CA MET B 699 47.99 20.41 14.79
C MET B 699 49.15 19.45 14.54
N THR B 700 50.29 19.97 14.11
CA THR B 700 51.46 19.19 13.73
C THR B 700 52.59 19.42 14.71
N SER B 701 53.12 18.34 15.28
CA SER B 701 54.23 18.36 16.21
C SER B 701 55.26 17.35 15.74
N THR B 702 56.33 17.18 16.50
CA THR B 702 57.35 16.20 16.16
C THR B 702 57.33 14.99 17.10
N MET B 703 56.22 14.83 17.84
CA MET B 703 56.09 13.69 18.75
C MET B 703 56.18 12.38 17.99
N ALA B 704 56.78 11.39 18.64
CA ALA B 704 56.94 10.05 18.07
C ALA B 704 55.72 9.21 18.46
N THR B 705 54.57 9.55 17.83
CA THR B 705 53.32 8.92 18.21
C THR B 705 53.18 7.49 17.66
N ASN B 706 53.96 7.13 16.64
CA ASN B 706 54.05 5.74 16.17
C ASN B 706 52.67 5.19 15.78
N LYS B 707 51.97 5.97 14.96
CA LYS B 707 50.70 5.62 14.33
C LYS B 707 49.56 5.49 15.32
N GLU B 708 49.77 5.75 16.61
CA GLU B 708 48.74 5.56 17.61
C GLU B 708 48.08 6.88 17.99
N PHE B 709 46.79 6.80 18.32
CA PHE B 709 46.09 7.93 18.92
C PHE B 709 44.87 7.40 19.69
N TYR B 710 44.32 8.25 20.54
CA TYR B 710 43.30 7.83 21.50
C TYR B 710 42.05 8.67 21.31
N THR B 711 40.90 8.00 21.16
CA THR B 711 39.62 8.69 21.03
C THR B 711 38.62 8.05 21.98
N ASP B 712 37.62 8.84 22.34
CA ASP B 712 36.67 8.47 23.36
C ASP B 712 35.47 7.73 22.77
N SER B 713 34.78 7.00 23.64
CA SER B 713 33.58 6.24 23.29
C SER B 713 32.40 6.94 23.95
N ASN B 714 31.62 7.66 23.13
CA ASN B 714 30.46 8.44 23.60
C ASN B 714 30.81 9.33 24.79
N GLY B 715 32.03 9.88 24.75
CA GLY B 715 32.51 10.73 25.81
C GLY B 715 32.99 10.01 27.05
N ARG B 716 33.35 8.75 26.94
CA ARG B 716 33.68 7.97 28.12
C ARG B 716 35.04 7.29 27.98
N ASP B 717 35.08 5.98 27.67
CA ASP B 717 36.37 5.29 27.57
C ASP B 717 37.18 5.80 26.39
N PHE B 718 38.49 5.84 26.56
CA PHE B 718 39.39 6.09 25.44
C PHE B 718 39.85 4.77 24.83
N LEU B 719 39.75 4.67 23.51
CA LEU B 719 40.22 3.50 22.79
C LEU B 719 41.47 3.88 22.01
N LYS B 720 42.47 3.00 22.03
CA LYS B 720 43.69 3.21 21.24
C LYS B 720 43.40 2.89 19.78
N ARG B 721 43.50 3.90 18.91
CA ARG B 721 43.40 3.70 17.47
C ARG B 721 44.79 3.66 16.87
N VAL B 722 44.95 2.84 15.82
CA VAL B 722 46.22 2.68 15.12
C VAL B 722 45.99 2.95 13.65
N ARG B 723 46.79 3.87 13.08
CA ARG B 723 46.63 4.29 11.70
C ARG B 723 46.68 3.11 10.73
N ASP B 724 45.63 2.98 9.90
CA ASP B 724 45.58 1.98 8.83
C ASP B 724 45.69 0.56 9.38
N TYR B 725 45.07 0.31 10.52
CA TYR B 725 45.14 -0.99 11.13
C TYR B 725 43.81 -1.33 11.79
N ARG B 726 43.47 -2.64 11.77
CA ARG B 726 42.26 -3.19 12.35
C ARG B 726 42.62 -4.44 13.15
N GLU B 727 42.10 -4.52 14.36
CA GLU B 727 42.35 -5.69 15.22
C GLU B 727 41.66 -6.95 14.71
N ASP B 728 40.44 -6.83 14.16
CA ASP B 728 39.64 -8.03 13.88
C ASP B 728 39.80 -8.56 12.47
N TRP B 729 40.45 -7.83 11.56
CA TRP B 729 40.66 -8.34 10.23
C TRP B 729 41.86 -7.66 9.64
N PRO B 730 42.47 -8.24 8.60
CA PRO B 730 43.59 -7.57 7.93
C PRO B 730 43.11 -6.50 6.99
N LEU B 731 43.24 -5.22 7.39
CA LEU B 731 42.68 -4.15 6.60
C LEU B 731 43.32 -4.09 5.21
N GLU B 732 42.48 -4.00 4.18
CA GLU B 732 42.94 -3.54 2.86
C GLU B 732 42.71 -2.04 2.80
N VAL B 733 43.79 -1.26 2.74
CA VAL B 733 43.72 0.18 2.82
C VAL B 733 43.22 0.74 1.50
N THR B 734 42.10 1.45 1.54
CA THR B 734 41.54 2.08 0.34
C THR B 734 41.32 3.58 0.51
N GLN B 735 41.25 4.07 1.74
CA GLN B 735 41.04 5.48 2.04
C GLN B 735 41.96 5.80 3.21
N PRO B 736 43.22 6.20 2.93
CA PRO B 736 44.17 6.39 4.01
C PRO B 736 43.85 7.59 4.90
N VAL B 737 42.94 8.46 4.47
CA VAL B 737 42.43 9.54 5.32
C VAL B 737 41.11 9.11 5.93
N ALA B 738 40.11 8.87 5.08
CA ALA B 738 38.75 8.64 5.56
C ALA B 738 38.65 7.40 6.43
N GLY B 739 39.49 6.39 6.16
CA GLY B 739 39.47 5.20 6.99
C GLY B 739 40.14 5.35 8.33
N ASN B 740 40.65 6.53 8.63
CA ASN B 740 41.31 6.76 9.92
C ASN B 740 40.60 7.84 10.76
N TYR B 741 39.40 8.29 10.36
CA TYR B 741 38.59 9.20 11.17
C TYR B 741 37.71 8.42 12.15
N TYR B 742 37.59 8.95 13.37
CA TYR B 742 36.83 8.34 14.46
C TYR B 742 35.95 9.38 15.12
N PRO B 743 34.80 8.99 15.67
CA PRO B 743 33.88 9.98 16.25
C PRO B 743 34.36 10.41 17.64
N LEU B 744 34.35 11.71 17.90
CA LEU B 744 34.78 12.31 19.16
C LEU B 744 33.59 12.96 19.85
N ASN B 745 33.41 12.66 21.13
CA ASN B 745 32.46 13.39 21.96
C ASN B 745 33.11 13.97 23.22
N LEU B 746 34.34 13.57 23.52
CA LEU B 746 35.16 14.18 24.56
C LEU B 746 36.44 14.75 23.96
N GLY B 747 37.27 13.93 23.32
CA GLY B 747 38.41 14.48 22.62
C GLY B 747 39.31 13.41 22.04
N ILE B 748 40.49 13.86 21.65
CA ILE B 748 41.52 13.02 21.03
C ILE B 748 42.86 13.40 21.65
N TYR B 749 43.73 12.42 21.85
CA TYR B 749 45.06 12.78 22.32
C TYR B 749 46.09 11.81 21.75
N THR B 750 47.34 12.28 21.76
CA THR B 750 48.50 11.50 21.37
C THR B 750 49.54 11.54 22.48
N LYS B 751 50.61 10.76 22.32
CA LYS B 751 51.66 10.75 23.33
C LYS B 751 52.91 10.08 22.78
N ASP B 752 54.03 10.45 23.37
CA ASP B 752 55.30 9.75 23.21
C ASP B 752 55.89 9.59 24.61
N GLU B 753 57.19 9.31 24.68
CA GLU B 753 57.84 9.07 25.95
C GLU B 753 58.00 10.33 26.79
N LYS B 754 57.85 11.52 26.21
CA LYS B 754 58.06 12.79 26.90
C LYS B 754 56.79 13.61 27.11
N SER B 755 55.79 13.51 26.24
CA SER B 755 54.67 14.46 26.24
C SER B 755 53.35 13.73 25.98
N GLU B 756 52.25 14.36 26.41
CA GLU B 756 50.91 14.04 25.96
C GLU B 756 50.27 15.30 25.42
N PHE B 757 49.72 15.22 24.21
CA PHE B 757 49.05 16.35 23.57
C PHE B 757 47.57 16.02 23.47
N SER B 758 46.72 16.84 24.10
CA SER B 758 45.30 16.53 24.28
C SER B 758 44.45 17.60 23.60
N VAL B 759 43.34 17.17 23.01
CA VAL B 759 42.40 18.06 22.32
C VAL B 759 41.00 17.68 22.77
N LEU B 760 40.27 18.64 23.35
CA LEU B 760 38.87 18.46 23.71
C LEU B 760 37.95 19.20 22.75
N VAL B 761 36.72 18.70 22.57
CA VAL B 761 35.73 19.26 21.66
C VAL B 761 34.55 19.80 22.45
N ASP B 762 33.78 20.69 21.80
CA ASP B 762 32.56 21.24 22.39
C ASP B 762 31.31 20.66 21.75
N ARG B 763 31.44 19.69 20.85
CA ARG B 763 30.34 19.06 20.13
C ARG B 763 30.88 17.79 19.52
N ALA B 764 29.98 16.93 19.05
CA ALA B 764 30.43 15.72 18.36
C ALA B 764 31.19 16.12 17.10
N THR B 765 32.36 15.51 16.91
CA THR B 765 33.35 15.96 15.95
C THR B 765 34.16 14.74 15.50
N GLY B 766 34.49 14.68 14.21
CA GLY B 766 35.41 13.64 13.72
C GLY B 766 36.87 14.07 13.84
N GLY B 767 37.71 13.13 14.27
CA GLY B 767 39.14 13.40 14.41
C GLY B 767 39.97 12.22 13.96
N ALA B 768 41.24 12.52 13.68
CA ALA B 768 42.16 11.54 13.09
C ALA B 768 43.59 12.01 13.27
N SER B 769 44.52 11.07 13.12
CA SER B 769 45.95 11.34 13.08
C SER B 769 46.42 10.71 11.78
N ILE B 770 46.68 11.53 10.78
CA ILE B 770 47.05 11.01 9.47
C ILE B 770 48.55 10.82 9.31
N LYS B 771 49.37 11.57 10.07
CA LYS B 771 50.81 11.33 10.19
C LYS B 771 51.21 11.38 11.66
N ASP B 772 52.38 10.81 11.97
CA ASP B 772 52.86 10.78 13.35
C ASP B 772 53.12 12.18 13.90
N GLY B 773 52.83 12.37 15.19
CA GLY B 773 52.93 13.70 15.78
C GLY B 773 51.90 14.70 15.31
N GLU B 774 50.84 14.25 14.64
CA GLU B 774 49.91 15.13 13.96
C GLU B 774 48.48 14.73 14.30
N VAL B 775 47.63 15.71 14.59
CA VAL B 775 46.24 15.47 14.96
C VAL B 775 45.35 16.50 14.29
N GLU B 776 44.19 16.04 13.78
CA GLU B 776 43.32 16.93 13.02
C GLU B 776 41.86 16.70 13.40
N LEU B 777 41.08 17.78 13.36
CA LEU B 777 39.64 17.76 13.58
C LEU B 777 38.94 18.28 12.34
N MET B 778 37.89 17.58 11.89
CA MET B 778 37.01 18.13 10.87
C MET B 778 35.97 19.01 11.53
N LEU B 779 35.87 20.25 11.09
CA LEU B 779 35.04 21.19 11.83
C LEU B 779 33.78 21.61 11.09
N HIS B 780 33.73 21.48 9.78
CA HIS B 780 32.60 21.95 9.00
C HIS B 780 32.76 21.37 7.60
N ARG B 781 31.62 21.06 6.97
CA ARG B 781 31.64 20.38 5.68
C ARG B 781 30.56 20.97 4.80
N ARG B 782 30.86 21.09 3.52
CA ARG B 782 29.85 21.45 2.54
C ARG B 782 30.14 20.70 1.26
N THR B 783 29.22 19.83 0.85
CA THR B 783 29.36 19.07 -0.38
C THR B 783 28.42 19.60 -1.44
N ILE B 784 28.74 19.28 -2.68
CA ILE B 784 27.93 19.66 -3.83
C ILE B 784 27.11 18.48 -4.34
N ARG B 785 27.45 17.25 -3.95
CA ARG B 785 26.72 16.05 -4.36
C ARG B 785 26.19 15.33 -3.14
N ASP B 786 25.15 14.53 -3.38
CA ASP B 786 24.64 13.55 -2.43
C ASP B 786 25.49 12.27 -2.53
N ASP B 787 25.55 11.50 -1.43
CA ASP B 787 26.38 10.30 -1.42
C ASP B 787 25.57 9.02 -1.66
N GLY B 788 24.36 9.14 -2.19
CA GLY B 788 23.60 7.97 -2.65
C GLY B 788 23.33 6.93 -1.60
N ARG B 789 22.92 7.34 -0.40
CA ARG B 789 22.43 6.41 0.61
C ARG B 789 21.00 6.74 1.02
N GLY B 790 20.28 7.55 0.26
CA GLY B 790 18.85 7.74 0.47
C GLY B 790 18.40 9.12 0.92
N VAL B 791 19.27 9.95 1.53
CA VAL B 791 18.76 11.25 1.99
C VAL B 791 18.46 12.17 0.80
N GLY B 792 19.10 11.94 -0.34
CA GLY B 792 18.76 12.65 -1.56
C GLY B 792 19.08 14.13 -1.52
N GLU B 793 20.06 14.54 -0.72
CA GLU B 793 20.39 15.96 -0.54
C GLU B 793 21.88 16.14 -0.32
N PRO B 794 22.56 16.94 -1.13
CA PRO B 794 23.91 17.39 -0.76
C PRO B 794 23.88 18.02 0.63
N LEU B 795 24.99 17.90 1.34
CA LEU B 795 25.12 18.59 2.62
C LEU B 795 25.49 20.04 2.31
N ASP B 796 24.47 20.90 2.15
CA ASP B 796 24.67 22.24 1.61
C ASP B 796 23.88 23.24 2.48
N GLU B 797 24.33 23.41 3.72
CA GLU B 797 23.57 24.15 4.70
C GLU B 797 23.65 25.65 4.41
N GLN B 798 22.50 26.31 4.43
CA GLN B 798 22.42 27.73 4.10
C GLN B 798 21.50 28.46 5.08
N VAL B 799 21.80 29.73 5.30
CA VAL B 799 20.98 30.63 6.09
C VAL B 799 20.37 31.64 5.11
N CYS B 800 19.05 31.75 5.10
CA CYS B 800 18.36 32.54 4.11
C CYS B 800 17.48 33.59 4.76
N MET B 801 17.17 34.63 3.98
CA MET B 801 16.28 35.72 4.40
C MET B 801 15.14 35.93 3.41
N THR B 806 17.91 36.51 0.19
CA THR B 806 19.36 36.33 0.25
C THR B 806 19.75 35.08 1.05
N CYS B 807 20.65 34.27 0.49
CA CYS B 807 21.15 33.06 1.13
C CYS B 807 22.67 33.05 1.08
N GLU B 808 23.28 32.48 2.13
CA GLU B 808 24.70 32.16 2.10
C GLU B 808 24.93 30.86 2.86
N GLY B 809 26.08 30.22 2.63
CA GLY B 809 26.41 29.02 3.39
C GLY B 809 26.47 29.28 4.89
N LEU B 810 26.05 28.29 5.67
CA LEU B 810 26.06 28.40 7.13
C LEU B 810 27.48 28.63 7.67
N THR B 811 27.58 29.42 8.74
CA THR B 811 28.83 29.63 9.45
C THR B 811 28.72 29.02 10.84
N VAL B 812 29.72 28.24 11.25
CA VAL B 812 29.72 27.67 12.60
C VAL B 812 30.82 28.33 13.41
N ARG B 813 30.54 28.53 14.67
CA ARG B 813 31.52 29.00 15.64
C ARG B 813 31.50 28.05 16.82
N GLY B 814 32.70 27.74 17.31
CA GLY B 814 32.83 26.89 18.48
C GLY B 814 34.26 26.96 18.99
N ASN B 815 34.52 26.15 20.00
CA ASN B 815 35.85 26.09 20.60
C ASN B 815 36.33 24.64 20.63
N TYR B 816 37.63 24.44 20.39
CA TYR B 816 38.34 23.28 20.89
C TYR B 816 39.46 23.73 21.83
N TYR B 817 39.90 22.80 22.67
CA TYR B 817 40.77 23.10 23.80
C TYR B 817 42.03 22.25 23.70
N LEU B 818 43.20 22.89 23.75
CA LEU B 818 44.50 22.23 23.64
C LEU B 818 45.28 22.35 24.93
N SER B 819 46.07 21.32 25.22
CA SER B 819 46.93 21.36 26.39
C SER B 819 48.03 20.32 26.21
N ILE B 820 49.09 20.50 27.00
CA ILE B 820 50.25 19.61 27.00
C ILE B 820 50.53 19.23 28.45
N HIS B 821 50.97 17.98 28.66
CA HIS B 821 51.27 17.48 29.99
C HIS B 821 52.38 16.45 29.92
N LYS B 822 52.95 16.16 31.08
CA LYS B 822 53.83 15.01 31.17
C LYS B 822 53.00 13.72 31.13
N PRO B 823 53.55 12.64 30.54
CA PRO B 823 52.86 11.35 30.56
C PRO B 823 52.24 11.01 31.91
N ALA B 824 50.99 10.55 31.87
CA ALA B 824 50.15 10.16 32.99
C ALA B 824 49.59 11.34 33.77
N ALA B 825 49.84 12.58 33.35
CA ALA B 825 49.23 13.77 33.95
C ALA B 825 48.21 14.45 33.05
N GLY B 826 48.01 13.95 31.82
CA GLY B 826 47.05 14.58 30.93
C GLY B 826 45.63 14.12 31.18
N SER B 827 45.46 12.89 31.68
CA SER B 827 44.12 12.34 31.84
C SER B 827 43.27 13.19 32.77
N ARG B 828 43.86 13.70 33.87
CA ARG B 828 43.07 14.47 34.82
C ARG B 828 42.66 15.82 34.24
N TRP B 829 43.46 16.40 33.33
CA TRP B 829 42.99 17.57 32.61
C TRP B 829 41.82 17.21 31.71
N ARG B 830 41.90 16.07 31.02
CA ARG B 830 40.87 15.72 30.05
C ARG B 830 39.53 15.48 30.74
N ARG B 831 39.56 14.72 31.85
CA ARG B 831 38.32 14.41 32.56
C ARG B 831 37.73 15.64 33.25
N THR B 832 38.57 16.42 33.97
CA THR B 832 38.04 17.60 34.67
C THR B 832 37.50 18.63 33.68
N THR B 833 38.31 19.01 32.69
CA THR B 833 37.89 20.05 31.76
C THR B 833 36.75 19.56 30.85
N GLY B 834 36.70 18.24 30.59
CA GLY B 834 35.59 17.69 29.84
C GLY B 834 34.27 17.95 30.54
N GLN B 835 34.24 17.73 31.86
CA GLN B 835 33.01 17.98 32.61
C GLN B 835 32.69 19.46 32.68
N GLU B 836 33.70 20.33 32.71
CA GLU B 836 33.46 21.77 32.73
C GLU B 836 32.95 22.28 31.39
N ILE B 837 33.51 21.75 30.29
CA ILE B 837 32.96 22.03 28.98
C ILE B 837 31.51 21.57 28.91
N TYR B 838 31.22 20.39 29.48
CA TYR B 838 29.87 19.84 29.37
C TYR B 838 28.87 20.66 30.15
N SER B 839 29.26 21.15 31.32
CA SER B 839 28.34 21.74 32.27
C SER B 839 28.88 23.11 32.68
N PRO B 840 28.72 24.12 31.81
CA PRO B 840 29.20 25.47 32.15
C PRO B 840 28.31 26.14 33.18
N MET B 841 28.80 27.26 33.71
CA MET B 841 27.97 28.09 34.58
CA MET B 841 27.97 28.09 34.58
C MET B 841 26.73 28.57 33.84
N LEU B 842 25.64 28.74 34.59
CA LEU B 842 24.45 29.41 34.09
C LEU B 842 24.43 30.83 34.65
N LEU B 843 24.26 31.82 33.78
CA LEU B 843 24.12 33.20 34.21
C LEU B 843 22.66 33.61 34.15
N ALA B 844 22.19 34.28 35.21
CA ALA B 844 20.87 34.92 35.22
C ALA B 844 21.05 36.40 35.53
N PHE B 845 20.30 37.25 34.83
CA PHE B 845 20.46 38.70 34.95
C PHE B 845 19.17 39.39 35.38
N THR B 846 19.35 40.49 36.11
CA THR B 846 18.31 41.47 36.37
C THR B 846 18.97 42.77 36.79
N GLN B 847 18.18 43.83 36.84
CA GLN B 847 18.67 45.15 37.27
C GLN B 847 17.94 45.56 38.54
N GLU B 848 18.71 45.81 39.59
CA GLU B 848 18.17 46.22 40.87
C GLU B 848 19.23 47.02 41.64
N ASN B 849 18.78 47.92 42.50
CA ASN B 849 19.67 48.54 43.46
C ASN B 849 20.35 47.46 44.31
N MET B 850 21.66 47.55 44.46
CA MET B 850 22.40 46.45 45.08
C MET B 850 21.91 46.17 46.49
N GLU B 851 21.77 47.22 47.32
CA GLU B 851 21.44 47.00 48.72
C GLU B 851 20.04 46.43 48.88
N ASN B 852 19.06 46.92 48.12
CA ASN B 852 17.73 46.33 48.16
C ASN B 852 17.76 44.86 47.71
N TRP B 853 18.66 44.51 46.78
CA TRP B 853 18.79 43.10 46.39
C TRP B 853 19.32 42.25 47.54
N LYS B 854 20.48 42.62 48.09
CA LYS B 854 21.11 41.87 49.16
C LYS B 854 20.21 41.73 50.38
N SER B 855 19.22 42.62 50.51
CA SER B 855 18.29 42.56 51.62
C SER B 855 17.18 41.55 51.39
N SER B 856 16.79 41.34 50.14
CA SER B 856 15.70 40.43 49.80
C SER B 856 16.18 39.08 49.29
N HIS B 857 17.47 38.92 49.00
CA HIS B 857 17.97 37.73 48.31
C HIS B 857 19.23 37.22 48.96
N SER B 858 19.29 35.90 49.17
CA SER B 858 20.56 35.27 49.50
C SER B 858 21.52 35.45 48.34
N THR B 859 22.67 36.04 48.63
CA THR B 859 23.65 36.34 47.61
C THR B 859 24.50 35.14 47.23
N LYS B 860 24.57 34.15 48.11
CA LYS B 860 25.46 33.01 48.02
C LYS B 860 24.69 31.80 48.54
N GLY B 861 24.94 30.64 47.94
CA GLY B 861 24.21 29.47 48.38
C GLY B 861 24.81 28.21 47.80
N ILE B 862 24.47 27.10 48.43
CA ILE B 862 24.74 25.77 47.90
C ILE B 862 23.71 24.83 48.51
N PHE B 863 23.33 23.80 47.76
CA PHE B 863 22.41 22.79 48.27
C PHE B 863 23.11 21.61 48.88
N MET B 864 24.41 21.50 48.68
CA MET B 864 25.16 20.50 49.41
C MET B 864 25.57 21.06 50.78
N ASP B 865 26.24 20.23 51.57
CA ASP B 865 26.85 20.69 52.81
C ASP B 865 27.77 21.87 52.51
N PRO B 866 27.83 22.87 53.42
CA PRO B 866 28.57 24.10 53.11
C PRO B 866 30.03 23.92 52.76
N ASN B 867 30.68 22.84 53.21
CA ASN B 867 32.07 22.58 52.91
C ASN B 867 32.24 21.13 52.42
N TYR B 868 31.47 20.78 51.39
CA TYR B 868 31.57 19.46 50.78
C TYR B 868 31.63 19.60 49.27
N SER B 869 32.57 18.90 48.64
CA SER B 869 32.61 18.72 47.20
C SER B 869 32.44 17.24 46.89
N LEU B 870 32.00 16.94 45.66
CA LEU B 870 32.18 15.57 45.17
C LEU B 870 33.67 15.32 44.95
N PRO B 871 34.13 14.08 45.06
CA PRO B 871 35.51 13.79 44.75
C PRO B 871 35.87 14.24 43.34
N PRO B 872 37.12 14.60 43.10
CA PRO B 872 37.52 15.04 41.75
C PRO B 872 37.28 13.98 40.70
N SER B 873 37.10 12.73 41.11
CA SER B 873 36.90 11.66 40.15
C SER B 873 35.43 11.43 39.82
N VAL B 874 34.51 12.21 40.40
CA VAL B 874 33.07 11.91 40.36
C VAL B 874 32.31 13.09 39.74
N ALA B 875 31.30 12.77 38.93
CA ALA B 875 30.33 13.74 38.41
C ALA B 875 28.90 13.30 38.74
N LEU B 876 28.07 14.27 39.11
CA LEU B 876 26.63 14.06 39.29
C LEU B 876 25.98 14.23 37.91
N ILE B 877 25.82 13.12 37.20
CA ILE B 877 25.28 13.19 35.84
C ILE B 877 23.75 13.21 35.79
N THR B 878 23.07 12.80 36.85
CA THR B 878 21.62 12.82 36.86
C THR B 878 21.13 13.20 38.23
N LEU B 879 20.24 14.18 38.27
CA LEU B 879 19.55 14.53 39.50
C LEU B 879 18.20 15.07 39.06
N GLU B 880 17.13 14.34 39.35
CA GLU B 880 15.89 14.66 38.67
C GLU B 880 14.68 14.26 39.50
N GLU B 881 13.70 15.13 39.53
CA GLU B 881 12.45 14.81 40.20
C GLU B 881 11.57 13.98 39.27
N LEU B 882 11.18 12.79 39.72
CA LEU B 882 10.18 11.99 39.02
C LEU B 882 8.79 12.30 39.60
N ASP B 883 7.81 11.50 39.24
CA ASP B 883 6.48 11.68 39.81
C ASP B 883 6.44 11.19 41.25
N ASP B 884 5.45 11.68 42.00
CA ASP B 884 5.28 11.37 43.42
C ASP B 884 6.52 11.91 44.15
N GLY B 885 7.06 11.20 45.14
CA GLY B 885 8.23 11.73 45.81
C GLY B 885 9.56 11.22 45.33
N LEU B 886 9.57 10.38 44.29
CA LEU B 886 10.80 9.76 43.82
C LEU B 886 11.72 10.79 43.17
N VAL B 887 13.01 10.69 43.50
CA VAL B 887 14.08 11.45 42.86
C VAL B 887 15.06 10.45 42.25
N LEU B 888 15.51 10.74 41.03
CA LEU B 888 16.45 9.88 40.32
C LEU B 888 17.84 10.47 40.45
N LEU B 889 18.81 9.64 40.86
CA LEU B 889 20.17 10.09 41.10
C LEU B 889 21.18 9.18 40.42
N ARG B 890 22.12 9.76 39.68
CA ARG B 890 23.23 9.00 39.10
C ARG B 890 24.56 9.68 39.37
N LEU B 891 25.54 8.89 39.80
CA LEU B 891 26.90 9.32 40.03
C LEU B 891 27.83 8.51 39.14
N ALA B 892 28.76 9.19 38.47
CA ALA B 892 29.69 8.53 37.56
C ALA B 892 31.14 8.74 38.00
N HIS B 893 31.90 7.66 38.02
CA HIS B 893 33.34 7.74 38.14
C HIS B 893 33.93 8.01 36.77
N LEU B 894 34.59 9.17 36.62
CA LEU B 894 35.05 9.64 35.33
C LEU B 894 36.31 8.95 34.82
N TYR B 895 37.03 8.19 35.65
CA TYR B 895 38.36 7.69 35.31
C TYR B 895 38.37 6.18 35.05
N GLU B 896 39.20 5.78 34.07
CA GLU B 896 39.56 4.38 33.81
C GLU B 896 40.72 3.97 34.71
N PRO B 897 40.85 2.68 35.00
CA PRO B 897 41.87 2.21 35.96
C PRO B 897 43.29 2.72 35.74
N SER B 898 43.71 2.94 34.50
CA SER B 898 45.13 3.23 34.30
C SER B 898 45.46 4.73 34.27
N GLU B 899 44.48 5.61 34.45
CA GLU B 899 44.57 6.99 33.96
C GLU B 899 45.31 7.91 34.93
N ASP B 900 44.86 7.97 36.18
CA ASP B 900 45.40 8.91 37.16
C ASP B 900 45.71 8.17 38.45
N ALA B 901 46.97 8.19 38.88
CA ALA B 901 47.38 7.44 40.07
C ALA B 901 46.54 7.83 41.28
N GLU B 902 46.25 9.12 41.44
CA GLU B 902 45.41 9.53 42.55
C GLU B 902 43.93 9.21 42.29
N TYR B 903 43.39 9.67 41.15
CA TYR B 903 41.94 9.62 40.95
C TYR B 903 41.42 8.30 40.39
N SER B 904 42.26 7.47 39.76
CA SER B 904 41.76 6.21 39.22
C SER B 904 41.69 5.16 40.32
N THR B 905 41.02 5.48 41.41
CA THR B 905 40.94 4.64 42.59
C THR B 905 39.52 4.64 43.11
N LEU B 906 39.23 3.69 43.98
CA LEU B 906 37.94 3.63 44.67
C LEU B 906 37.70 4.89 45.48
N THR B 907 36.47 5.41 45.41
CA THR B 907 36.11 6.66 46.07
C THR B 907 34.75 6.49 46.71
N LYS B 908 34.27 7.54 47.37
CA LYS B 908 32.95 7.48 47.99
C LYS B 908 32.29 8.84 47.95
N VAL B 909 30.96 8.82 48.00
CA VAL B 909 30.13 10.01 48.03
C VAL B 909 29.22 9.90 49.23
N GLU B 910 29.08 10.98 49.98
CA GLU B 910 28.22 11.01 51.16
C GLU B 910 26.90 11.67 50.76
N LEU B 911 25.88 10.84 50.58
CA LEU B 911 24.61 11.35 50.06
C LEU B 911 23.93 12.31 51.05
N LYS B 912 24.10 12.09 52.35
CA LYS B 912 23.52 13.04 53.30
C LYS B 912 24.15 14.41 53.14
N LYS B 913 25.41 14.46 52.71
CA LYS B 913 26.11 15.72 52.47
C LYS B 913 25.83 16.26 51.09
N LEU B 914 25.49 15.38 50.14
CA LEU B 914 25.02 15.84 48.83
C LEU B 914 23.71 16.60 48.96
N PHE B 915 22.79 16.12 49.81
CA PHE B 915 21.49 16.75 50.03
C PHE B 915 21.46 17.33 51.44
N ALA B 916 22.00 18.54 51.61
CA ALA B 916 22.16 19.07 52.96
C ALA B 916 20.86 19.60 53.56
N THR B 917 19.99 20.18 52.74
CA THR B 917 18.75 20.80 53.24
C THR B 917 17.60 19.82 53.38
N GLN B 918 17.78 18.55 53.00
CA GLN B 918 16.71 17.55 53.01
C GLN B 918 17.20 16.30 53.73
N LYS B 919 16.26 15.49 54.21
CA LYS B 919 16.55 14.23 54.88
C LYS B 919 16.17 13.07 53.97
N ILE B 920 17.14 12.19 53.69
CA ILE B 920 16.90 10.99 52.89
C ILE B 920 16.07 10.02 53.71
N GLU B 921 14.85 9.74 53.25
CA GLU B 921 14.02 8.76 53.96
C GLU B 921 14.24 7.34 53.45
N GLU B 922 14.25 7.16 52.12
CA GLU B 922 14.42 5.86 51.50
C GLU B 922 15.43 5.98 50.35
N LEU B 923 16.29 4.97 50.23
CA LEU B 923 17.22 4.84 49.13
C LEU B 923 17.06 3.45 48.52
N ARG B 924 17.14 3.39 47.19
CA ARG B 924 16.98 2.13 46.46
C ARG B 924 17.91 2.19 45.26
N GLU B 925 18.81 1.21 45.13
CA GLU B 925 19.69 1.17 43.98
C GLU B 925 19.02 0.39 42.85
N VAL B 926 18.99 0.98 41.67
CA VAL B 926 18.27 0.41 40.53
C VAL B 926 19.24 0.25 39.37
N SER B 927 18.75 -0.34 38.28
CA SER B 927 19.58 -0.49 37.10
C SER B 927 19.84 0.87 36.46
N LEU B 928 20.69 0.88 35.43
CA LEU B 928 21.10 2.12 34.79
C LEU B 928 19.92 2.89 34.22
N SER B 929 18.95 2.20 33.61
CA SER B 929 17.74 2.88 33.11
C SER B 929 16.64 2.95 34.17
N ALA B 930 16.93 2.50 35.39
CA ALA B 930 16.00 2.67 36.51
C ALA B 930 14.70 1.89 36.31
N ASN B 931 14.77 0.76 35.62
CA ASN B 931 13.59 -0.09 35.44
C ASN B 931 13.67 -1.41 36.19
N GLN B 932 14.75 -1.65 36.96
CA GLN B 932 15.00 -2.91 37.67
C GLN B 932 15.62 -2.65 39.04
N GLU B 933 15.29 -3.51 40.01
CA GLU B 933 16.06 -3.56 41.25
C GLU B 933 17.49 -3.99 40.92
N LYS B 934 18.47 -3.19 41.35
CA LYS B 934 19.86 -3.50 41.00
C LYS B 934 20.25 -4.89 41.48
N SER B 935 19.76 -5.30 42.65
CA SER B 935 20.16 -6.58 43.23
C SER B 935 19.56 -7.77 42.49
N GLU B 936 18.46 -7.59 41.77
CA GLU B 936 17.77 -8.72 41.15
C GLU B 936 18.18 -8.94 39.70
N MET B 937 19.24 -8.28 39.23
CA MET B 937 19.66 -8.42 37.85
C MET B 937 20.42 -9.73 37.67
N LYS B 938 20.06 -10.47 36.62
CA LYS B 938 20.63 -11.77 36.29
C LYS B 938 21.37 -11.67 34.97
N LYS B 939 22.46 -12.44 34.85
CA LYS B 939 23.31 -12.49 33.67
C LYS B 939 23.33 -13.90 33.10
N MET B 940 23.28 -14.02 31.77
CA MET B 940 23.53 -15.30 31.13
C MET B 940 25.01 -15.66 31.23
N LYS B 941 25.29 -16.96 31.14
CA LYS B 941 26.66 -17.42 31.07
C LYS B 941 27.00 -17.84 29.65
N TRP B 942 28.18 -17.45 29.20
CA TRP B 942 28.65 -17.76 27.87
C TRP B 942 30.02 -18.41 27.95
N SER B 943 30.24 -19.42 27.12
CA SER B 943 31.56 -19.98 26.94
C SER B 943 32.22 -19.23 25.79
N VAL B 944 33.28 -18.47 26.09
CA VAL B 944 33.92 -17.57 25.15
C VAL B 944 35.31 -18.07 24.81
N GLU B 945 35.64 -18.07 23.52
CA GLU B 945 36.94 -18.51 23.05
C GLU B 945 38.07 -17.69 23.68
N GLY B 946 39.11 -18.39 24.14
CA GLY B 946 40.25 -17.75 24.77
C GLY B 946 40.17 -17.61 26.29
N ASP B 947 39.03 -17.90 26.90
CA ASP B 947 38.87 -17.72 28.34
C ASP B 947 39.60 -18.84 29.14
N ASP B 964 23.27 6.32 57.12
CA ASP B 964 24.57 6.13 56.49
C ASP B 964 24.63 6.77 55.08
N PHE B 965 24.16 6.02 54.09
CA PHE B 965 23.94 6.52 52.72
C PHE B 965 25.23 7.02 52.08
N VAL B 966 26.28 6.21 52.16
CA VAL B 966 27.56 6.51 51.51
C VAL B 966 27.70 5.62 50.27
N VAL B 967 27.95 6.23 49.12
CA VAL B 967 28.00 5.54 47.85
C VAL B 967 29.46 5.34 47.45
N GLU B 968 29.91 4.09 47.40
CA GLU B 968 31.24 3.78 46.87
C GLU B 968 31.22 3.65 45.35
N LEU B 969 32.25 4.18 44.70
CA LEU B 969 32.36 4.09 43.25
C LEU B 969 33.78 3.71 42.87
N GLY B 970 33.90 2.66 42.06
CA GLY B 970 35.15 2.31 41.41
C GLY B 970 35.23 2.92 40.02
N PRO B 971 36.44 2.89 39.43
CA PRO B 971 36.65 3.55 38.14
C PRO B 971 35.63 3.12 37.08
N MET B 972 35.14 4.11 36.31
CA MET B 972 34.18 3.92 35.22
C MET B 972 32.81 3.42 35.68
N GLU B 973 32.57 3.28 36.99
CA GLU B 973 31.25 2.85 37.46
C GLU B 973 30.25 3.98 37.39
N ILE B 974 29.01 3.63 37.07
CA ILE B 974 27.88 4.54 37.18
C ILE B 974 26.86 3.87 38.07
N ARG B 975 26.51 4.50 39.18
CA ARG B 975 25.50 3.92 40.04
C ARG B 975 24.28 4.83 40.01
N THR B 976 23.10 4.20 39.95
CA THR B 976 21.82 4.88 39.77
C THR B 976 20.94 4.58 40.98
N PHE B 977 20.22 5.60 41.47
CA PHE B 977 19.41 5.41 42.65
C PHE B 977 18.08 6.15 42.57
N LEU B 978 17.09 5.57 43.24
CA LEU B 978 15.83 6.25 43.51
C LEU B 978 15.79 6.59 45.00
N LEU B 979 15.54 7.85 45.31
CA LEU B 979 15.51 8.35 46.68
C LEU B 979 14.12 8.87 47.00
N GLN B 980 13.75 8.77 48.27
CA GLN B 980 12.52 9.39 48.75
C GLN B 980 12.85 10.32 49.91
N PHE B 981 12.24 11.50 49.89
CA PHE B 981 12.45 12.52 50.92
C PHE B 981 11.19 12.76 51.76
C1 NAG C . -15.68 -23.86 -32.91
C2 NAG C . -15.10 -22.44 -32.81
C3 NAG C . -14.43 -22.20 -31.45
C4 NAG C . -15.37 -22.56 -30.31
C5 NAG C . -15.81 -24.02 -30.49
C6 NAG C . -16.75 -24.49 -29.42
C7 NAG C . -14.43 -21.44 -34.95
C8 NAG C . -15.80 -20.85 -35.00
N2 NAG C . -14.15 -22.18 -33.88
O3 NAG C . -14.02 -20.84 -31.36
O4 NAG C . -14.79 -22.30 -29.04
O5 NAG C . -16.50 -24.14 -31.75
O6 NAG C . -16.84 -25.91 -29.41
O7 NAG C . -13.60 -21.23 -35.84
C1 NAG C . -13.58 -23.01 -28.70
C2 NAG C . -12.72 -22.15 -27.77
C3 NAG C . -11.55 -22.94 -27.19
C4 NAG C . -11.98 -24.30 -26.64
C5 NAG C . -12.82 -25.04 -27.66
C6 NAG C . -13.44 -26.30 -27.08
C7 NAG C . -12.31 -19.72 -28.01
C8 NAG C . -11.67 -18.68 -28.85
N2 NAG C . -12.22 -20.97 -28.47
O3 NAG C . -10.94 -22.18 -26.15
O4 NAG C . -10.82 -25.10 -26.41
O5 NAG C . -13.91 -24.22 -28.07
O6 NAG C . -14.13 -27.03 -28.08
O7 NAG C . -12.85 -19.45 -26.93
C1 BMA C . -10.54 -25.23 -25.00
C2 BMA C . -9.59 -26.43 -24.77
C3 BMA C . -9.11 -26.45 -23.31
C4 BMA C . -8.64 -25.06 -22.81
C5 BMA C . -9.67 -23.93 -23.17
C6 BMA C . -9.07 -22.57 -22.99
O2 BMA C . -8.44 -26.29 -25.57
O3 BMA C . -8.05 -27.38 -23.12
O4 BMA C . -8.45 -25.10 -21.40
O5 BMA C . -9.97 -24.03 -24.55
O6 BMA C . -7.91 -22.53 -23.76
C1 MAN C . -8.47 -28.52 -22.33
C2 MAN C . -7.16 -29.12 -21.75
C3 MAN C . -6.32 -29.59 -22.90
C4 MAN C . -7.08 -30.60 -23.77
C5 MAN C . -8.47 -30.10 -24.18
C6 MAN C . -9.32 -31.24 -24.69
O2 MAN C . -7.41 -30.32 -21.02
O3 MAN C . -5.14 -30.18 -22.41
O4 MAN C . -6.33 -30.81 -24.94
O5 MAN C . -9.18 -29.49 -23.09
O6 MAN C . -10.71 -30.86 -24.57
C1 MAN C . -7.60 -30.01 -19.62
C2 MAN C . -7.31 -31.32 -18.86
C3 MAN C . -8.51 -32.32 -18.93
C4 MAN C . -9.89 -31.65 -18.73
C5 MAN C . -10.03 -30.38 -19.62
C6 MAN C . -11.30 -29.59 -19.34
O2 MAN C . -6.99 -31.03 -17.47
O3 MAN C . -8.40 -33.40 -18.02
O4 MAN C . -10.96 -32.56 -19.03
O5 MAN C . -8.92 -29.51 -19.32
O6 MAN C . -11.21 -28.32 -19.98
C1 MAN C . -6.88 -31.62 -16.18
C1 MAN C . -5.58 -30.67 -17.35
C2 MAN C . -7.12 -30.56 -15.13
C2 MAN C . -5.50 -30.23 -15.83
C3 MAN C . -6.09 -29.39 -15.27
C3 MAN C . -4.10 -29.75 -15.41
C4 MAN C . -4.64 -29.83 -15.67
C4 MAN C . -3.15 -29.64 -16.62
C5 MAN C . -4.66 -31.00 -16.67
C5 MAN C . -3.86 -28.92 -17.77
C6 MAN C . -3.31 -31.61 -17.04
C6 MAN C . -2.95 -28.73 -18.97
O2 MAN C . -6.91 -31.12 -13.82
O2 MAN C . -5.85 -31.29 -14.91
O3 MAN C . -5.99 -28.68 -14.06
O3 MAN C . -3.54 -30.58 -14.39
O4 MAN C . -3.94 -28.70 -16.21
O4 MAN C . -2.00 -28.90 -16.24
O5 MAN C . -5.57 -32.03 -16.15
O5 MAN C . -5.04 -29.66 -18.23
O6 MAN C . -3.30 -31.79 -18.46
O6 MAN C . -1.61 -28.95 -18.53
C1 MAN C . -6.36 -27.30 -14.17
C2 MAN C . -5.20 -26.49 -13.53
C3 MAN C . -5.25 -26.42 -11.95
C4 MAN C . -6.68 -26.77 -11.32
C5 MAN C . -7.50 -27.72 -12.22
C6 MAN C . -8.92 -28.03 -11.74
O2 MAN C . -5.19 -25.18 -13.95
O3 MAN C . -4.64 -25.14 -11.45
O4 MAN C . -6.53 -27.40 -10.06
O5 MAN C . -7.57 -27.15 -13.54
O6 MAN C . -9.35 -29.25 -12.34
C1 MAN C . -7.23 -21.28 -23.63
C2 MAN C . -6.17 -21.28 -24.74
C3 MAN C . -5.01 -22.22 -24.39
C4 MAN C . -4.49 -21.94 -22.97
C5 MAN C . -5.60 -22.08 -21.96
C6 MAN C . -5.14 -21.71 -20.58
O2 MAN C . -5.61 -19.98 -24.86
O3 MAN C . -3.93 -22.05 -25.30
O4 MAN C . -3.41 -22.82 -22.62
O5 MAN C . -6.63 -21.12 -22.33
O6 MAN C . -4.59 -20.42 -20.68
C1 MAN C . -3.87 -23.13 -26.27
C2 MAN C . -2.50 -23.07 -26.97
C3 MAN C . -2.41 -21.82 -27.85
C4 MAN C . -3.56 -21.83 -28.85
C5 MAN C . -4.88 -21.84 -28.08
C6 MAN C . -6.11 -21.90 -28.99
O2 MAN C . -2.39 -24.17 -27.87
O3 MAN C . -1.16 -21.69 -28.49
O4 MAN C . -3.51 -20.71 -29.73
O5 MAN C . -4.91 -23.00 -27.23
O6 MAN C . -7.29 -21.65 -28.21
C1 MAN C . -1.08 -24.78 -27.80
C2 MAN C . -1.01 -25.80 -28.96
C3 MAN C . -1.87 -27.06 -28.63
C4 MAN C . -1.57 -27.57 -27.20
C5 MAN C . -1.82 -26.43 -26.23
C6 MAN C . -1.51 -26.85 -24.83
O2 MAN C . 0.33 -26.25 -29.22
O3 MAN C . -1.70 -28.09 -29.58
O4 MAN C . -2.44 -28.63 -26.89
O5 MAN C . -0.90 -25.37 -26.54
O6 MAN C . -0.09 -26.91 -24.77
C1 MAN C . -3.86 -20.06 -19.48
C2 MAN C . -3.45 -18.61 -19.67
C3 MAN C . -2.55 -18.51 -20.86
C4 MAN C . -1.29 -19.36 -20.62
C5 MAN C . -1.69 -20.83 -20.32
C6 MAN C . -0.52 -21.67 -19.87
O2 MAN C . -2.59 -18.20 -18.61
O3 MAN C . -2.16 -17.16 -21.14
O4 MAN C . -0.47 -19.30 -21.78
O5 MAN C . -2.70 -20.90 -19.26
O6 MAN C . 0.05 -21.02 -18.75
C1 MAN C . -3.28 -17.36 -17.66
C2 MAN C . -2.17 -16.63 -16.94
C3 MAN C . -1.38 -17.65 -16.14
C4 MAN C . -2.30 -18.42 -15.18
C5 MAN C . -3.45 -19.09 -15.96
C6 MAN C . -4.47 -19.68 -15.03
O2 MAN C . -2.69 -15.67 -16.00
O3 MAN C . -0.31 -17.07 -15.39
O4 MAN C . -1.56 -19.44 -14.55
O5 MAN C . -4.10 -18.13 -16.77
O6 MAN C . -5.44 -20.33 -15.81
C1 NAG D . -44.00 19.79 -1.23
C2 NAG D . -45.36 19.28 -0.70
C3 NAG D . -46.52 20.15 -1.20
C4 NAG D . -46.23 21.64 -1.05
C5 NAG D . -44.89 21.94 -1.69
C6 NAG D . -44.46 23.39 -1.62
C7 NAG D . -46.49 17.08 -0.60
C8 NAG D . -46.54 15.69 -1.15
N2 NAG D . -45.56 17.90 -1.11
O3 NAG D . -47.70 19.82 -0.48
O4 NAG D . -47.28 22.37 -1.68
O5 NAG D . -43.89 21.19 -1.01
O6 NAG D . -44.69 23.94 -0.33
O7 NAG D . -47.26 17.45 0.30
C1 NAG D . -47.69 23.53 -0.90
C2 NAG D . -48.06 24.63 -1.93
C3 NAG D . -49.50 25.08 -1.76
C4 NAG D . -50.41 23.87 -1.75
C5 NAG D . -50.14 23.03 -0.50
C6 NAG D . -50.19 21.54 -0.77
C7 NAG D . -46.27 26.09 -2.78
C8 NAG D . -45.40 27.28 -2.51
N2 NAG D . -47.13 25.76 -1.83
O3 NAG D . -49.86 25.95 -2.83
O4 NAG D . -51.78 24.28 -1.75
O5 NAG D . -48.84 23.32 0.04
O6 NAG D . -50.94 20.84 0.23
O7 NAG D . -46.18 25.45 -3.84
C1 NAG E . 25.16 30.27 18.57
C2 NAG E . 25.30 29.43 17.28
C3 NAG E . 23.98 28.78 16.87
C4 NAG E . 23.35 28.05 18.03
C5 NAG E . 23.15 29.04 19.18
C6 NAG E . 22.56 28.41 20.41
C7 NAG E . 26.96 30.13 15.59
C8 NAG E . 27.81 29.02 16.08
N2 NAG E . 25.79 30.28 16.19
O3 NAG E . 24.20 27.85 15.82
O4 NAG E . 22.14 27.42 17.65
O5 NAG E . 24.45 29.52 19.57
O6 NAG E . 22.28 29.39 21.39
O7 NAG E . 27.33 30.86 14.66
C1 NAG E . 21.04 28.21 17.17
C2 NAG E . 20.23 27.34 16.21
C3 NAG E . 18.91 28.00 15.82
C4 NAG E . 18.18 28.57 17.03
C5 NAG E . 19.12 29.40 17.88
C6 NAG E . 18.49 29.87 19.17
C7 NAG E . 21.21 25.78 14.57
C8 NAG E . 22.02 25.66 13.34
N2 NAG E . 21.02 27.02 15.02
O3 NAG E . 18.06 27.05 15.19
O4 NAG E . 17.15 29.47 16.56
O5 NAG E . 20.24 28.60 18.24
O6 NAG E . 19.45 30.57 19.95
O7 NAG E . 20.72 24.79 15.13
C1 BMA E . 15.84 28.88 16.67
C2 BMA E . 14.86 30.02 16.61
C3 BMA E . 13.43 29.47 16.58
C4 BMA E . 13.26 28.36 15.52
C5 BMA E . 14.38 27.32 15.62
C6 BMA E . 14.36 26.41 14.47
O2 BMA E . 15.06 30.78 15.40
O3 BMA E . 12.48 30.52 16.29
O4 BMA E . 12.04 27.71 15.73
O5 BMA E . 15.65 27.96 15.59
O6 BMA E . 14.75 27.17 13.37
C1 MAN E . 11.57 30.70 17.38
C2 MAN E . 10.33 31.43 16.84
C3 MAN E . 10.72 32.87 16.41
C4 MAN E . 11.44 33.59 17.55
C5 MAN E . 12.62 32.75 18.06
C6 MAN E . 13.36 33.37 19.21
O2 MAN E . 9.40 31.67 17.87
O3 MAN E . 9.56 33.58 16.03
O4 MAN E . 11.96 34.83 17.09
O5 MAN E . 12.15 31.45 18.45
O6 MAN E . 14.66 32.75 19.24
C1 MAN E . 8.46 30.58 17.96
C2 MAN E . 7.19 31.08 18.62
C3 MAN E . 7.48 31.53 20.06
C4 MAN E . 8.10 30.37 20.87
C5 MAN E . 9.34 29.84 20.16
C6 MAN E . 9.93 28.59 20.84
O2 MAN E . 6.37 29.94 18.75
O3 MAN E . 6.32 32.01 20.73
O4 MAN E . 8.45 30.80 22.21
O5 MAN E . 9.00 29.51 18.74
O6 MAN E . 11.28 28.49 20.40
C1 MAN E . 5.02 30.25 18.39
C2 MAN E . 4.27 28.89 18.41
C3 MAN E . 4.52 28.09 17.11
C4 MAN E . 4.32 28.97 15.83
C5 MAN E . 5.21 30.23 15.88
C6 MAN E . 4.98 31.20 14.72
O2 MAN E . 2.85 29.07 18.53
O3 MAN E . 3.65 26.98 17.06
O4 MAN E . 4.60 28.22 14.63
O5 MAN E . 4.95 30.97 17.12
O6 MAN E . 4.39 32.40 15.24
C1 MAN E . 4.36 25.74 16.85
C2 MAN E . 3.81 25.10 15.49
C3 MAN E . 2.55 24.15 15.63
C4 MAN E . 2.47 23.44 17.01
C5 MAN E . 2.84 24.45 18.16
C6 MAN E . 2.72 23.88 19.56
O2 MAN E . 4.77 24.33 14.86
O3 MAN E . 2.35 23.19 14.48
O4 MAN E . 1.16 22.90 17.18
O5 MAN E . 4.23 24.91 17.98
O6 MAN E . 3.30 24.85 20.44
C1 MAN E . 14.73 26.33 12.18
C2 MAN E . 15.09 27.29 11.06
C3 MAN E . 13.92 28.24 10.73
C4 MAN E . 12.62 27.46 10.54
C5 MAN E . 12.31 26.59 11.72
C6 MAN E . 11.11 25.70 11.46
O2 MAN E . 15.36 26.57 9.88
O3 MAN E . 14.17 28.99 9.57
O4 MAN E . 11.55 28.37 10.37
O5 MAN E . 13.46 25.70 11.95
O6 MAN E . 11.37 25.04 10.21
C1 MAN E . 14.60 30.35 9.83
C2 MAN E . 14.53 31.09 8.50
C3 MAN E . 15.55 30.51 7.56
C4 MAN E . 16.95 30.68 8.20
C5 MAN E . 16.98 29.94 9.52
C6 MAN E . 18.26 30.14 10.30
O2 MAN E . 14.96 32.42 8.72
O3 MAN E . 15.49 31.14 6.30
O4 MAN E . 17.97 30.16 7.33
O5 MAN E . 15.91 30.43 10.33
O6 MAN E . 18.35 29.16 11.37
C1 MAN E . 14.06 33.34 8.05
C2 MAN E . 14.62 34.78 8.30
C3 MAN E . 14.31 35.21 9.73
C4 MAN E . 12.82 35.06 9.99
C5 MAN E . 12.46 33.58 9.87
C6 MAN E . 11.04 33.28 10.16
O2 MAN E . 13.94 35.72 7.50
O3 MAN E . 14.71 36.54 9.93
O4 MAN E . 12.47 35.52 11.28
O5 MAN E . 12.70 33.20 8.50
O6 MAN E . 10.31 33.60 8.99
C1 MAN E . 10.20 24.31 9.76
C2 MAN E . 10.69 23.41 8.66
C3 MAN E . 11.30 24.30 7.57
C4 MAN E . 10.25 25.31 7.05
C5 MAN E . 9.66 26.11 8.24
C6 MAN E . 8.49 27.06 7.86
O2 MAN E . 9.56 22.81 8.02
O3 MAN E . 11.80 23.53 6.49
O4 MAN E . 10.86 26.21 6.14
O5 MAN E . 9.19 25.21 9.27
O6 MAN E . 7.54 26.30 7.13
C1 MAN E . 9.46 21.40 8.32
C2 MAN E . 8.56 20.81 7.20
C3 MAN E . 7.18 21.45 7.28
C4 MAN E . 6.59 21.26 8.70
C5 MAN E . 7.57 21.69 9.80
C6 MAN E . 7.10 21.22 11.19
O2 MAN E . 8.35 19.38 7.32
O3 MAN E . 6.35 20.88 6.31
O4 MAN E . 5.40 22.03 8.85
O5 MAN E . 8.91 21.17 9.58
O6 MAN E . 7.97 21.78 12.19
C1 NAG F . 29.62 -28.28 27.61
C2 NAG F . 28.77 -29.43 28.11
C3 NAG F . 29.47 -30.77 27.85
C4 NAG F . 29.98 -30.90 26.42
C5 NAG F . 30.71 -29.63 25.97
C6 NAG F . 31.04 -29.60 24.49
C7 NAG F . 27.67 -28.35 30.04
C8 NAG F . 27.51 -28.35 31.52
N2 NAG F . 28.49 -29.28 29.54
O3 NAG F . 28.57 -31.84 28.14
O4 NAG F . 30.89 -31.99 26.39
O5 NAG F . 29.90 -28.47 26.23
O6 NAG F . 30.00 -30.20 23.71
O7 NAG F . 27.07 -27.56 29.32
C1 NAG F . 30.85 -32.89 25.25
C2 NAG F . 32.23 -33.60 25.13
C3 NAG F . 32.38 -34.74 26.17
C4 NAG F . 31.07 -35.01 26.88
C5 NAG F . 29.98 -35.17 25.83
C6 NAG F . 28.66 -35.63 26.41
C7 NAG F . 33.60 -33.79 23.09
C8 NAG F . 33.70 -34.36 21.71
N2 NAG F . 32.49 -34.10 23.78
O3 NAG F . 33.38 -34.38 27.12
O4 NAG F . 31.15 -36.20 27.66
O5 NAG F . 29.73 -33.89 25.21
O6 NAG F . 28.74 -36.97 26.91
O7 NAG F . 34.50 -33.10 23.59
C0A D0J G . -10.00 1.36 -15.92
C1A D0J G . -11.30 -0.21 -14.66
C2A D0J G . -12.59 -1.05 -14.56
C3A D0J G . -12.66 -1.97 -15.77
C4A D0J G . -12.69 -1.10 -17.03
C5A D0J G . -11.44 -0.27 -17.06
C6A D0J G . -11.39 0.62 -18.26
CAA D0J G . 1.77 7.81 -24.32
CBA D0J G . 0.35 6.11 -23.43
CCA D0J G . -1.01 5.85 -22.75
CDA D0J G . -1.21 5.68 -21.45
CEA D0J G . -3.15 5.23 -19.92
CFA D0J G . -4.68 5.08 -19.89
CGA D0J G . -5.08 4.78 -18.43
CHA D0J G . -6.58 4.50 -18.23
CIA D0J G . -6.79 4.08 -16.76
CJA D0J G . -8.25 3.61 -16.50
CKA D0J G . -8.42 3.07 -15.06
CLA D0J G . -9.83 2.49 -14.85
N1A D0J G . -11.28 0.62 -15.89
NXA D0J G . -2.18 5.74 -23.38
NYA D0J G . -3.08 5.52 -22.50
NZA D0J G . -2.52 5.48 -21.27
O2A D0J G . -12.78 -1.75 -13.32
O3A D0J G . -13.81 -2.82 -15.67
O4A D0J G . -12.57 -1.97 -18.13
OLA D0J G . 0.57 7.54 -23.59
O6A D0J G . -12.34 1.65 -18.12
ZN ZN H . -14.88 -2.62 -13.68
C0A D0J I . 18.08 4.14 3.74
C1A D0J I . 17.09 4.11 5.91
C2A D0J I . 17.29 4.17 7.43
C3A D0J I . 17.96 5.53 7.72
C4A D0J I . 19.30 5.59 7.00
C5A D0J I . 19.08 5.43 5.55
C6A D0J I . 20.39 5.46 4.77
CAA D0J I . 21.03 8.63 -9.09
CBA D0J I . 21.37 6.33 -8.46
CCA D0J I . 21.23 6.53 -6.94
CDA D0J I . 20.37 5.91 -6.12
CEA D0J I . 20.08 6.20 -3.56
CFA D0J I . 19.91 4.75 -3.07
CGA D0J I . 19.29 4.89 -1.67
CHA D0J I . 18.99 3.55 -1.02
CIA D0J I . 18.29 3.79 0.35
CJA D0J I . 17.89 2.40 0.83
CKA D0J I . 17.05 2.32 2.12
CLA D0J I . 17.56 2.74 3.49
N1A D0J I . 18.38 4.20 5.18
NXA D0J I . 21.96 7.37 -6.22
NYA D0J I . 21.59 7.28 -5.06
NZA D0J I . 20.65 6.42 -4.92
O2A D0J I . 16.15 3.89 8.25
O3A D0J I . 18.10 5.75 9.11
O4A D0J I . 19.79 6.94 7.17
OLA D0J I . 21.94 7.51 -9.08
O6A D0J I . 21.09 4.27 5.02
ZN ZN J . 17.15 4.07 10.34
#